data_8JXI
#
_entry.id   8JXI
#
_cell.length_a   1.00
_cell.length_b   1.00
_cell.length_c   1.00
_cell.angle_alpha   90.00
_cell.angle_beta   90.00
_cell.angle_gamma   90.00
#
_symmetry.space_group_name_H-M   'P 1'
#
loop_
_entity.id
_entity.type
_entity.pdbx_description
1 polymer 'Alpha-2-macroglobulin receptor-associated protein'
2 polymer 'LDL receptor related protein 2'
3 polymer 'unclear peptide'
4 polymer 'unclear peptide'
5 branched 2-acetamido-2-deoxy-beta-D-glucopyranose-(1-4)-2-acetamido-2-deoxy-beta-D-glucopyranose
6 branched alpha-D-mannopyranose-(1-3)-[alpha-D-mannopyranose-(1-6)]beta-D-mannopyranose-(1-4)-2-acetamido-2-deoxy-beta-D-glucopyranose-(1-4)-2-acetamido-2-deoxy-beta-D-glucopyranose
7 branched alpha-D-mannopyranose-(1-3)-[alpha-D-mannopyranose-(1-6)]beta-D-mannopyranose-(1-3)-2-acetamido-2-deoxy-beta-D-glucopyranose-(1-4)-2-acetamido-2-deoxy-beta-D-glucopyranose
8 non-polymer 2-acetamido-2-deoxy-beta-D-glucopyranose
9 non-polymer 2-acetamido-2-deoxy-alpha-D-galactopyranose
10 non-polymer 'CALCIUM ION'
#
loop_
_entity_poly.entity_id
_entity_poly.type
_entity_poly.pdbx_seq_one_letter_code
_entity_poly.pdbx_strand_id
1 'polypeptide(L)'
;GPLGSHGGKYSREKNEPEMAAKRESGEEFRMEKLNQLWEKAKRLHLSPVRLAELHSDLKIQERDELNWKKLKVEGLDGDG
EKEAKLVHNLNVILARYGLDGRKDTQTVHSNALNEDTQDELGDPRLEKLWHKAKTSGKFSSEELDKLWREFLHYKEKIHE
YNVLLDTLSRAEEGYENLLSPSDMTHIKSDTLASKHSELKDRLRSINQGLDRLRKVSHQGYGPATEFEEPRVIDLWDLAQ
SANFTEKELESFREELKHFEAKIEKHNHYQKQLEISHQKLKHVESIGDPEHISRNKEKYVLLEEKTKELGYKVKKHLQDL
SSRVSRARHNEL
;
C
2 'polypeptide(L)'
;MERGAAAAAWMLLLAIAACLEPVSSQECGSGNFRCDNGYCIPASWRCDGTRDCLDDTDEIGCPPRSCESGLFLCPAEGTC
IPSSWVCDEDKDCSDGADEQQNCAGTTCSAQQMTCSNGQCIPSEYRCDHVSDCPDGSDERNCHYPTCDQLTCANGACYNT
SQRCDQKVDCRDSSDEANCTTLCSQKEFECGSGECILRAYVCDHDNDCEDNSDERNCNYDTCGGHQFTCSNGQCINQNWV
CDGDDDCQDSGDEDGCESNQSHHRCYPREWACPGSGRCISIDKVCDGVPDCPEGDDENNVTSGRTCGMGVCSVLNCEYQC
HQTPFGGECFCPPGHIINSNDSRTCIDFDDCQIWGICDQKCENRQGRHQCLCEEGYILERGQHCKSSDSFSAASVIFSNG
RDLLVGDLHGRNFRILAESKNRGMVMGVDFHYQKHRVFWTDPMQEKVFSTDINGLNTQEILNVSVDTPENLAVDWINNKL
YLVETKVNRIDVVNLEGNQRVTLITENLGHPRGIALDPTVGYLFFSDWGSLSGQPKVERAFMDGSNRKDLVTTKVGWPAG
ITLDLVSKRVYWVDSRYDYIETVTYDGIQRKTVARGGSLVPHPFGISLFEEHVFFTDWTKMAVMKASKFTETNPQVYHQS
SLRPHGVTVYHALRQPNATNPCGSNNGGCAQVCVLSHRTDNGGLGYRCKCEFGFELDDDEHRCVAVKNFLLFSSKTAVRG
IPFTLSTQEDVMVPVTGSPSFFVGIDFDAQHSTVFYSDLSKDIIYKQKIDGTGKEVITANRLESVECLTFDWISRNLYWT
DGGLKSVTVLRLADKSRRQIISNLNNPRSIVVHPTAGYMFLSDWFRPAKIMRAWSDGSHLMPIVNTSLGWPNGLAIDWSA
SRLYWVDAFFDKIEHSTLDGLDRKRLGHVDQMTHPFGLTVFKDNVFITDWRLGAIIRVRKSDGGDMTVIRRGISSVMHVK
AYDADLQTGSNYCSQTTHANGDCSHFCFPVPNFQRVCGCPYGMKLQRDQMTCEGDPAREPPTQQCGSLSFPCNNGKCVPS
FFRCDGVDDCHDNSDEHQCGVFNNTCSPSAFACVRGGQCIPGQWHCDRQNDCLDGSDEQNCPTHATSSTCPSTSFTCDNH
VCIPKDWVCDTDNDCSDGSDEKNCQASGTCQPTQFRCPDHRCISPLYVCDGDKDCADGSDEAGCVLNCTSAQFKCADGSS
CINSRYRCDGVYDCRDNSDEAGCPTRPPGMCHLDEFQCQGDGTCIPNTWECDGHPDCIHGSDEHTGCVPKTCSPTHFLCD
NGNCIYKAWICDGDNDCRDMSDEKDCPTQPFHCPSTQWQCPGYSTCINLSALCDGVFDCPNGTDESPLCNQDSCSHFNGG
CTHQCMQGPFGATCLCPLGYQLANDTKTCEDINECDIPGFCSQHCVNMRGSFRCACDPEYTLESDGRTCKVTGSENPLLV
VASRDKIIVDNITAHTHNLYSLVQDVSFVVALDFDSVTGRVFWSDLLQGKTWSVFQNGTDKRVVHDSGLSVTEMIAVDWI
GRNLYWTDYALETIEVSKIDGSHRTVLISKNVTKPRGLALDPRMGDNVMFWSDWGHHPRIERASMDGTMRTVIVQEKIYW
PCGLSIDYPNRLIYFMDAYLDYIEFCDYDGHNRRQVIASDLVLHHPHALTLFEDFVYWTDRGTRQVMQANKWHGGNQSVV
MYSVHQPLGITAIHPSRQPPSRNPCASASCSHLCLLSAQAPRHYSCACPSGWNLSDDSVNCVRGDQPFLMSVRDNIIFGI
SLDPEVKSNDAMVPISGIQHGYDVEFDDSEQFIYWVENPGEIHRVKTDGSNRTVFAPLSLLGSSLGLALDWVSRNIYYTT
PASRSIEVLTLKGDTRYGKTLIANDGTPLGVGFPVGIAVDPARGKLYWSDHGTDSGVPAKIASANMDGTSLKILFTGNLQ
HLEVVTLDIQEQKLYWAVTSRGVIERGNVDGTERMILVHHLAHPWGLVVYGSFLYYSDEQYEVIERVDKSSGNNKVVLRD
NVPYLRGLRVYHRRNAADSSNGCSNNPNACQQICLPVPGGMFSCACASGFKLSPDGRSCSPYNSFMVVSMLPAVRGFSLE
LSDHSEAMVPVAGQGRNVLHADVDVANGFIYWCDFSSSVRSSNGIRRIKPDGSNFTNVVTYGIGANGIRGVALDWAAGNL
YFTNAFVYETLIEVLRINTTYRRVLLKVSVDMPRHIIVDPKHRYLFWADYGQKPKIERSFLDCTNRTVLVSEGIVTPRGL
AMDHDTGYIYWVDDSLDLIARIHLDGGESQVVRYGSRYPTPYGITVFGESIIWVDRNLKKVFQASKQPGNTDPPVVIRDK
INLLRDVTIFDEHAQPLSPAELNNNPCLQSNGGCSHFCFALPELPTPRCGCAFGTLGNDGKSCATSQEDFLIYSLNNSLR
SLHFDPRDHSLPFQVISVAGTAIALDYDRRNNRIFFTQKLNSLRGQISYVSLYSGSSSPTVLLSNIGVTDGIAFDWINRR
IYYSDFSNQTINSMAEDGSNRAVIARVSKPRAIVLDPCRGYMYWTDWGTNAKIERATLGGNFRVPIVNTSLVWPNGLALD
LETDLLYWADASLQKIERSTLTGTNREVVVSTAFHSFGLTVYGQYIYWTDLYTRKIYRANKYDGSDLVAMTTRLPTQPSG
ISTVVKTQRQQCSNPCDQFNGGCSHICAPGPNGAECQCPHEGNWYLANDNKYCVVDTGTRCNQLQFTCLNGHCINQDWKC
DNDNDCGDGSDELPTVCAFHTCRSTAFTCGNGRCVPYHYRCDYYNDCGDNSDEAGCLFRNCNSTTEFTCSNGRCIPLSYV
CNGINNCHDNDTSDEKNCPPHTCPPDFTKCQTTNICVPRAFLCDGDNDCGDGSDENPIYCASHTCRSNEFQCLSPQRCIP
SYWFCDGEADCADGSDEPDTCGHSVNTCRASQFQCDNGRCISGNWVCDGDNDCGDMSDEDQRHHCELQNCSSTQFTCVNS
RPPNRRCIPQYWVCDGDADCSDALDELQNCTMRTCSAGEFSCANGRCVRQSFRCDRRNDCGDYSDERGCSYPPCHANQFT
CQNGRCIPRFFVCDEDNDCGDGSDEQEHLCHTPEPTCPLHQFRCDNGHCIEMGRVCNHVDDCSDNSDEKGCGINECLDSS
ISRCDHNCTDTITSFYCSCLPGYKLMSDKRSCVDIDECKESPQLCSQKCENVVGSYICKCAPGYIREPDGKSCRQNSNIE
PYLIFSNRYYIRNLTTDGSSYSLILQGLGNVVALDFDRVEKRLYWIDAEKQIIERMFLNKTNRETIINHRLRRAESLAVD
WVSRKLYWLDAILDCLFVSDLEGRHRKMIAQHCVDANNTFCFEHPRGIVLHPQRGHVYWADWGVHAYIGRIGMDGTNKSV
IISTKIEWPNAITIDYTNDLLYWADAHLGYIEFSDLEGHHRHTVYDGSLPHPFALTIFEDTVFWTDWNTRTVEKGNKYDG
SGRVVLVNTTHKPFDIHVYHPYRQPIMSNPCGTNNGGCSHLCLIKAGGRGFTCACPDDFQTVQLRDRTLCMPMCSSTQFL
CGNNEKCIPIWWKCDGQKDCSDGSDEPDLCPHRFCRLGQFQCRDGNCTSPQALCNARQDCADGSDEDRVLCEHHRCESNE
WQCANKRCIPQSWQCDSVNDCLDNSDEDTSHCASRTCRPGQFKCNNGRCIPQSWKCDVDNDCGDYSDEPIDECTTAAYNC
DNHTEFSCKTNYRCIPQWAVCNGFDDCRDNSDEQGCESVPCHPSGDFRCANHHCIPLRWKCDGTDDCGDNSDEENCVPRE
CSESEFRCADQQCIPSRWVCDQENDCGDNSDERDCEMKTCHPEHFQCTSGHCVPKALACDGRADCLDASDESACPTRFPN
GTYCPAAMFECKNHVCIQSFWICDGENDCVDGSDEEIHLCFNIPCESPQRFRCDNSRCVYGHQLCNGVDDCGDGSDEKEE
HCRKPTHKPCTDTEYKCSNGNCISQHYVCDNVNDCGDLSDETGCNLGDNRTCAENICEQNCTQLSSGGFICSCRPGFKPS
TLDKNSCQDINECEEFGICPQSCRNSKGSYECFCVDGFKSMSTHYGERCAADGSPPLLLLPENVRIRKYNTSSEKFSEYL
EEEEHIQTIDYDWDPEHIGLSVVYYTVLAQGSQFGAIKRAYIPNFESGSNNPIREVDLGLKYLMQPDGLAVDWVGRHIYW
SDAKSQRIEVATLDGRYRKWLITTQLDQPAAIAVNPKLGLMFWTDQGKQPKIESAWMNGEHRSVLVSENLGWPNGLSIDY
LNDDRVYWSDSKEDVIEAIKYDGTDRRLIINEAMKPFSLDIFEDKLYWVAKEKGEVWRQNKFGKENKEKVLVVNPWLTQV
RIFHQLRYNQSVSNPCKQVCSHLCLLRPGGYSCACPQGSDFVTGSTVQCDAASELPVTMPPPCRCMHGGNCYFDENELPK
CKCSSGYSGEYCEVGLSRGIPPGTTMAVLLTFVIVIIVGALVLVGLFHYRKTGSLLPTLPKLPSLSSLAKPSENGNGVTF
RSGADVNMDIGVSPFGPETIIDRSMAMNEHFVMEVGKQPVIFENPMYAAKDNTSKVALAVQGPSTGAQVTVPENVENQNY
GRPIDPSEIVPEPKPASPGADEIQGKKWNIFKRKPKQTTNFENPIYAEMDSEVKDAVAVAPPPSPSLPAKASKRNLTPGY
TATEDTFKDTANLVKEDSDV
;
A,B
3 'polypeptide(L)' (UNK)(UNK)(UNK)(UNK)(UNK)(UNK) G
4 'polypeptide(L)' (UNK)N(UNK)(UNK)(UNK) H
#
loop_
_chem_comp.id
_chem_comp.type
_chem_comp.name
_chem_comp.formula
A2G D-saccharide, alpha linking 2-acetamido-2-deoxy-alpha-D-galactopyranose 'C8 H15 N O6'
BMA D-saccharide, beta linking beta-D-mannopyranose 'C6 H12 O6'
CA non-polymer 'CALCIUM ION' 'Ca 2'
MAN D-saccharide, alpha linking alpha-D-mannopyranose 'C6 H12 O6'
NAG D-saccharide, beta linking 2-acetamido-2-deoxy-beta-D-glucopyranose 'C8 H15 N O6'
#
# COMPACT_ATOMS: atom_id res chain seq x y z
N GLU A 226 15.87 -7.46 -32.73
CA GLU A 226 17.20 -7.53 -33.32
C GLU A 226 18.10 -8.42 -32.47
N PHE A 227 17.87 -9.72 -32.56
CA PHE A 227 18.65 -10.72 -31.84
C PHE A 227 18.82 -11.93 -32.73
N GLU A 228 19.87 -12.72 -32.45
CA GLU A 228 20.26 -13.81 -33.33
C GLU A 228 20.08 -15.20 -32.74
N GLU A 229 20.01 -15.35 -31.43
CA GLU A 229 19.86 -16.70 -30.88
C GLU A 229 18.42 -16.93 -30.46
N PRO A 230 17.89 -18.14 -30.62
CA PRO A 230 16.49 -18.37 -30.24
C PRO A 230 16.20 -18.11 -28.77
N ARG A 231 17.13 -18.45 -27.88
CA ARG A 231 16.86 -18.29 -26.45
C ARG A 231 16.72 -16.82 -26.08
N VAL A 232 17.62 -15.98 -26.58
CA VAL A 232 17.54 -14.56 -26.26
C VAL A 232 16.32 -13.92 -26.91
N ILE A 233 15.93 -14.41 -28.09
CA ILE A 233 14.70 -13.94 -28.72
C ILE A 233 13.50 -14.26 -27.84
N ASP A 234 13.45 -15.50 -27.33
CA ASP A 234 12.36 -15.90 -26.45
C ASP A 234 12.32 -15.03 -25.19
N LEU A 235 13.49 -14.83 -24.58
CA LEU A 235 13.56 -14.05 -23.35
C LEU A 235 13.11 -12.62 -23.58
N TRP A 236 13.55 -12.00 -24.69
CA TRP A 236 13.12 -10.64 -25.02
C TRP A 236 11.62 -10.60 -25.27
N ASP A 237 11.09 -11.59 -25.99
CA ASP A 237 9.67 -11.61 -26.29
C ASP A 237 8.84 -11.68 -25.02
N LEU A 238 9.28 -12.51 -24.06
CA LEU A 238 8.56 -12.60 -22.78
C LEU A 238 8.73 -11.34 -21.95
N ALA A 239 9.95 -10.78 -21.94
CA ALA A 239 10.22 -9.62 -21.10
C ALA A 239 9.54 -8.36 -21.61
N GLN A 240 9.13 -8.36 -22.88
CA GLN A 240 8.33 -7.24 -23.38
C GLN A 240 7.06 -7.06 -22.58
N SER A 241 6.42 -8.16 -22.19
CA SER A 241 5.16 -8.13 -21.46
C SER A 241 5.35 -8.08 -19.95
N ALA A 242 6.59 -8.01 -19.47
CA ALA A 242 6.83 -7.94 -18.04
C ALA A 242 6.54 -6.54 -17.51
N ASN A 243 6.54 -6.42 -16.19
CA ASN A 243 6.39 -5.14 -15.51
C ASN A 243 7.74 -4.47 -15.28
N PHE A 244 8.47 -4.26 -16.37
CA PHE A 244 9.78 -3.65 -16.32
C PHE A 244 9.68 -2.14 -16.51
N THR A 245 10.47 -1.40 -15.74
CA THR A 245 10.68 0.00 -16.03
C THR A 245 11.51 0.14 -17.30
N GLU A 246 11.35 1.27 -17.99
CA GLU A 246 12.10 1.47 -19.22
C GLU A 246 13.60 1.42 -18.98
N LYS A 247 14.06 1.95 -17.84
CA LYS A 247 15.46 1.83 -17.47
C LYS A 247 15.86 0.36 -17.31
N GLU A 248 15.07 -0.39 -16.55
CA GLU A 248 15.35 -1.82 -16.38
C GLU A 248 15.21 -2.56 -17.70
N LEU A 249 14.33 -2.09 -18.58
CA LEU A 249 14.21 -2.72 -19.89
C LEU A 249 15.48 -2.53 -20.71
N GLU A 250 16.04 -1.32 -20.70
CA GLU A 250 17.28 -1.06 -21.43
C GLU A 250 18.45 -1.86 -20.84
N SER A 251 18.55 -1.88 -19.51
CA SER A 251 19.59 -2.68 -18.87
C SER A 251 19.43 -4.16 -19.17
N PHE A 252 18.18 -4.64 -19.20
CA PHE A 252 17.92 -6.03 -19.58
C PHE A 252 18.31 -6.29 -21.02
N ARG A 253 18.08 -5.33 -21.91
CA ARG A 253 18.52 -5.47 -23.29
C ARG A 253 20.02 -5.67 -23.36
N GLU A 254 20.78 -4.82 -22.67
CA GLU A 254 22.23 -4.98 -22.65
C GLU A 254 22.63 -6.33 -22.05
N GLU A 255 21.91 -6.76 -21.01
CA GLU A 255 22.20 -8.06 -20.40
C GLU A 255 21.97 -9.19 -21.39
N LEU A 256 20.91 -9.10 -22.20
CA LEU A 256 20.67 -10.13 -23.20
C LEU A 256 21.75 -10.11 -24.28
N LYS A 257 22.28 -8.93 -24.62
CA LYS A 257 23.40 -8.90 -25.54
C LYS A 257 24.61 -9.62 -24.96
N HIS A 258 24.90 -9.40 -23.69
CA HIS A 258 26.02 -10.09 -23.04
C HIS A 258 25.78 -11.60 -23.00
N PHE A 259 24.55 -12.00 -22.68
CA PHE A 259 24.20 -13.42 -22.66
C PHE A 259 24.33 -14.02 -24.05
N GLU A 260 23.96 -13.26 -25.08
CA GLU A 260 24.14 -13.72 -26.46
C GLU A 260 25.60 -13.93 -26.78
N ALA A 261 26.46 -12.99 -26.36
CA ALA A 261 27.89 -13.20 -26.55
C ALA A 261 28.35 -14.48 -25.86
N LYS A 262 27.85 -14.72 -24.65
CA LYS A 262 28.23 -15.93 -23.92
C LYS A 262 27.83 -17.20 -24.67
N ILE A 263 26.60 -17.24 -25.19
CA ILE A 263 26.16 -18.46 -25.88
C ILE A 263 26.92 -18.63 -27.19
N GLU A 264 27.24 -17.53 -27.88
CA GLU A 264 28.05 -17.67 -29.08
C GLU A 264 29.43 -18.23 -28.75
N LYS A 265 30.03 -17.77 -27.66
CA LYS A 265 31.29 -18.35 -27.20
C LYS A 265 31.13 -19.84 -26.92
N HIS A 266 30.02 -20.20 -26.27
CA HIS A 266 29.79 -21.60 -25.91
C HIS A 266 29.69 -22.48 -27.14
N ASN A 267 28.90 -22.07 -28.13
CA ASN A 267 28.72 -22.93 -29.30
C ASN A 267 30.00 -22.97 -30.14
N HIS A 268 30.72 -21.85 -30.20
CA HIS A 268 32.00 -21.86 -30.90
C HIS A 268 32.96 -22.86 -30.27
N TYR A 269 33.04 -22.88 -28.94
CA TYR A 269 33.98 -23.80 -28.31
C TYR A 269 33.45 -25.24 -28.32
N GLN A 270 32.14 -25.43 -28.40
CA GLN A 270 31.63 -26.79 -28.62
C GLN A 270 32.02 -27.29 -30.01
N LYS A 271 31.94 -26.44 -31.03
CA LYS A 271 32.36 -26.85 -32.36
C LYS A 271 33.86 -27.08 -32.41
N GLN A 272 34.63 -26.27 -31.67
CA GLN A 272 36.06 -26.53 -31.53
C GLN A 272 36.29 -27.87 -30.85
N LEU A 273 35.49 -28.20 -29.85
CA LEU A 273 35.59 -29.50 -29.20
C LEU A 273 35.32 -30.62 -30.20
N GLU A 274 34.36 -30.41 -31.09
CA GLU A 274 34.06 -31.41 -32.12
C GLU A 274 35.23 -31.57 -33.09
N ILE A 275 35.85 -30.47 -33.50
CA ILE A 275 36.97 -30.59 -34.43
C ILE A 275 38.17 -31.24 -33.75
N SER A 276 38.38 -30.95 -32.46
CA SER A 276 39.43 -31.63 -31.71
C SER A 276 39.10 -33.10 -31.56
N HIS A 277 37.81 -33.44 -31.45
CA HIS A 277 37.41 -34.83 -31.40
C HIS A 277 37.66 -35.52 -32.72
N GLN A 278 37.50 -34.82 -33.84
CA GLN A 278 37.82 -35.42 -35.14
C GLN A 278 39.32 -35.69 -35.24
N LYS A 279 40.14 -34.73 -34.82
CA LYS A 279 41.58 -34.98 -34.78
C LYS A 279 41.91 -36.14 -33.86
N LEU A 280 41.24 -36.21 -32.72
CA LEU A 280 41.48 -37.28 -31.76
C LEU A 280 41.09 -38.63 -32.32
N LYS A 281 39.97 -38.69 -33.07
CA LYS A 281 39.56 -39.92 -33.72
C LYS A 281 40.60 -40.37 -34.74
N HIS A 282 41.10 -39.43 -35.55
CA HIS A 282 42.14 -39.78 -36.51
C HIS A 282 43.40 -40.29 -35.81
N VAL A 283 43.79 -39.63 -34.73
CA VAL A 283 45.00 -40.02 -34.00
C VAL A 283 44.83 -41.40 -33.38
N GLU A 284 43.68 -41.64 -32.74
CA GLU A 284 43.43 -42.93 -32.11
C GLU A 284 43.35 -44.05 -33.13
N SER A 285 42.81 -43.78 -34.32
CA SER A 285 42.89 -44.75 -35.40
C SER A 285 44.33 -44.99 -35.83
N ILE A 286 45.16 -43.95 -35.85
CA ILE A 286 46.57 -44.11 -36.15
C ILE A 286 47.27 -44.92 -35.04
N GLY A 287 47.00 -44.58 -33.79
CA GLY A 287 47.52 -45.32 -32.67
C GLY A 287 48.88 -44.89 -32.16
N ASP A 288 49.38 -43.74 -32.56
CA ASP A 288 50.67 -43.26 -32.09
C ASP A 288 50.57 -42.84 -30.63
N PRO A 289 51.35 -43.41 -29.71
CA PRO A 289 51.23 -43.03 -28.29
C PRO A 289 51.54 -41.57 -28.02
N GLU A 290 52.52 -40.98 -28.70
CA GLU A 290 52.82 -39.57 -28.48
C GLU A 290 51.72 -38.68 -29.04
N HIS A 291 51.21 -39.02 -30.23
CA HIS A 291 50.08 -38.27 -30.79
C HIS A 291 48.87 -38.39 -29.88
N ILE A 292 48.61 -39.59 -29.35
CA ILE A 292 47.48 -39.79 -28.44
C ILE A 292 47.65 -38.94 -27.19
N SER A 293 48.87 -38.92 -26.63
CA SER A 293 49.11 -38.15 -25.42
C SER A 293 48.93 -36.66 -25.66
N ARG A 294 49.46 -36.15 -26.78
CA ARG A 294 49.32 -34.73 -27.08
C ARG A 294 47.86 -34.35 -27.32
N ASN A 295 47.16 -35.15 -28.13
CA ASN A 295 45.76 -34.86 -28.39
C ASN A 295 44.92 -34.99 -27.13
N LYS A 296 45.32 -35.87 -26.20
CA LYS A 296 44.63 -35.95 -24.92
C LYS A 296 44.87 -34.70 -24.09
N GLU A 297 46.12 -34.25 -24.00
CA GLU A 297 46.44 -33.03 -23.28
C GLU A 297 45.61 -31.86 -23.79
N LYS A 298 45.48 -31.76 -25.11
CA LYS A 298 44.67 -30.69 -25.69
C LYS A 298 43.18 -30.91 -25.42
N TYR A 299 42.69 -32.13 -25.68
CA TYR A 299 41.26 -32.38 -25.75
C TYR A 299 40.61 -32.35 -24.38
N VAL A 300 41.24 -32.97 -23.37
CA VAL A 300 40.58 -33.04 -22.07
C VAL A 300 40.51 -31.65 -21.45
N LEU A 301 41.57 -30.85 -21.61
CA LEU A 301 41.56 -29.48 -21.14
C LEU A 301 40.54 -28.63 -21.89
N LEU A 302 40.45 -28.80 -23.21
CA LEU A 302 39.46 -28.07 -23.99
C LEU A 302 38.05 -28.45 -23.56
N GLU A 303 37.79 -29.73 -23.31
CA GLU A 303 36.47 -30.16 -22.85
C GLU A 303 36.17 -29.57 -21.48
N GLU A 304 37.18 -29.51 -20.60
CA GLU A 304 36.98 -28.87 -19.30
C GLU A 304 36.54 -27.43 -19.48
N LYS A 305 37.24 -26.68 -20.32
CA LYS A 305 36.90 -25.28 -20.54
C LYS A 305 35.51 -25.13 -21.16
N THR A 306 35.18 -25.99 -22.13
CA THR A 306 33.88 -25.94 -22.77
C THR A 306 32.76 -26.19 -21.76
N LYS A 307 32.97 -27.16 -20.85
CA LYS A 307 31.99 -27.38 -19.79
C LYS A 307 31.89 -26.17 -18.87
N GLU A 308 33.04 -25.55 -18.55
CA GLU A 308 33.01 -24.34 -17.72
C GLU A 308 32.12 -23.29 -18.33
N LEU A 309 32.22 -23.08 -19.64
CA LEU A 309 31.35 -22.10 -20.29
C LEU A 309 29.89 -22.58 -20.31
N GLY A 310 29.69 -23.89 -20.51
CA GLY A 310 28.33 -24.41 -20.60
C GLY A 310 27.54 -24.21 -19.32
N TYR A 311 28.16 -24.49 -18.17
CA TYR A 311 27.43 -24.31 -16.92
C TYR A 311 27.11 -22.84 -16.67
N LYS A 312 28.03 -21.93 -17.02
CA LYS A 312 27.76 -20.50 -16.89
C LYS A 312 26.59 -20.09 -17.76
N VAL A 313 26.55 -20.58 -19.00
CA VAL A 313 25.44 -20.25 -19.89
C VAL A 313 24.13 -20.76 -19.31
N LYS A 314 24.13 -21.98 -18.78
CA LYS A 314 22.92 -22.54 -18.20
C LYS A 314 22.44 -21.71 -17.02
N LYS A 315 23.37 -21.31 -16.14
CA LYS A 315 22.98 -20.52 -14.98
C LYS A 315 22.42 -19.16 -15.40
N HIS A 316 23.07 -18.51 -16.36
CA HIS A 316 22.58 -17.22 -16.82
C HIS A 316 21.18 -17.34 -17.43
N LEU A 317 20.95 -18.41 -18.19
CA LEU A 317 19.62 -18.64 -18.72
C LEU A 317 18.60 -18.81 -17.61
N GLN A 318 18.96 -19.59 -16.57
CA GLN A 318 18.02 -19.80 -15.48
C GLN A 318 17.69 -18.47 -14.79
N ASP A 319 18.72 -17.66 -14.52
CA ASP A 319 18.51 -16.39 -13.85
C ASP A 319 17.58 -15.50 -14.67
N LEU A 320 17.88 -15.34 -15.95
CA LEU A 320 17.09 -14.44 -16.79
C LEU A 320 15.65 -14.93 -16.92
N SER A 321 15.47 -16.23 -17.14
CA SER A 321 14.12 -16.75 -17.32
C SER A 321 13.30 -16.61 -16.04
N SER A 322 13.91 -16.93 -14.88
CA SER A 322 13.19 -16.79 -13.63
C SER A 322 12.83 -15.34 -13.36
N ARG A 323 13.75 -14.42 -13.64
CA ARG A 323 13.44 -13.00 -13.40
C ARG A 323 12.31 -12.53 -14.31
N VAL A 324 12.32 -12.95 -15.58
CA VAL A 324 11.24 -12.55 -16.48
C VAL A 324 9.90 -13.12 -16.01
N SER A 325 9.88 -14.40 -15.64
CA SER A 325 8.64 -15.02 -15.19
C SER A 325 8.12 -14.34 -13.93
N ARG A 326 9.02 -14.00 -13.01
CA ARG A 326 8.60 -13.28 -11.81
C ARG A 326 8.05 -11.90 -12.16
N ALA A 327 8.67 -11.22 -13.13
CA ALA A 327 8.23 -9.90 -13.54
C ALA A 327 6.99 -9.93 -14.42
N ARG A 328 6.53 -11.12 -14.84
CA ARG A 328 5.28 -11.20 -15.58
C ARG A 328 4.06 -11.30 -14.67
N HIS A 329 4.23 -11.82 -13.46
CA HIS A 329 3.13 -11.98 -12.50
C HIS A 329 3.20 -10.94 -11.39
N ASN A 330 4.32 -10.89 -10.68
CA ASN A 330 4.53 -10.00 -9.55
C ASN A 330 3.46 -10.18 -8.47
N LYS B 186 43.31 -10.88 -40.39
CA LYS B 186 42.21 -10.09 -39.84
C LYS B 186 42.23 -10.04 -38.32
N GLU B 187 42.08 -11.21 -37.70
CA GLU B 187 41.83 -11.28 -36.27
C GLU B 187 43.13 -11.23 -35.47
N PHE B 188 42.99 -11.04 -34.16
CA PHE B 188 44.12 -11.11 -33.25
C PHE B 188 44.72 -12.51 -33.28
N GLU B 189 46.05 -12.57 -33.31
CA GLU B 189 46.78 -13.83 -33.41
C GLU B 189 47.45 -14.14 -32.08
N CYS B 190 47.08 -15.28 -31.50
CA CYS B 190 47.71 -15.73 -30.27
C CYS B 190 49.05 -16.41 -30.57
N GLY B 191 49.83 -16.61 -29.51
CA GLY B 191 51.09 -17.34 -29.65
C GLY B 191 50.92 -18.77 -30.10
N SER B 192 49.71 -19.34 -29.95
CA SER B 192 49.46 -20.68 -30.46
C SER B 192 49.43 -20.71 -31.99
N GLY B 193 49.20 -19.56 -32.62
CA GLY B 193 49.12 -19.49 -34.06
C GLY B 193 47.72 -19.41 -34.64
N GLU B 194 46.73 -19.04 -33.84
CA GLU B 194 45.34 -18.99 -34.26
C GLU B 194 44.87 -17.54 -34.32
N CYS B 195 44.19 -17.19 -35.41
CA CYS B 195 43.60 -15.86 -35.57
C CYS B 195 42.33 -15.81 -34.71
N ILE B 196 42.53 -15.52 -33.42
CA ILE B 196 41.44 -15.60 -32.46
C ILE B 196 40.55 -14.38 -32.60
N LEU B 197 39.24 -14.60 -32.48
CA LEU B 197 38.26 -13.53 -32.64
C LEU B 197 38.55 -12.39 -31.69
N ARG B 198 38.44 -11.16 -32.21
CA ARG B 198 38.76 -9.98 -31.41
C ARG B 198 37.80 -9.81 -30.24
N ALA B 199 36.61 -10.43 -30.30
CA ALA B 199 35.67 -10.34 -29.20
C ALA B 199 36.16 -11.12 -27.98
N TYR B 200 37.07 -12.07 -28.16
CA TYR B 200 37.61 -12.84 -27.05
C TYR B 200 38.70 -12.10 -26.31
N VAL B 201 39.16 -10.97 -26.84
CA VAL B 201 40.03 -10.08 -26.08
C VAL B 201 39.16 -9.19 -25.19
N CYS B 202 39.68 -8.87 -24.00
CA CYS B 202 38.98 -8.04 -23.02
C CYS B 202 37.70 -8.73 -22.52
N ASP B 203 37.85 -9.98 -22.08
CA ASP B 203 36.68 -10.71 -21.58
C ASP B 203 36.96 -11.55 -20.33
N HIS B 204 38.05 -11.27 -19.60
CA HIS B 204 38.35 -11.92 -18.33
C HIS B 204 38.69 -13.39 -18.46
N ASP B 205 38.61 -13.95 -19.67
CA ASP B 205 38.81 -15.37 -19.88
C ASP B 205 40.07 -15.61 -20.70
N ASN B 206 40.97 -16.43 -20.16
CA ASN B 206 42.21 -16.79 -20.85
C ASN B 206 41.86 -17.75 -21.98
N ASP B 207 41.70 -17.21 -23.18
CA ASP B 207 41.15 -17.97 -24.29
C ASP B 207 42.20 -18.65 -25.16
N CYS B 208 43.48 -18.51 -24.83
CA CYS B 208 44.53 -19.27 -25.49
C CYS B 208 45.67 -19.50 -24.50
N GLU B 209 46.59 -20.39 -24.89
CA GLU B 209 47.52 -20.98 -23.94
C GLU B 209 48.41 -19.95 -23.26
N ASP B 210 48.77 -18.87 -23.95
CA ASP B 210 49.70 -17.90 -23.39
C ASP B 210 49.01 -16.77 -22.62
N ASN B 211 47.68 -16.79 -22.54
CA ASN B 211 46.88 -15.81 -21.81
C ASN B 211 47.08 -14.38 -22.31
N SER B 212 47.56 -14.21 -23.55
CA SER B 212 47.84 -12.87 -24.05
C SER B 212 46.58 -12.07 -24.32
N ASP B 213 45.45 -12.75 -24.49
CA ASP B 213 44.20 -12.04 -24.74
C ASP B 213 43.73 -11.24 -23.53
N GLU B 214 44.13 -11.66 -22.33
CA GLU B 214 43.80 -10.95 -21.10
C GLU B 214 45.05 -10.46 -20.37
N ARG B 215 46.08 -10.05 -21.10
CA ARG B 215 47.33 -9.62 -20.46
C ARG B 215 47.37 -8.12 -20.28
N ASN B 216 46.70 -7.37 -21.16
CA ASN B 216 46.86 -5.92 -21.20
C ASN B 216 45.55 -5.19 -20.90
N CYS B 217 44.48 -5.60 -21.55
CA CYS B 217 43.23 -4.83 -21.60
C CYS B 217 42.75 -4.53 -20.19
N ASN B 218 42.66 -3.25 -19.85
CA ASN B 218 42.02 -2.84 -18.61
C ASN B 218 40.51 -2.83 -18.79
N TYR B 219 39.80 -3.26 -17.75
CA TYR B 219 38.35 -3.43 -17.79
C TYR B 219 37.64 -2.31 -17.06
N ASP B 220 36.34 -2.20 -17.36
CA ASP B 220 35.49 -1.22 -16.69
C ASP B 220 35.15 -1.69 -15.28
N THR B 221 34.86 -0.73 -14.39
CA THR B 221 34.54 -1.11 -13.02
C THR B 221 33.14 -1.73 -12.98
N CYS B 222 32.81 -2.28 -11.82
CA CYS B 222 31.46 -2.76 -11.55
C CYS B 222 30.71 -1.74 -10.72
N GLY B 223 29.49 -1.43 -11.13
CA GLY B 223 28.70 -0.44 -10.43
C GLY B 223 28.22 -0.95 -9.08
N GLY B 224 27.39 -0.12 -8.44
CA GLY B 224 26.86 -0.51 -7.15
C GLY B 224 26.02 -1.77 -7.20
N HIS B 225 25.30 -1.97 -8.29
CA HIS B 225 24.45 -3.15 -8.45
C HIS B 225 25.20 -4.37 -8.96
N GLN B 226 26.52 -4.32 -8.98
CA GLN B 226 27.33 -5.45 -9.43
C GLN B 226 28.44 -5.71 -8.43
N PHE B 227 28.90 -6.96 -8.40
CA PHE B 227 29.87 -7.42 -7.41
C PHE B 227 31.23 -7.67 -8.07
N THR B 228 32.27 -7.09 -7.48
CA THR B 228 33.63 -7.20 -8.01
C THR B 228 34.22 -8.54 -7.60
N CYS B 229 34.59 -9.35 -8.59
CA CYS B 229 35.32 -10.57 -8.30
C CYS B 229 36.80 -10.25 -8.07
N SER B 230 37.55 -11.25 -7.60
CA SER B 230 38.95 -11.04 -7.27
C SER B 230 39.77 -10.67 -8.50
N ASN B 231 39.32 -11.07 -9.69
CA ASN B 231 40.00 -10.70 -10.92
C ASN B 231 39.44 -9.43 -11.54
N GLY B 232 38.52 -8.74 -10.87
CA GLY B 232 37.90 -7.55 -11.40
C GLY B 232 36.65 -7.78 -12.21
N GLN B 233 36.26 -9.03 -12.43
CA GLN B 233 35.08 -9.33 -13.23
C GLN B 233 33.81 -8.91 -12.49
N CYS B 234 32.83 -8.44 -13.25
CA CYS B 234 31.55 -8.00 -12.70
C CYS B 234 30.50 -9.09 -12.86
N ILE B 235 29.77 -9.36 -11.77
CA ILE B 235 28.62 -10.25 -11.79
C ILE B 235 27.46 -9.54 -11.12
N ASN B 236 26.25 -10.02 -11.39
CA ASN B 236 25.07 -9.42 -10.79
C ASN B 236 25.10 -9.59 -9.28
N GLN B 237 24.62 -8.57 -8.57
CA GLN B 237 24.67 -8.59 -7.12
C GLN B 237 23.88 -9.75 -6.54
N ASN B 238 22.80 -10.16 -7.20
CA ASN B 238 21.99 -11.27 -6.72
C ASN B 238 22.71 -12.60 -6.83
N TRP B 239 23.82 -12.66 -7.57
CA TRP B 239 24.56 -13.92 -7.67
C TRP B 239 25.42 -14.20 -6.45
N VAL B 240 25.61 -13.21 -5.57
CA VAL B 240 26.45 -13.40 -4.39
C VAL B 240 25.69 -14.21 -3.36
N CYS B 241 26.34 -15.27 -2.86
CA CYS B 241 25.79 -16.12 -1.80
C CYS B 241 24.49 -16.77 -2.21
N ASP B 242 24.32 -17.02 -3.51
CA ASP B 242 23.17 -17.77 -3.98
C ASP B 242 23.39 -19.28 -3.92
N GLY B 243 24.58 -19.72 -3.54
CA GLY B 243 24.92 -21.12 -3.49
C GLY B 243 25.70 -21.65 -4.68
N ASP B 244 26.19 -20.76 -5.56
CA ASP B 244 26.90 -21.20 -6.75
C ASP B 244 28.15 -20.35 -6.91
N ASP B 245 29.25 -20.98 -7.30
CA ASP B 245 30.54 -20.31 -7.50
C ASP B 245 30.54 -19.62 -8.85
N ASP B 246 30.58 -18.28 -8.85
CA ASP B 246 30.43 -17.52 -10.07
C ASP B 246 31.68 -16.77 -10.51
N CYS B 247 32.61 -16.50 -9.59
CA CYS B 247 33.81 -15.74 -9.93
C CYS B 247 34.98 -16.62 -10.31
N GLN B 248 34.77 -17.95 -10.40
CA GLN B 248 35.76 -18.99 -10.70
C GLN B 248 36.88 -18.98 -9.67
N ASP B 249 36.80 -18.04 -8.73
CA ASP B 249 37.57 -17.99 -7.51
C ASP B 249 36.71 -18.31 -6.29
N SER B 250 35.40 -18.44 -6.50
CA SER B 250 34.42 -18.63 -5.45
C SER B 250 34.44 -17.51 -4.43
N GLY B 251 34.92 -16.34 -4.83
CA GLY B 251 34.93 -15.20 -3.93
C GLY B 251 33.54 -14.70 -3.61
N ASP B 252 32.59 -14.91 -4.51
CA ASP B 252 31.20 -14.53 -4.25
C ASP B 252 30.51 -15.48 -3.28
N GLU B 253 31.12 -16.62 -2.96
CA GLU B 253 30.59 -17.55 -1.97
C GLU B 253 31.55 -17.71 -0.80
N ASP B 254 32.36 -16.70 -0.51
CA ASP B 254 33.44 -16.82 0.47
C ASP B 254 32.88 -16.74 1.88
N GLY B 255 32.26 -17.83 2.34
CA GLY B 255 31.80 -17.91 3.72
C GLY B 255 30.47 -17.25 3.98
N CYS B 256 29.46 -17.58 3.16
CA CYS B 256 28.13 -17.03 3.39
C CYS B 256 27.45 -17.69 4.58
N GLU B 257 27.91 -18.87 4.98
CA GLU B 257 27.33 -19.57 6.12
C GLU B 257 28.08 -19.20 7.39
N SER B 258 27.35 -19.05 8.49
CA SER B 258 27.93 -18.69 9.76
C SER B 258 28.42 -19.92 10.50
N ASN B 259 29.09 -19.70 11.64
CA ASN B 259 29.60 -20.75 12.53
C ASN B 259 30.23 -21.91 11.75
N GLN B 260 31.17 -21.57 10.87
CA GLN B 260 31.91 -22.57 10.08
C GLN B 260 33.24 -22.93 10.72
N SER B 261 33.19 -23.39 11.99
CA SER B 261 34.42 -23.65 12.73
C SER B 261 35.26 -24.74 12.09
N HIS B 262 34.67 -25.90 11.80
CA HIS B 262 35.33 -27.01 11.11
C HIS B 262 36.62 -27.45 11.80
N HIS B 263 36.75 -27.15 13.09
CA HIS B 263 37.95 -27.43 13.88
C HIS B 263 39.17 -26.68 13.36
N ARG B 264 39.00 -25.87 12.31
CA ARG B 264 40.14 -25.20 11.70
C ARG B 264 40.51 -23.93 12.48
N CYS B 265 39.60 -22.96 12.50
CA CYS B 265 39.61 -21.80 13.38
C CYS B 265 40.99 -21.23 13.69
N TYR B 266 41.83 -21.05 12.65
CA TYR B 266 43.12 -20.37 12.72
C TYR B 266 44.11 -21.10 13.63
N PRO B 267 45.41 -20.88 13.45
CA PRO B 267 46.38 -21.49 14.37
C PRO B 267 46.31 -20.85 15.76
N ARG B 268 47.12 -21.40 16.66
CA ARG B 268 47.13 -21.08 18.09
C ARG B 268 45.85 -21.47 18.78
N GLU B 269 44.99 -22.26 18.14
CA GLU B 269 43.67 -22.57 18.68
C GLU B 269 43.41 -24.07 18.53
N TRP B 270 42.49 -24.56 19.34
CA TRP B 270 42.15 -25.98 19.35
C TRP B 270 40.66 -26.12 19.66
N ALA B 271 40.07 -27.22 19.19
CA ALA B 271 38.63 -27.41 19.24
C ALA B 271 38.26 -28.59 20.13
N CYS B 272 37.13 -28.46 20.83
CA CYS B 272 36.61 -29.52 21.68
C CYS B 272 35.84 -30.52 20.82
N PRO B 273 36.29 -31.78 20.75
CA PRO B 273 35.65 -32.74 19.85
C PRO B 273 34.21 -33.04 20.27
N GLY B 274 33.37 -33.30 19.26
CA GLY B 274 31.96 -33.53 19.47
C GLY B 274 31.09 -32.30 19.38
N SER B 275 31.67 -31.12 19.39
CA SER B 275 30.94 -29.86 19.25
C SER B 275 31.52 -28.95 18.17
N GLY B 276 32.83 -28.99 17.96
CA GLY B 276 33.47 -28.09 17.02
C GLY B 276 33.83 -26.74 17.58
N ARG B 277 33.50 -26.46 18.84
CA ARG B 277 33.85 -25.18 19.46
C ARG B 277 35.35 -25.07 19.62
N CYS B 278 35.89 -23.90 19.30
CA CYS B 278 37.34 -23.67 19.28
C CYS B 278 37.75 -22.75 20.41
N ILE B 279 38.89 -23.09 21.05
CA ILE B 279 39.44 -22.33 22.15
C ILE B 279 40.92 -22.12 21.90
N SER B 280 41.43 -20.94 22.23
CA SER B 280 42.84 -20.64 22.04
C SER B 280 43.69 -21.46 22.99
N ILE B 281 45.01 -21.48 22.72
CA ILE B 281 45.88 -22.42 23.41
C ILE B 281 46.09 -22.01 24.87
N ASP B 282 46.11 -20.70 25.14
CA ASP B 282 46.45 -20.25 26.49
C ASP B 282 45.37 -20.63 27.49
N LYS B 283 44.12 -20.68 27.04
CA LYS B 283 42.99 -21.00 27.90
C LYS B 283 42.85 -22.50 28.15
N VAL B 284 43.15 -23.33 27.15
CA VAL B 284 43.07 -24.78 27.35
C VAL B 284 44.06 -25.18 28.43
N CYS B 285 43.58 -25.93 29.42
CA CYS B 285 44.36 -26.31 30.60
C CYS B 285 44.87 -25.08 31.35
N ASP B 286 44.00 -24.10 31.54
CA ASP B 286 44.27 -23.04 32.51
C ASP B 286 43.81 -23.43 33.91
N GLY B 287 43.13 -24.56 34.04
CA GLY B 287 42.60 -25.01 35.32
C GLY B 287 41.09 -25.01 35.43
N VAL B 288 40.38 -24.37 34.50
CA VAL B 288 38.93 -24.30 34.52
C VAL B 288 38.42 -24.66 33.14
N PRO B 289 37.28 -25.34 33.01
CA PRO B 289 36.73 -25.61 31.68
C PRO B 289 36.45 -24.33 30.90
N ASP B 290 36.68 -24.38 29.59
CA ASP B 290 36.50 -23.24 28.71
C ASP B 290 35.35 -23.44 27.73
N CYS B 291 35.38 -24.51 26.96
CA CYS B 291 34.31 -24.78 26.02
C CYS B 291 33.12 -25.43 26.73
N PRO B 292 31.91 -25.32 26.16
CA PRO B 292 30.75 -25.96 26.80
C PRO B 292 30.89 -27.45 26.98
N GLU B 293 31.70 -28.12 26.16
CA GLU B 293 31.99 -29.54 26.38
C GLU B 293 32.86 -29.73 27.63
N GLY B 294 33.78 -28.82 27.90
CA GLY B 294 34.74 -29.03 28.97
C GLY B 294 35.88 -29.93 28.60
N ASP B 295 36.14 -30.14 27.31
CA ASP B 295 37.22 -31.02 26.88
C ASP B 295 38.59 -30.43 27.16
N ASP B 296 38.66 -29.17 27.56
CA ASP B 296 39.93 -28.50 27.79
C ASP B 296 40.55 -28.82 29.15
N GLU B 297 39.89 -29.64 29.96
CA GLU B 297 40.44 -30.02 31.25
C GLU B 297 40.38 -31.54 31.41
N ASN B 298 40.77 -32.00 32.60
CA ASN B 298 40.90 -33.43 32.87
C ASN B 298 39.56 -34.15 32.79
N ASN B 299 39.56 -35.32 32.15
CA ASN B 299 38.37 -36.15 32.05
C ASN B 299 38.83 -37.59 31.86
N VAL B 300 38.10 -38.53 32.47
CA VAL B 300 38.52 -39.93 32.44
C VAL B 300 38.01 -40.68 31.23
N THR B 301 37.07 -40.11 30.47
CA THR B 301 36.58 -40.78 29.26
C THR B 301 37.70 -40.91 28.23
N SER B 302 38.42 -39.82 27.95
CA SER B 302 39.57 -39.88 27.05
C SER B 302 40.85 -40.24 27.79
N GLY B 303 40.81 -40.31 29.12
CA GLY B 303 42.02 -40.50 29.89
C GLY B 303 43.00 -39.37 29.74
N ARG B 304 42.51 -38.14 29.61
CA ARG B 304 43.35 -36.98 29.31
C ARG B 304 43.60 -36.16 30.57
N THR B 305 44.85 -35.77 30.77
CA THR B 305 45.24 -34.88 31.84
C THR B 305 46.14 -33.78 31.28
N CYS B 306 46.11 -32.62 31.93
CA CYS B 306 46.94 -31.51 31.49
C CYS B 306 48.40 -31.93 31.53
N GLY B 307 49.01 -32.05 30.36
CA GLY B 307 50.38 -32.52 30.28
C GLY B 307 50.94 -32.63 28.88
N MET B 308 52.27 -32.58 28.79
CA MET B 308 52.97 -32.61 27.51
C MET B 308 53.12 -34.06 27.08
N GLY B 309 52.51 -34.43 25.96
CA GLY B 309 52.44 -35.83 25.55
C GLY B 309 53.57 -36.28 24.66
N VAL B 310 53.24 -36.95 23.55
CA VAL B 310 54.25 -37.50 22.66
C VAL B 310 54.97 -36.43 21.86
N CYS B 311 54.64 -35.15 22.06
CA CYS B 311 55.33 -34.09 21.36
C CYS B 311 56.82 -34.04 21.72
N SER B 312 57.20 -34.64 22.85
CA SER B 312 58.61 -34.71 23.23
C SER B 312 59.43 -35.52 22.23
N VAL B 313 58.79 -36.43 21.49
CA VAL B 313 59.45 -37.17 20.42
C VAL B 313 59.15 -36.55 19.06
N LEU B 314 57.89 -36.16 18.84
CA LEU B 314 57.47 -35.48 17.62
C LEU B 314 57.71 -33.98 17.69
N ASN B 315 58.93 -33.60 18.03
CA ASN B 315 59.26 -32.19 18.22
C ASN B 315 59.11 -31.44 16.91
N CYS B 316 58.72 -30.17 16.99
CA CYS B 316 58.72 -29.36 15.79
C CYS B 316 59.90 -28.40 15.81
N GLU B 317 59.91 -27.46 14.86
CA GLU B 317 60.93 -26.41 14.86
C GLU B 317 60.66 -25.37 15.94
N TYR B 318 59.49 -25.42 16.58
CA TYR B 318 59.08 -24.41 17.55
C TYR B 318 58.62 -25.10 18.83
N GLN B 319 58.01 -24.34 19.75
CA GLN B 319 57.57 -24.90 21.03
C GLN B 319 56.50 -25.96 20.83
N CYS B 320 56.62 -27.06 21.55
CA CYS B 320 55.49 -27.96 21.74
C CYS B 320 54.63 -27.46 22.88
N HIS B 321 53.46 -28.07 23.05
CA HIS B 321 52.54 -27.66 24.10
C HIS B 321 51.98 -28.89 24.80
N GLN B 322 51.22 -28.63 25.86
CA GLN B 322 50.79 -29.63 26.83
C GLN B 322 49.30 -29.99 26.71
N THR B 323 48.78 -30.10 25.49
CA THR B 323 47.38 -30.45 25.31
C THR B 323 47.10 -31.85 25.86
N PRO B 324 46.07 -32.02 26.70
CA PRO B 324 45.82 -33.35 27.30
C PRO B 324 45.61 -34.46 26.29
N PHE B 325 44.89 -34.19 25.20
CA PHE B 325 44.64 -35.21 24.20
C PHE B 325 45.89 -35.65 23.47
N GLY B 326 46.98 -34.90 23.61
CA GLY B 326 48.21 -35.22 22.92
C GLY B 326 48.97 -33.95 22.62
N GLY B 327 50.29 -34.00 22.80
CA GLY B 327 51.10 -32.82 22.55
C GLY B 327 50.97 -32.35 21.12
N GLU B 328 50.55 -31.09 20.98
CA GLU B 328 50.52 -30.36 19.72
C GLU B 328 51.65 -29.34 19.84
N CYS B 329 52.03 -28.68 18.77
CA CYS B 329 53.06 -27.70 18.96
C CYS B 329 52.70 -26.31 18.39
N PHE B 330 53.20 -25.28 19.04
CA PHE B 330 52.94 -23.87 18.82
C PHE B 330 53.53 -23.41 17.49
N CYS B 331 53.05 -22.27 17.02
CA CYS B 331 53.57 -21.68 15.80
C CYS B 331 53.82 -20.20 15.99
N PRO B 332 54.89 -19.67 15.39
CA PRO B 332 55.16 -18.23 15.43
C PRO B 332 54.19 -17.49 14.52
N PRO B 333 54.16 -16.15 14.58
CA PRO B 333 53.20 -15.41 13.75
C PRO B 333 53.45 -15.63 12.27
N GLY B 334 52.37 -15.52 11.50
CA GLY B 334 52.44 -15.65 10.06
C GLY B 334 52.39 -17.06 9.53
N HIS B 335 52.30 -18.07 10.40
CA HIS B 335 52.43 -19.46 9.96
C HIS B 335 51.39 -20.33 10.64
N ILE B 336 50.70 -21.15 9.83
CA ILE B 336 49.93 -22.25 10.38
C ILE B 336 50.86 -23.42 10.68
N ILE B 337 50.35 -24.39 11.41
CA ILE B 337 51.02 -25.69 11.47
C ILE B 337 50.55 -26.51 10.28
N ASN B 338 51.49 -26.88 9.41
CA ASN B 338 51.13 -27.60 8.19
C ASN B 338 50.60 -28.98 8.57
N SER B 339 49.38 -29.28 8.12
CA SER B 339 48.71 -30.50 8.55
C SER B 339 49.46 -31.76 8.13
N ASN B 340 50.21 -31.70 7.03
CA ASN B 340 50.99 -32.84 6.59
C ASN B 340 52.17 -33.15 7.50
N ASP B 341 52.72 -32.13 8.16
CA ASP B 341 54.02 -32.24 8.79
C ASP B 341 53.95 -32.54 10.28
N SER B 342 53.08 -31.83 11.01
CA SER B 342 53.03 -31.83 12.46
C SER B 342 54.31 -31.29 13.09
N ARG B 343 55.24 -30.79 12.26
CA ARG B 343 56.54 -30.35 12.73
C ARG B 343 56.95 -28.98 12.21
N THR B 344 56.47 -28.57 11.04
CA THR B 344 56.90 -27.30 10.47
C THR B 344 55.71 -26.34 10.37
N CYS B 345 55.91 -25.12 10.86
CA CYS B 345 54.96 -24.05 10.63
C CYS B 345 55.25 -23.40 9.29
N ILE B 346 54.18 -23.14 8.51
CA ILE B 346 54.32 -22.71 7.13
C ILE B 346 53.35 -21.55 6.89
N ASP B 347 53.74 -20.67 5.96
CA ASP B 347 53.19 -19.33 5.85
C ASP B 347 51.68 -19.33 5.62
N PHE B 348 51.01 -18.37 6.27
CA PHE B 348 49.68 -17.92 5.89
C PHE B 348 49.59 -16.44 6.24
N ASP B 349 48.39 -15.87 6.31
CA ASP B 349 48.25 -14.46 6.65
C ASP B 349 47.52 -14.33 7.98
N ASP B 350 48.14 -13.63 8.93
CA ASP B 350 47.45 -13.27 10.17
C ASP B 350 46.50 -12.10 9.97
N CYS B 351 46.73 -11.30 8.93
CA CYS B 351 45.96 -10.08 8.71
C CYS B 351 44.49 -10.36 8.41
N GLN B 352 44.14 -11.60 8.09
CA GLN B 352 42.77 -11.97 7.78
C GLN B 352 42.00 -12.56 8.96
N ILE B 353 42.66 -12.76 10.11
CA ILE B 353 41.99 -13.34 11.26
C ILE B 353 40.97 -12.36 11.81
N TRP B 354 39.76 -12.85 12.08
CA TRP B 354 38.71 -12.00 12.62
C TRP B 354 39.12 -11.45 13.98
N GLY B 355 39.30 -10.14 14.05
CA GLY B 355 39.64 -9.49 15.30
C GLY B 355 41.12 -9.29 15.55
N ILE B 356 41.97 -9.49 14.53
CA ILE B 356 43.40 -9.32 14.74
C ILE B 356 43.75 -7.86 14.96
N CYS B 357 43.09 -6.95 14.25
CA CYS B 357 43.32 -5.52 14.41
C CYS B 357 42.00 -4.79 14.27
N ASP B 358 41.80 -3.78 15.11
CA ASP B 358 40.57 -2.96 14.98
C ASP B 358 40.78 -2.12 13.71
N GLN B 359 39.81 -2.14 12.81
CA GLN B 359 39.90 -1.34 11.55
C GLN B 359 40.75 -2.09 10.51
N LYS B 360 41.18 -1.39 9.47
CA LYS B 360 41.95 -1.98 8.38
C LYS B 360 43.27 -2.54 8.88
N CYS B 361 43.75 -3.55 8.17
CA CYS B 361 45.02 -4.20 8.45
C CYS B 361 45.78 -4.39 7.15
N GLU B 362 47.10 -4.49 7.25
CA GLU B 362 47.96 -4.75 6.11
C GLU B 362 49.21 -5.47 6.62
N ASN B 363 49.68 -6.43 5.83
CA ASN B 363 50.76 -7.32 6.25
C ASN B 363 52.07 -6.93 5.57
N ARG B 364 53.12 -6.77 6.37
CA ARG B 364 54.44 -6.39 5.88
C ARG B 364 55.35 -7.62 5.98
N GLN B 365 55.45 -8.37 4.88
CA GLN B 365 56.35 -9.52 4.76
C GLN B 365 56.11 -10.57 5.83
N GLY B 366 54.87 -10.76 6.27
CA GLY B 366 54.57 -11.68 7.34
C GLY B 366 54.38 -11.03 8.69
N ARG B 367 54.45 -9.70 8.77
CA ARG B 367 54.22 -8.96 10.01
C ARG B 367 53.00 -8.07 9.79
N HIS B 368 51.96 -8.29 10.58
CA HIS B 368 50.71 -7.57 10.38
C HIS B 368 50.76 -6.21 11.07
N GLN B 369 50.34 -5.18 10.35
CA GLN B 369 50.30 -3.82 10.85
C GLN B 369 48.87 -3.33 10.85
N CYS B 370 48.41 -2.86 12.02
CA CYS B 370 47.01 -2.40 12.16
C CYS B 370 46.93 -0.90 11.89
N LEU B 371 47.11 -0.49 10.64
CA LEU B 371 46.96 0.95 10.31
C LEU B 371 45.56 1.41 10.75
N CYS B 372 45.43 2.66 11.16
CA CYS B 372 44.08 3.21 11.51
C CYS B 372 43.76 4.37 10.58
N GLU B 373 42.52 4.48 10.11
CA GLU B 373 42.14 5.54 9.14
C GLU B 373 42.32 6.92 9.80
N GLU B 374 42.33 7.97 8.99
CA GLU B 374 42.57 9.33 9.52
C GLU B 374 41.60 9.61 10.66
N GLY B 375 42.01 10.46 11.61
CA GLY B 375 41.15 10.76 12.73
C GLY B 375 41.25 9.77 13.88
N TYR B 376 42.00 8.69 13.67
CA TYR B 376 42.16 7.65 14.72
C TYR B 376 43.63 7.55 15.12
N ILE B 377 43.89 7.35 16.41
CA ILE B 377 45.25 7.21 16.93
C ILE B 377 45.43 5.75 17.35
N LEU B 378 46.48 5.12 16.83
CA LEU B 378 46.74 3.72 17.15
C LEU B 378 47.29 3.59 18.57
N GLU B 379 46.72 2.67 19.34
CA GLU B 379 47.12 2.42 20.71
C GLU B 379 47.31 0.92 20.92
N ARG B 380 48.23 0.59 21.82
CA ARG B 380 48.53 -0.80 22.18
C ARG B 380 49.00 -1.63 21.00
N GLY B 381 49.21 -1.00 19.84
CA GLY B 381 49.58 -1.72 18.65
C GLY B 381 48.47 -2.53 18.04
N GLN B 382 47.28 -2.51 18.63
CA GLN B 382 46.13 -3.28 18.16
C GLN B 382 44.85 -2.47 18.07
N HIS B 383 44.69 -1.42 18.86
CA HIS B 383 43.45 -0.65 18.98
C HIS B 383 43.69 0.78 18.57
N CYS B 384 42.63 1.37 17.97
CA CYS B 384 42.66 2.78 17.52
C CYS B 384 41.59 3.58 18.28
N LYS B 385 41.91 4.78 18.79
CA LYS B 385 41.01 5.60 19.58
C LYS B 385 40.79 6.91 18.83
N SER B 386 39.64 7.54 19.07
CA SER B 386 39.38 8.82 18.44
C SER B 386 40.40 9.85 18.90
N SER B 387 40.83 10.70 17.96
CA SER B 387 41.71 11.81 18.31
C SER B 387 40.95 12.81 19.17
N ASP B 388 41.69 13.53 20.02
CA ASP B 388 41.06 14.57 20.84
C ASP B 388 40.71 15.81 20.04
N SER B 389 40.91 15.77 18.71
CA SER B 389 40.40 16.84 17.86
C SER B 389 38.89 16.87 17.84
N PHE B 390 38.24 15.83 18.34
CA PHE B 390 36.79 15.75 18.44
C PHE B 390 36.38 15.77 19.90
N SER B 391 35.19 16.31 20.17
CA SER B 391 34.77 16.58 21.54
C SER B 391 34.38 15.32 22.28
N ALA B 392 35.37 14.48 22.62
CA ALA B 392 35.18 13.22 23.35
C ALA B 392 34.10 12.43 22.61
N ALA B 393 33.18 11.76 23.31
CA ALA B 393 32.08 11.06 22.68
C ALA B 393 31.01 10.79 23.73
N SER B 394 29.81 10.50 23.27
CA SER B 394 28.71 10.23 24.18
C SER B 394 27.72 9.27 23.53
N VAL B 395 26.94 8.60 24.37
CA VAL B 395 25.96 7.62 23.93
C VAL B 395 24.57 8.14 24.23
N ILE B 396 23.73 8.20 23.22
CA ILE B 396 22.34 8.64 23.34
C ILE B 396 21.45 7.42 23.16
N PHE B 397 20.54 7.21 24.11
CA PHE B 397 19.70 6.03 24.07
C PHE B 397 18.36 6.36 24.70
N SER B 398 17.37 5.53 24.40
CA SER B 398 16.08 5.64 25.06
C SER B 398 16.01 4.61 26.18
N ASN B 399 15.73 5.08 27.40
CA ASN B 399 15.58 4.19 28.54
C ASN B 399 14.18 3.60 28.63
N GLY B 400 13.35 3.81 27.62
CA GLY B 400 11.92 3.59 27.76
C GLY B 400 11.18 4.88 27.42
N ARG B 401 10.60 5.52 28.44
CA ARG B 401 9.88 6.76 28.21
C ARG B 401 10.80 7.86 27.67
N ASP B 402 11.98 8.01 28.26
CA ASP B 402 12.74 9.24 28.12
C ASP B 402 14.00 9.03 27.30
N LEU B 403 14.54 10.13 26.79
CA LEU B 403 15.74 10.14 25.98
C LEU B 403 16.93 10.54 26.85
N LEU B 404 17.89 9.64 27.01
CA LEU B 404 19.02 9.88 27.90
C LEU B 404 20.31 9.97 27.11
N VAL B 405 21.35 10.48 27.76
CA VAL B 405 22.67 10.59 27.18
C VAL B 405 23.71 10.33 28.25
N GLY B 406 24.78 9.62 27.89
CA GLY B 406 25.82 9.29 28.84
C GLY B 406 27.15 9.09 28.15
N ASP B 407 28.22 9.14 28.94
CA ASP B 407 29.56 8.99 28.40
C ASP B 407 29.83 7.56 27.98
N LEU B 408 30.92 7.38 27.23
CA LEU B 408 31.32 6.04 26.80
C LEU B 408 31.64 5.15 27.99
N HIS B 409 32.41 5.67 28.95
CA HIS B 409 32.62 4.99 30.23
C HIS B 409 31.46 5.42 31.13
N GLY B 410 30.34 4.71 31.03
CA GLY B 410 29.08 5.20 31.57
C GLY B 410 29.09 5.51 33.04
N ARG B 411 29.19 6.81 33.36
CA ARG B 411 29.12 7.27 34.74
C ARG B 411 28.22 8.49 34.95
N ASN B 412 27.93 9.27 33.91
CA ASN B 412 27.31 10.57 34.07
C ASN B 412 26.04 10.73 33.24
N PHE B 413 25.12 9.78 33.35
CA PHE B 413 23.89 9.82 32.56
C PHE B 413 23.09 11.08 32.86
N ARG B 414 22.45 11.62 31.84
CA ARG B 414 21.68 12.85 31.92
C ARG B 414 20.46 12.74 31.02
N ILE B 415 19.34 13.31 31.48
CA ILE B 415 18.10 13.25 30.73
C ILE B 415 18.11 14.37 29.69
N LEU B 416 18.09 13.99 28.41
CA LEU B 416 18.11 14.94 27.31
C LEU B 416 16.73 15.46 26.95
N ALA B 417 15.69 14.65 27.14
CA ALA B 417 14.34 15.07 26.84
C ALA B 417 13.37 14.11 27.50
N GLU B 418 12.38 14.64 28.20
CA GLU B 418 11.31 13.81 28.75
C GLU B 418 10.16 13.75 27.77
N SER B 419 9.48 12.60 27.76
CA SER B 419 8.39 12.36 26.82
C SER B 419 7.12 13.01 27.36
N LYS B 420 6.61 14.02 26.67
CA LYS B 420 5.40 14.68 27.10
C LYS B 420 4.17 13.89 26.66
N ASN B 421 3.06 14.11 27.38
CA ASN B 421 1.76 13.53 27.05
C ASN B 421 1.82 12.01 26.92
N ARG B 422 2.48 11.37 27.88
CA ARG B 422 2.51 9.91 28.01
C ARG B 422 3.16 9.24 26.79
N GLY B 423 4.11 9.91 26.16
CA GLY B 423 4.78 9.36 25.00
C GLY B 423 5.87 8.38 25.36
N MET B 424 6.54 7.88 24.32
CA MET B 424 7.63 6.92 24.50
C MET B 424 8.64 7.09 23.37
N VAL B 425 9.90 7.30 23.72
CA VAL B 425 10.93 7.50 22.72
C VAL B 425 11.33 6.16 22.12
N MET B 426 11.07 5.97 20.83
CA MET B 426 11.29 4.68 20.19
C MET B 426 12.64 4.61 19.48
N GLY B 427 12.88 5.46 18.51
CA GLY B 427 14.10 5.38 17.72
C GLY B 427 14.79 6.71 17.58
N VAL B 428 16.11 6.70 17.71
CA VAL B 428 16.89 7.92 17.79
C VAL B 428 17.99 7.92 16.74
N ASP B 429 18.34 9.11 16.26
CA ASP B 429 19.53 9.31 15.45
C ASP B 429 19.97 10.76 15.64
N PHE B 430 21.08 11.13 15.02
CA PHE B 430 21.68 12.43 15.28
C PHE B 430 22.31 13.00 14.02
N HIS B 431 22.51 14.31 14.04
CA HIS B 431 23.32 15.01 13.05
C HIS B 431 24.38 15.79 13.80
N TYR B 432 25.65 15.41 13.60
CA TYR B 432 26.73 15.99 14.42
C TYR B 432 26.93 17.46 14.10
N GLN B 433 27.08 17.80 12.83
CA GLN B 433 27.43 19.17 12.46
C GLN B 433 26.26 20.14 12.61
N LYS B 434 25.04 19.63 12.68
CA LYS B 434 23.88 20.45 12.98
C LYS B 434 23.61 20.56 14.48
N HIS B 435 24.40 19.89 15.32
CA HIS B 435 24.18 19.81 16.75
C HIS B 435 22.80 19.28 17.10
N ARG B 436 22.24 18.43 16.24
CA ARG B 436 20.83 18.05 16.33
C ARG B 436 20.69 16.56 16.64
N VAL B 437 19.69 16.24 17.45
CA VAL B 437 19.33 14.86 17.77
C VAL B 437 17.85 14.68 17.47
N PHE B 438 17.52 13.59 16.77
CA PHE B 438 16.16 13.32 16.33
C PHE B 438 15.66 12.04 16.98
N TRP B 439 14.36 11.98 17.27
CA TRP B 439 13.80 10.76 17.80
C TRP B 439 12.32 10.67 17.42
N THR B 440 11.81 9.44 17.44
CA THR B 440 10.42 9.15 17.09
C THR B 440 9.65 8.76 18.33
N ASP B 441 8.33 8.85 18.25
CA ASP B 441 7.46 8.64 19.41
C ASP B 441 6.13 8.05 18.93
N PRO B 442 5.99 6.72 18.95
CA PRO B 442 4.78 6.10 18.41
C PRO B 442 3.58 6.14 19.34
N MET B 443 3.76 6.44 20.62
CA MET B 443 2.62 6.63 21.51
C MET B 443 1.95 7.96 21.28
N GLN B 444 2.73 9.01 21.02
CA GLN B 444 2.21 10.32 20.65
C GLN B 444 2.07 10.49 19.14
N GLU B 445 2.59 9.55 18.36
CA GLU B 445 2.49 9.57 16.90
C GLU B 445 3.14 10.81 16.29
N LYS B 446 4.39 11.07 16.67
CA LYS B 446 5.09 12.27 16.24
C LYS B 446 6.58 11.96 16.10
N VAL B 447 7.29 12.87 15.44
CA VAL B 447 8.74 12.84 15.32
C VAL B 447 9.29 14.16 15.82
N PHE B 448 10.34 14.11 16.63
CA PHE B 448 10.86 15.30 17.30
C PHE B 448 12.34 15.49 16.99
N SER B 449 12.84 16.67 17.34
CA SER B 449 14.25 17.00 17.19
C SER B 449 14.65 17.97 18.28
N THR B 450 15.94 18.01 18.57
CA THR B 450 16.46 18.87 19.63
C THR B 450 17.96 19.01 19.48
N ASP B 451 18.53 19.96 20.22
CA ASP B 451 19.97 20.06 20.36
C ASP B 451 20.45 19.23 21.54
N ILE B 452 21.76 19.05 21.62
CA ILE B 452 22.34 18.29 22.72
C ILE B 452 22.13 18.96 24.06
N ASN B 453 22.07 20.29 24.11
CA ASN B 453 21.68 20.96 25.34
C ASN B 453 20.22 20.70 25.70
N GLY B 454 19.41 20.21 24.77
CA GLY B 454 18.03 19.89 25.05
C GLY B 454 17.09 21.07 25.06
N LEU B 455 17.47 22.21 24.49
CA LEU B 455 16.66 23.41 24.62
C LEU B 455 15.70 23.60 23.45
N ASN B 456 16.25 23.73 22.24
CA ASN B 456 15.41 24.02 21.07
C ASN B 456 14.73 22.75 20.57
N THR B 457 13.45 22.59 20.87
CA THR B 457 12.70 21.39 20.54
C THR B 457 11.57 21.74 19.59
N GLN B 458 11.43 20.95 18.53
CA GLN B 458 10.33 21.10 17.58
C GLN B 458 9.94 19.73 17.07
N GLU B 459 8.66 19.57 16.75
CA GLU B 459 8.19 18.30 16.20
C GLU B 459 8.36 18.30 14.68
N ILE B 460 9.00 17.26 14.17
CA ILE B 460 9.33 17.20 12.75
C ILE B 460 8.11 16.80 11.93
N LEU B 461 7.50 15.67 12.28
CA LEU B 461 6.36 15.14 11.55
C LEU B 461 5.29 14.74 12.54
N ASN B 462 4.04 14.88 12.09
CA ASN B 462 2.88 14.69 12.94
C ASN B 462 1.62 14.34 12.16
N VAL B 463 1.74 13.97 10.88
CA VAL B 463 0.65 13.44 10.07
C VAL B 463 1.14 12.19 9.34
N SER B 464 0.36 11.11 9.40
CA SER B 464 0.67 9.86 8.72
C SER B 464 1.99 9.25 9.23
N VAL B 465 2.27 9.42 10.52
CA VAL B 465 3.46 8.84 11.15
C VAL B 465 2.99 7.95 12.29
N ASP B 466 1.88 7.25 12.10
CA ASP B 466 1.18 6.59 13.19
C ASP B 466 2.10 5.66 13.99
N THR B 467 3.01 4.95 13.34
CA THR B 467 3.93 4.04 14.03
C THR B 467 5.34 4.19 13.48
N PRO B 468 6.06 5.22 13.90
CA PRO B 468 7.42 5.44 13.41
C PRO B 468 8.42 4.50 14.05
N GLU B 469 8.58 3.31 13.46
CA GLU B 469 9.36 2.25 14.11
C GLU B 469 10.82 2.63 14.30
N ASN B 470 11.45 3.30 13.34
CA ASN B 470 12.87 3.59 13.47
C ASN B 470 13.20 4.82 12.64
N LEU B 471 14.47 5.21 12.69
CA LEU B 471 14.90 6.49 12.14
C LEU B 471 16.36 6.42 11.75
N ALA B 472 16.74 7.23 10.76
CA ALA B 472 18.12 7.32 10.33
C ALA B 472 18.36 8.70 9.74
N VAL B 473 19.57 9.24 9.95
CA VAL B 473 19.92 10.57 9.50
C VAL B 473 20.91 10.45 8.35
N ASP B 474 20.60 11.11 7.24
CA ASP B 474 21.50 11.22 6.09
C ASP B 474 22.22 12.56 6.24
N TRP B 475 23.43 12.51 6.81
CA TRP B 475 24.12 13.75 7.16
C TRP B 475 24.65 14.48 5.93
N ILE B 476 25.04 13.73 4.90
CA ILE B 476 25.64 14.34 3.72
C ILE B 476 24.64 15.25 3.02
N ASN B 477 23.42 14.76 2.81
CA ASN B 477 22.41 15.50 2.05
C ASN B 477 21.37 16.18 2.93
N ASN B 478 21.54 16.13 4.26
CA ASN B 478 20.61 16.77 5.20
C ASN B 478 19.18 16.27 4.97
N LYS B 479 19.01 14.96 5.02
CA LYS B 479 17.69 14.34 4.91
C LYS B 479 17.53 13.26 5.96
N LEU B 480 16.28 12.99 6.30
CA LEU B 480 15.92 12.05 7.36
C LEU B 480 15.18 10.87 6.76
N TYR B 481 15.70 9.67 6.98
CA TYR B 481 15.06 8.44 6.54
C TYR B 481 14.24 7.86 7.67
N LEU B 482 12.96 7.63 7.42
CA LEU B 482 12.02 7.25 8.46
C LEU B 482 11.34 5.94 8.10
N VAL B 483 11.20 5.05 9.07
CA VAL B 483 10.50 3.78 8.89
C VAL B 483 9.13 3.88 9.54
N GLU B 484 8.10 3.55 8.79
CA GLU B 484 6.73 3.55 9.27
C GLU B 484 6.17 2.15 9.14
N THR B 485 5.33 1.74 10.11
CA THR B 485 4.83 0.38 10.13
C THR B 485 3.31 0.26 10.21
N LYS B 486 2.57 1.35 10.41
CA LYS B 486 1.13 1.28 10.25
C LYS B 486 0.77 1.00 8.80
N VAL B 487 1.33 1.80 7.89
CA VAL B 487 1.38 1.49 6.47
C VAL B 487 2.85 1.30 6.15
N ASN B 488 3.25 0.05 5.88
CA ASN B 488 4.66 -0.30 5.80
C ASN B 488 5.32 0.43 4.64
N ARG B 489 6.23 1.34 4.96
CA ARG B 489 6.95 2.11 3.95
C ARG B 489 8.21 2.69 4.59
N ILE B 490 9.14 3.10 3.73
CA ILE B 490 10.34 3.82 4.15
C ILE B 490 10.27 5.19 3.50
N ASP B 491 10.08 6.22 4.31
CA ASP B 491 9.97 7.58 3.83
C ASP B 491 11.28 8.34 4.05
N VAL B 492 11.58 9.24 3.13
CA VAL B 492 12.70 10.15 3.26
C VAL B 492 12.18 11.57 3.24
N VAL B 493 12.68 12.38 4.18
CA VAL B 493 12.16 13.72 4.42
C VAL B 493 13.31 14.62 4.80
N ASN B 494 13.21 15.90 4.44
CA ASN B 494 14.14 16.90 4.90
C ASN B 494 14.11 16.96 6.42
N LEU B 495 15.19 17.49 6.99
CA LEU B 495 15.11 17.94 8.37
C LEU B 495 14.04 19.03 8.46
N GLU B 496 13.56 19.26 9.68
CA GLU B 496 12.39 20.10 9.96
C GLU B 496 11.16 19.67 9.14
N GLY B 497 11.21 18.48 8.57
CA GLY B 497 10.02 17.76 8.14
C GLY B 497 9.36 18.21 6.86
N ASN B 498 10.10 18.74 5.90
CA ASN B 498 9.50 19.14 4.64
C ASN B 498 9.92 18.19 3.50
N GLN B 499 9.21 18.29 2.39
CA GLN B 499 9.51 17.53 1.17
C GLN B 499 9.42 16.04 1.42
N ARG B 500 8.24 15.58 1.82
CA ARG B 500 8.00 14.16 2.01
C ARG B 500 7.99 13.41 0.69
N VAL B 501 8.60 12.23 0.67
CA VAL B 501 8.58 11.35 -0.48
C VAL B 501 8.92 9.94 -0.03
N THR B 502 8.21 8.95 -0.61
CA THR B 502 8.31 7.56 -0.21
C THR B 502 9.27 6.83 -1.13
N LEU B 503 10.15 6.01 -0.56
CA LEU B 503 11.15 5.31 -1.35
C LEU B 503 10.82 3.86 -1.61
N ILE B 504 10.45 3.11 -0.57
CA ILE B 504 10.27 1.66 -0.67
C ILE B 504 8.94 1.28 -0.05
N THR B 505 8.11 0.57 -0.82
CA THR B 505 6.83 0.08 -0.32
C THR B 505 6.57 -1.39 -0.62
N GLU B 506 7.06 -1.93 -1.73
CA GLU B 506 6.69 -3.26 -2.18
C GLU B 506 7.24 -4.34 -1.26
N ASN B 507 6.38 -5.30 -0.93
CA ASN B 507 6.73 -6.50 -0.16
C ASN B 507 7.36 -6.15 1.19
N LEU B 508 6.91 -5.09 1.85
CA LEU B 508 7.67 -4.60 2.99
C LEU B 508 7.33 -5.28 4.30
N GLY B 509 6.21 -5.97 4.40
CA GLY B 509 5.95 -6.78 5.57
C GLY B 509 6.04 -6.06 6.90
N HIS B 510 7.09 -6.34 7.66
CA HIS B 510 7.34 -5.71 8.96
C HIS B 510 8.73 -5.10 8.99
N PRO B 511 8.90 -3.90 8.44
CA PRO B 511 10.23 -3.27 8.46
C PRO B 511 10.53 -2.68 9.83
N ARG B 512 11.70 -3.03 10.36
CA ARG B 512 12.07 -2.55 11.69
C ARG B 512 13.34 -1.71 11.71
N GLY B 513 14.45 -2.26 11.22
CA GLY B 513 15.72 -1.57 11.35
C GLY B 513 16.06 -0.81 10.07
N ILE B 514 16.99 0.14 10.20
CA ILE B 514 17.42 0.95 9.07
C ILE B 514 18.79 1.53 9.36
N ALA B 515 19.62 1.63 8.33
CA ALA B 515 20.93 2.27 8.42
C ALA B 515 21.38 2.63 7.01
N LEU B 516 22.31 3.57 6.92
CA LEU B 516 22.73 4.04 5.61
C LEU B 516 24.16 4.55 5.67
N ASP B 517 24.81 4.55 4.51
CA ASP B 517 26.18 5.02 4.36
C ASP B 517 26.21 5.98 3.18
N PRO B 518 25.93 7.27 3.40
CA PRO B 518 25.90 8.22 2.29
C PRO B 518 27.24 8.38 1.59
N THR B 519 28.34 8.03 2.23
CA THR B 519 29.64 8.08 1.58
C THR B 519 29.75 7.09 0.43
N VAL B 520 28.99 6.00 0.47
CA VAL B 520 28.97 5.03 -0.61
C VAL B 520 27.65 5.01 -1.36
N GLY B 521 26.54 5.34 -0.71
CA GLY B 521 25.26 5.38 -1.37
C GLY B 521 24.35 4.20 -1.12
N TYR B 522 24.64 3.38 -0.11
CA TYR B 522 23.80 2.22 0.18
C TYR B 522 22.87 2.50 1.35
N LEU B 523 21.71 1.87 1.30
CA LEU B 523 20.70 1.93 2.36
C LEU B 523 20.38 0.52 2.80
N PHE B 524 20.49 0.26 4.10
CA PHE B 524 20.26 -1.05 4.66
C PHE B 524 19.06 -0.99 5.59
N PHE B 525 18.20 -2.00 5.50
CA PHE B 525 17.07 -2.08 6.41
C PHE B 525 16.68 -3.54 6.59
N SER B 526 16.13 -3.84 7.76
CA SER B 526 15.80 -5.21 8.13
C SER B 526 14.30 -5.40 8.09
N ASP B 527 13.89 -6.67 7.99
CA ASP B 527 12.49 -7.04 7.81
C ASP B 527 12.28 -8.38 8.51
N TRP B 528 11.45 -8.40 9.54
CA TRP B 528 11.21 -9.65 10.24
C TRP B 528 9.99 -10.38 9.72
N GLY B 529 9.80 -10.30 8.40
CA GLY B 529 8.78 -11.03 7.68
C GLY B 529 8.17 -10.17 6.60
N SER B 530 8.22 -10.65 5.36
CA SER B 530 7.72 -9.88 4.24
C SER B 530 6.30 -10.30 3.91
N LEU B 531 5.65 -9.62 2.95
CA LEU B 531 4.36 -10.09 2.48
C LEU B 531 4.46 -11.47 1.87
N SER B 532 5.64 -11.81 1.33
CA SER B 532 5.90 -13.16 0.85
C SER B 532 6.24 -14.13 1.96
N GLY B 533 6.41 -13.65 3.19
CA GLY B 533 6.64 -14.52 4.33
C GLY B 533 8.05 -14.51 4.88
N GLN B 534 9.04 -14.40 4.00
CA GLN B 534 10.43 -14.52 4.42
C GLN B 534 10.85 -13.31 5.25
N PRO B 535 11.48 -13.51 6.41
CA PRO B 535 12.18 -12.43 7.08
C PRO B 535 13.58 -12.29 6.51
N LYS B 536 14.07 -11.05 6.41
CA LYS B 536 15.31 -10.83 5.69
C LYS B 536 15.94 -9.52 6.11
N VAL B 537 17.23 -9.40 5.82
CA VAL B 537 17.97 -8.15 5.87
C VAL B 537 18.42 -7.82 4.47
N GLU B 538 18.13 -6.61 4.00
CA GLU B 538 18.32 -6.33 2.59
C GLU B 538 18.97 -4.97 2.38
N ARG B 539 19.47 -4.77 1.17
CA ARG B 539 20.27 -3.61 0.81
C ARG B 539 19.70 -2.97 -0.44
N ALA B 540 19.89 -1.66 -0.57
CA ALA B 540 19.41 -0.93 -1.72
C ALA B 540 20.24 0.33 -1.88
N PHE B 541 20.09 0.99 -3.03
CA PHE B 541 20.63 2.33 -3.16
C PHE B 541 19.84 3.29 -2.30
N MET B 542 20.47 4.42 -1.96
CA MET B 542 19.84 5.37 -1.06
C MET B 542 18.60 6.01 -1.69
N ASP B 543 18.37 5.83 -2.99
CA ASP B 543 17.13 6.24 -3.62
C ASP B 543 16.11 5.11 -3.71
N GLY B 544 16.41 3.96 -3.11
CA GLY B 544 15.48 2.85 -3.05
C GLY B 544 15.58 1.85 -4.18
N SER B 545 16.44 2.08 -5.17
CA SER B 545 16.52 1.19 -6.31
C SER B 545 17.42 -0.01 -5.99
N ASN B 546 17.32 -1.02 -6.85
CA ASN B 546 18.24 -2.17 -6.85
C ASN B 546 18.26 -2.88 -5.50
N ARG B 547 17.08 -3.29 -5.04
CA ARG B 547 17.00 -4.01 -3.78
C ARG B 547 17.64 -5.39 -3.91
N LYS B 548 18.18 -5.89 -2.81
CA LYS B 548 18.91 -7.15 -2.80
C LYS B 548 18.78 -7.78 -1.42
N ASP B 549 18.54 -9.10 -1.39
CA ASP B 549 18.53 -9.81 -0.12
C ASP B 549 19.94 -9.96 0.42
N LEU B 550 20.33 -9.08 1.34
CA LEU B 550 21.68 -9.13 1.89
C LEU B 550 21.89 -10.41 2.69
N VAL B 551 20.98 -10.70 3.62
CA VAL B 551 21.03 -11.92 4.41
C VAL B 551 19.63 -12.54 4.40
N THR B 552 19.55 -13.83 4.13
CA THR B 552 18.26 -14.50 4.07
C THR B 552 18.20 -15.82 4.83
N THR B 553 19.31 -16.47 5.13
CA THR B 553 19.27 -17.76 5.80
C THR B 553 19.43 -17.59 7.30
N LYS B 554 18.59 -18.30 8.05
CA LYS B 554 18.62 -18.26 9.52
C LYS B 554 18.46 -16.84 10.05
N VAL B 555 17.57 -16.06 9.46
CA VAL B 555 17.50 -14.65 9.82
C VAL B 555 16.62 -14.42 11.04
N GLY B 556 15.41 -14.97 11.07
CA GLY B 556 14.59 -14.89 12.26
C GLY B 556 13.80 -13.60 12.41
N TRP B 557 14.14 -12.79 13.41
CA TRP B 557 13.49 -11.52 13.68
C TRP B 557 14.53 -10.43 13.77
N PRO B 558 15.08 -9.98 12.64
CA PRO B 558 16.11 -8.95 12.68
C PRO B 558 15.55 -7.62 13.17
N ALA B 559 16.13 -7.08 14.24
CA ALA B 559 15.52 -5.96 14.96
C ALA B 559 16.29 -4.66 14.84
N GLY B 560 17.58 -4.69 14.54
CA GLY B 560 18.34 -3.46 14.49
C GLY B 560 19.54 -3.58 13.58
N ILE B 561 19.99 -2.47 13.01
CA ILE B 561 21.11 -2.48 12.07
C ILE B 561 21.99 -1.27 12.35
N THR B 562 23.30 -1.50 12.31
CA THR B 562 24.29 -0.42 12.37
C THR B 562 25.43 -0.75 11.43
N LEU B 563 26.20 0.26 11.06
CA LEU B 563 27.27 0.11 10.07
C LEU B 563 28.63 0.44 10.67
N ASP B 564 29.62 -0.33 10.26
CA ASP B 564 31.03 -0.03 10.55
C ASP B 564 31.60 0.63 9.30
N LEU B 565 31.59 1.96 9.30
CA LEU B 565 31.88 2.70 8.07
C LEU B 565 33.31 2.48 7.61
N VAL B 566 34.27 2.48 8.53
CA VAL B 566 35.66 2.33 8.12
C VAL B 566 35.94 0.91 7.61
N SER B 567 35.35 -0.11 8.23
CA SER B 567 35.55 -1.49 7.81
C SER B 567 34.58 -1.95 6.76
N LYS B 568 33.57 -1.14 6.43
CA LYS B 568 32.55 -1.48 5.43
C LYS B 568 31.87 -2.80 5.77
N ARG B 569 31.34 -2.88 6.99
CA ARG B 569 30.58 -4.03 7.46
C ARG B 569 29.27 -3.56 8.07
N VAL B 570 28.26 -4.42 7.99
CA VAL B 570 26.93 -4.14 8.54
C VAL B 570 26.67 -5.09 9.70
N TYR B 571 26.28 -4.53 10.83
CA TYR B 571 25.97 -5.29 12.04
C TYR B 571 24.47 -5.30 12.24
N TRP B 572 23.92 -6.46 12.59
CA TRP B 572 22.49 -6.56 12.87
C TRP B 572 22.27 -7.61 13.94
N VAL B 573 21.15 -7.46 14.66
CA VAL B 573 20.81 -8.31 15.78
C VAL B 573 19.54 -9.08 15.45
N ASP B 574 19.34 -10.20 16.14
CA ASP B 574 18.15 -11.02 15.97
C ASP B 574 17.52 -11.28 17.33
N SER B 575 16.24 -10.95 17.45
CA SER B 575 15.55 -11.12 18.72
C SER B 575 14.90 -12.48 18.88
N ARG B 576 14.94 -13.33 17.86
CA ARG B 576 14.29 -14.65 17.93
C ARG B 576 15.30 -15.78 18.02
N TYR B 577 16.36 -15.76 17.22
CA TYR B 577 17.45 -16.72 17.36
C TYR B 577 18.57 -16.19 18.24
N ASP B 578 18.44 -14.97 18.74
CA ASP B 578 19.27 -14.44 19.82
C ASP B 578 20.76 -14.47 19.45
N TYR B 579 21.11 -13.65 18.46
CA TYR B 579 22.50 -13.48 18.08
C TYR B 579 22.77 -12.04 17.66
N ILE B 580 24.05 -11.75 17.46
CA ILE B 580 24.51 -10.56 16.75
C ILE B 580 25.51 -11.00 15.69
N GLU B 581 25.17 -10.81 14.42
CA GLU B 581 26.06 -11.20 13.34
C GLU B 581 26.46 -10.00 12.49
N THR B 582 27.44 -10.24 11.63
CA THR B 582 28.05 -9.22 10.80
C THR B 582 28.33 -9.79 9.41
N VAL B 583 28.10 -8.97 8.38
CA VAL B 583 28.53 -9.29 7.02
C VAL B 583 29.08 -8.01 6.41
N THR B 584 29.83 -8.17 5.32
CA THR B 584 30.29 -7.01 4.60
C THR B 584 29.13 -6.35 3.85
N TYR B 585 29.41 -5.21 3.22
CA TYR B 585 28.38 -4.52 2.45
C TYR B 585 27.80 -5.41 1.36
N ASP B 586 28.57 -6.38 0.87
CA ASP B 586 28.10 -7.29 -0.16
C ASP B 586 27.63 -8.63 0.38
N GLY B 587 27.74 -8.86 1.69
CA GLY B 587 27.26 -10.08 2.30
C GLY B 587 28.19 -11.27 2.21
N ILE B 588 29.51 -11.06 2.24
CA ILE B 588 30.46 -12.16 2.05
C ILE B 588 30.84 -12.78 3.38
N GLN B 589 31.48 -12.02 4.25
CA GLN B 589 32.17 -12.57 5.42
C GLN B 589 31.23 -12.57 6.63
N ARG B 590 30.38 -13.59 6.69
CA ARG B 590 29.44 -13.70 7.79
C ARG B 590 30.14 -14.24 9.03
N LYS B 591 30.20 -13.42 10.07
CA LYS B 591 30.76 -13.81 11.36
C LYS B 591 29.77 -13.48 12.46
N THR B 592 29.75 -14.32 13.49
CA THR B 592 28.84 -14.14 14.62
C THR B 592 29.62 -13.65 15.84
N VAL B 593 29.12 -12.61 16.49
CA VAL B 593 29.82 -12.00 17.60
C VAL B 593 29.21 -12.38 18.95
N ALA B 594 27.97 -12.82 18.98
CA ALA B 594 27.34 -13.33 20.20
C ALA B 594 26.23 -14.28 19.79
N ARG B 595 25.92 -15.24 20.67
CA ARG B 595 24.96 -16.28 20.31
C ARG B 595 24.47 -16.95 21.59
N GLY B 596 23.16 -17.09 21.70
CA GLY B 596 22.55 -17.77 22.82
C GLY B 596 21.67 -16.84 23.64
N GLY B 597 20.66 -17.44 24.26
CA GLY B 597 19.74 -16.66 25.08
C GLY B 597 20.33 -16.17 26.38
N SER B 598 21.44 -16.76 26.82
CA SER B 598 22.09 -16.31 28.05
C SER B 598 22.85 -15.01 27.86
N LEU B 599 23.07 -14.59 26.61
CA LEU B 599 23.84 -13.39 26.31
C LEU B 599 22.99 -12.29 25.70
N VAL B 600 22.27 -12.61 24.63
CA VAL B 600 21.48 -11.61 23.91
C VAL B 600 20.04 -12.13 23.78
N PRO B 601 19.28 -12.18 24.87
CA PRO B 601 17.95 -12.80 24.79
C PRO B 601 16.99 -12.11 23.85
N HIS B 602 17.02 -10.78 23.75
CA HIS B 602 16.05 -10.05 22.92
C HIS B 602 16.62 -8.67 22.57
N PRO B 603 17.61 -8.62 21.69
CA PRO B 603 18.15 -7.33 21.26
C PRO B 603 17.14 -6.58 20.40
N PHE B 604 17.10 -5.26 20.57
CA PHE B 604 16.27 -4.45 19.69
C PHE B 604 17.10 -3.47 18.87
N GLY B 605 17.84 -2.61 19.53
CA GLY B 605 18.66 -1.64 18.83
C GLY B 605 20.12 -1.99 18.87
N ILE B 606 20.93 -1.24 18.13
CA ILE B 606 22.36 -1.50 18.07
C ILE B 606 23.08 -0.24 17.58
N SER B 607 24.27 -0.01 18.12
CA SER B 607 25.12 1.09 17.68
C SER B 607 26.57 0.67 17.87
N LEU B 608 27.46 1.29 17.09
CA LEU B 608 28.86 0.90 17.05
C LEU B 608 29.74 2.10 17.29
N PHE B 609 30.85 1.88 18.00
CA PHE B 609 31.87 2.91 18.17
C PHE B 609 33.19 2.24 18.57
N GLU B 610 34.25 2.57 17.84
CA GLU B 610 35.60 2.07 18.10
C GLU B 610 35.64 0.57 18.29
N GLU B 611 36.00 0.13 19.49
CA GLU B 611 36.17 -1.29 19.77
C GLU B 611 34.91 -1.96 20.29
N HIS B 612 33.85 -1.20 20.58
CA HIS B 612 32.68 -1.74 21.25
C HIS B 612 31.44 -1.60 20.37
N VAL B 613 30.42 -2.37 20.73
CA VAL B 613 29.10 -2.31 20.11
C VAL B 613 28.06 -2.24 21.23
N PHE B 614 27.07 -1.37 21.06
CA PHE B 614 26.08 -1.11 22.10
C PHE B 614 24.71 -1.52 21.60
N PHE B 615 23.94 -2.23 22.42
CA PHE B 615 22.63 -2.68 22.00
C PHE B 615 21.68 -2.75 23.18
N THR B 616 20.45 -2.31 22.95
CA THR B 616 19.38 -2.50 23.92
C THR B 616 18.92 -3.94 23.94
N ASP B 617 18.27 -4.32 25.02
CA ASP B 617 17.69 -5.65 25.16
C ASP B 617 16.40 -5.53 25.95
N TRP B 618 15.31 -6.05 25.38
CA TRP B 618 14.01 -5.98 26.04
C TRP B 618 13.87 -6.97 27.19
N THR B 619 14.63 -8.06 27.19
CA THR B 619 14.56 -9.05 28.25
C THR B 619 15.46 -8.71 29.44
N LYS B 620 16.66 -8.20 29.19
CA LYS B 620 17.52 -7.73 30.26
C LYS B 620 17.20 -6.30 30.68
N MET B 621 16.30 -5.63 29.96
CA MET B 621 15.83 -4.29 30.33
C MET B 621 16.97 -3.29 30.43
N ALA B 622 18.03 -3.50 29.66
CA ALA B 622 19.25 -2.74 29.84
C ALA B 622 19.90 -2.42 28.50
N VAL B 623 20.74 -1.40 28.50
CA VAL B 623 21.59 -1.09 27.36
C VAL B 623 22.90 -1.85 27.57
N MET B 624 23.24 -2.71 26.62
CA MET B 624 24.37 -3.61 26.77
C MET B 624 25.57 -3.10 26.00
N LYS B 625 26.75 -3.56 26.41
CA LYS B 625 28.01 -3.16 25.81
C LYS B 625 28.85 -4.40 25.55
N ALA B 626 29.37 -4.52 24.34
CA ALA B 626 30.03 -5.75 23.94
C ALA B 626 31.14 -5.45 22.95
N SER B 627 32.09 -6.38 22.85
CA SER B 627 33.16 -6.25 21.87
C SER B 627 32.62 -6.47 20.46
N LYS B 628 33.17 -5.72 19.50
CA LYS B 628 32.64 -5.78 18.15
C LYS B 628 32.97 -7.08 17.45
N PHE B 629 34.00 -7.80 17.90
CA PHE B 629 34.47 -8.98 17.16
C PHE B 629 33.81 -10.25 17.68
N THR B 630 34.11 -10.61 18.93
CA THR B 630 33.52 -11.77 19.59
C THR B 630 33.55 -11.50 21.09
N GLU B 631 32.57 -12.05 21.80
CA GLU B 631 32.52 -11.86 23.24
C GLU B 631 31.56 -12.87 23.84
N THR B 632 31.74 -13.15 25.14
CA THR B 632 31.00 -14.20 25.82
C THR B 632 30.16 -13.71 26.99
N ASN B 633 30.35 -12.47 27.45
CA ASN B 633 29.56 -11.97 28.56
C ASN B 633 29.41 -10.46 28.47
N PRO B 634 28.29 -9.95 27.96
CA PRO B 634 28.16 -8.51 27.75
C PRO B 634 27.98 -7.77 29.06
N GLN B 635 28.69 -6.65 29.19
CA GLN B 635 28.60 -5.84 30.38
C GLN B 635 27.40 -4.91 30.30
N VAL B 636 26.75 -4.70 31.45
CA VAL B 636 25.61 -3.78 31.50
C VAL B 636 26.12 -2.35 31.50
N TYR B 637 25.63 -1.55 30.55
CA TYR B 637 26.02 -0.15 30.46
C TYR B 637 25.04 0.76 31.19
N HIS B 638 23.75 0.48 31.08
CA HIS B 638 22.72 1.18 31.84
C HIS B 638 21.58 0.23 32.10
N GLN B 639 21.04 0.27 33.32
CA GLN B 639 19.94 -0.59 33.73
C GLN B 639 18.68 0.25 33.87
N SER B 640 17.59 -0.21 33.26
CA SER B 640 16.34 0.54 33.23
C SER B 640 15.19 -0.31 33.72
N SER B 641 14.17 0.36 34.26
CA SER B 641 12.95 -0.33 34.69
C SER B 641 11.94 -0.50 33.56
N LEU B 642 12.16 0.14 32.42
CA LEU B 642 11.30 0.01 31.25
C LEU B 642 12.09 -0.65 30.13
N ARG B 643 11.37 -1.13 29.13
CA ARG B 643 12.01 -1.68 27.95
C ARG B 643 12.74 -0.57 27.21
N PRO B 644 14.05 -0.70 26.96
CA PRO B 644 14.78 0.35 26.26
C PRO B 644 14.82 0.12 24.77
N HIS B 645 14.90 1.23 24.03
CA HIS B 645 14.96 1.19 22.57
C HIS B 645 16.05 2.14 22.08
N GLY B 646 16.52 1.88 20.86
CA GLY B 646 17.25 2.88 20.12
C GLY B 646 18.52 3.44 20.72
N VAL B 647 19.60 2.67 20.75
CA VAL B 647 20.90 3.20 21.12
C VAL B 647 21.53 3.85 19.90
N THR B 648 22.30 4.91 20.15
CA THR B 648 23.14 5.53 19.13
C THR B 648 24.30 6.20 19.83
N VAL B 649 25.42 6.30 19.13
CA VAL B 649 26.63 6.91 19.66
C VAL B 649 26.86 8.23 18.95
N TYR B 650 26.94 9.31 19.72
CA TYR B 650 27.08 10.66 19.18
C TYR B 650 28.57 10.97 19.06
N HIS B 651 29.06 11.11 17.83
CA HIS B 651 30.47 11.40 17.61
C HIS B 651 30.65 11.97 16.22
N ALA B 652 31.82 12.57 15.99
CA ALA B 652 32.14 13.13 14.68
C ALA B 652 32.62 12.06 13.73
N LEU B 653 33.47 11.14 14.20
CA LEU B 653 33.93 10.04 13.36
C LEU B 653 32.81 9.10 12.98
N ARG B 654 31.67 9.16 13.65
CA ARG B 654 30.50 8.39 13.28
C ARG B 654 29.82 8.92 12.03
N GLN B 655 30.14 10.14 11.61
CA GLN B 655 29.55 10.75 10.42
C GLN B 655 30.65 11.40 9.60
N PRO B 656 31.39 10.61 8.81
CA PRO B 656 32.54 11.16 8.09
C PRO B 656 32.12 12.16 7.03
N ASN B 657 33.07 13.02 6.67
CA ASN B 657 32.84 14.03 5.65
C ASN B 657 32.92 13.41 4.26
N ALA B 658 32.06 13.89 3.36
CA ALA B 658 32.10 13.48 1.96
C ALA B 658 31.41 14.55 1.12
N THR B 659 31.65 14.49 -0.18
CA THR B 659 31.08 15.48 -1.09
C THR B 659 29.62 15.18 -1.37
N ASN B 660 28.86 16.23 -1.66
CA ASN B 660 27.43 16.11 -1.90
C ASN B 660 27.11 16.44 -3.35
N PRO B 661 26.74 15.45 -4.18
CA PRO B 661 26.34 15.78 -5.56
C PRO B 661 25.15 16.70 -5.65
N CYS B 662 24.17 16.56 -4.75
CA CYS B 662 22.99 17.42 -4.79
C CYS B 662 23.26 18.82 -4.25
N GLY B 663 24.44 19.08 -3.69
CA GLY B 663 24.72 20.36 -3.06
C GLY B 663 24.75 21.54 -4.00
N SER B 664 24.79 21.31 -5.30
CA SER B 664 24.81 22.38 -6.29
C SER B 664 23.49 22.39 -7.05
N ASN B 665 22.81 23.55 -7.05
CA ASN B 665 21.57 23.75 -7.78
C ASN B 665 20.48 22.77 -7.35
N ASN B 666 20.57 22.24 -6.14
CA ASN B 666 19.69 21.17 -5.66
C ASN B 666 19.72 20.00 -6.64
N GLY B 667 20.89 19.76 -7.21
CA GLY B 667 21.07 18.69 -8.18
C GLY B 667 20.40 18.99 -9.51
N GLY B 668 19.84 20.19 -9.64
CA GLY B 668 19.11 20.55 -10.82
C GLY B 668 17.69 20.03 -10.88
N CYS B 669 17.26 19.25 -9.89
CA CYS B 669 15.92 18.68 -9.90
C CYS B 669 14.88 19.77 -9.59
N ALA B 670 13.65 19.48 -9.99
CA ALA B 670 12.57 20.44 -9.74
C ALA B 670 12.28 20.57 -8.25
N GLN B 671 12.07 19.46 -7.55
CA GLN B 671 11.64 19.54 -6.16
C GLN B 671 12.61 18.91 -5.18
N VAL B 672 12.96 17.63 -5.39
CA VAL B 672 13.72 16.87 -4.41
C VAL B 672 14.91 16.22 -5.10
N CYS B 673 16.04 16.20 -4.40
CA CYS B 673 17.26 15.53 -4.88
C CYS B 673 17.66 14.51 -3.83
N VAL B 674 17.69 13.24 -4.23
CA VAL B 674 17.99 12.15 -3.31
C VAL B 674 19.23 11.43 -3.82
N LEU B 675 20.15 11.13 -2.89
CA LEU B 675 21.38 10.44 -3.25
C LEU B 675 21.09 9.03 -3.74
N SER B 676 22.07 8.47 -4.44
CA SER B 676 22.06 7.08 -4.84
C SER B 676 23.48 6.56 -4.69
N HIS B 677 23.74 5.37 -5.23
CA HIS B 677 25.10 4.88 -5.23
C HIS B 677 25.97 5.80 -6.09
N ARG B 678 27.25 5.89 -5.74
CA ARG B 678 28.14 6.84 -6.39
C ARG B 678 28.25 6.58 -7.89
N THR B 679 28.02 5.33 -8.32
CA THR B 679 28.05 5.02 -9.74
C THR B 679 26.69 5.12 -10.41
N ASP B 680 25.64 5.43 -9.67
CA ASP B 680 24.31 5.51 -10.26
C ASP B 680 24.15 6.79 -11.07
N ASN B 681 23.13 6.79 -11.94
CA ASN B 681 22.80 7.93 -12.79
C ASN B 681 24.00 8.35 -13.64
N GLY B 682 24.68 7.36 -14.20
CA GLY B 682 25.82 7.62 -15.06
C GLY B 682 26.95 8.34 -14.37
N GLY B 683 27.22 8.01 -13.11
CA GLY B 683 28.29 8.64 -12.36
C GLY B 683 27.91 9.89 -11.62
N LEU B 684 26.68 10.38 -11.78
CA LEU B 684 26.28 11.58 -11.04
C LEU B 684 26.00 11.28 -9.57
N GLY B 685 25.51 10.09 -9.27
CA GLY B 685 25.37 9.68 -7.89
C GLY B 685 24.13 10.18 -7.19
N TYR B 686 23.13 10.66 -7.92
CA TYR B 686 21.88 11.11 -7.31
C TYR B 686 20.75 10.89 -8.29
N ARG B 687 19.54 10.85 -7.75
CA ARG B 687 18.34 10.66 -8.58
C ARG B 687 17.28 11.68 -8.15
N CYS B 688 16.67 12.33 -9.14
CA CYS B 688 15.66 13.32 -8.86
C CYS B 688 14.30 12.68 -8.60
N LYS B 689 13.62 13.17 -7.57
CA LYS B 689 12.26 12.76 -7.25
C LYS B 689 11.46 14.02 -6.97
N CYS B 690 10.13 13.87 -6.87
CA CYS B 690 9.28 15.01 -6.59
C CYS B 690 8.24 14.66 -5.54
N GLU B 691 7.78 15.69 -4.85
CA GLU B 691 6.91 15.53 -3.69
C GLU B 691 5.56 14.95 -4.10
N PHE B 692 4.73 14.67 -3.09
CA PHE B 692 3.46 14.00 -3.33
C PHE B 692 2.53 14.87 -4.15
N GLY B 693 1.81 14.24 -5.08
CA GLY B 693 0.97 14.94 -6.00
C GLY B 693 1.63 15.30 -7.32
N PHE B 694 2.86 14.85 -7.56
CA PHE B 694 3.58 15.16 -8.77
C PHE B 694 4.34 13.93 -9.25
N GLU B 695 4.71 13.93 -10.53
CA GLU B 695 5.48 12.86 -11.11
C GLU B 695 6.43 13.43 -12.16
N LEU B 696 7.50 12.68 -12.42
CA LEU B 696 8.58 13.19 -13.25
C LEU B 696 8.20 13.27 -14.72
N ASP B 697 8.66 14.32 -15.38
CA ASP B 697 8.56 14.43 -16.82
C ASP B 697 9.64 13.56 -17.48
N ASP B 698 9.48 13.31 -18.78
CA ASP B 698 10.51 12.60 -19.53
C ASP B 698 11.85 13.33 -19.50
N ASP B 699 11.83 14.65 -19.25
CA ASP B 699 13.07 15.37 -19.00
C ASP B 699 13.79 14.83 -17.77
N GLU B 700 13.03 14.26 -16.82
CA GLU B 700 13.54 13.51 -15.68
C GLU B 700 14.15 14.40 -14.62
N HIS B 701 14.27 15.70 -14.90
CA HIS B 701 14.54 16.68 -13.86
C HIS B 701 13.28 17.47 -13.53
N ARG B 702 12.53 17.85 -14.55
CA ARG B 702 11.25 18.51 -14.38
C ARG B 702 10.21 17.50 -13.92
N CYS B 703 9.19 18.00 -13.22
CA CYS B 703 8.09 17.12 -12.83
C CYS B 703 6.79 17.90 -12.85
N VAL B 704 5.71 17.18 -13.16
CA VAL B 704 4.38 17.76 -13.33
C VAL B 704 3.41 17.04 -12.41
N ALA B 705 2.19 17.58 -12.32
CA ALA B 705 1.18 17.00 -11.45
C ALA B 705 0.79 15.61 -11.91
N VAL B 706 0.35 14.78 -10.97
CA VAL B 706 -0.12 13.45 -11.30
C VAL B 706 -1.47 13.57 -12.00
N LYS B 707 -1.72 12.67 -12.96
CA LYS B 707 -2.96 12.74 -13.71
C LYS B 707 -3.98 11.75 -13.20
N ASN B 708 -3.53 10.58 -12.75
CA ASN B 708 -4.42 9.51 -12.35
C ASN B 708 -3.67 8.52 -11.49
N PHE B 709 -4.38 7.91 -10.54
CA PHE B 709 -3.82 6.85 -9.72
C PHE B 709 -4.98 6.09 -9.09
N LEU B 710 -4.66 4.92 -8.53
CA LEU B 710 -5.67 4.00 -8.02
C LEU B 710 -5.92 4.31 -6.55
N LEU B 711 -7.05 4.96 -6.27
CA LEU B 711 -7.46 5.24 -4.91
C LEU B 711 -8.20 4.05 -4.34
N PHE B 712 -7.75 3.55 -3.19
CA PHE B 712 -8.46 2.44 -2.57
C PHE B 712 -8.49 2.64 -1.06
N SER B 713 -9.46 2.01 -0.43
CA SER B 713 -9.72 2.19 1.00
C SER B 713 -9.75 0.84 1.68
N SER B 714 -9.30 0.80 2.93
CA SER B 714 -9.34 -0.40 3.74
C SER B 714 -9.48 0.02 5.19
N LYS B 715 -9.53 -0.97 6.08
CA LYS B 715 -9.66 -0.66 7.49
C LYS B 715 -8.45 0.12 8.00
N THR B 716 -7.25 -0.27 7.59
CA THR B 716 -6.04 0.36 8.11
C THR B 716 -5.88 1.79 7.61
N ALA B 717 -6.03 2.00 6.31
CA ALA B 717 -5.68 3.30 5.74
C ALA B 717 -6.34 3.47 4.38
N VAL B 718 -6.33 4.72 3.91
CA VAL B 718 -6.74 5.07 2.56
C VAL B 718 -5.48 5.41 1.78
N ARG B 719 -5.25 4.71 0.67
CA ARG B 719 -3.98 4.76 -0.03
C ARG B 719 -4.20 5.02 -1.50
N GLY B 720 -3.14 5.48 -2.16
CA GLY B 720 -3.18 5.71 -3.60
C GLY B 720 -1.97 5.12 -4.29
N ILE B 721 -2.19 4.21 -5.22
CA ILE B 721 -1.09 3.51 -5.88
C ILE B 721 -1.16 3.72 -7.38
N PRO B 722 -0.04 3.69 -8.10
CA PRO B 722 -0.08 3.86 -9.55
C PRO B 722 -0.79 2.69 -10.21
N PHE B 723 -1.37 2.97 -11.38
CA PHE B 723 -2.01 1.91 -12.14
C PHE B 723 -1.00 0.92 -12.71
N THR B 724 0.18 1.41 -13.09
CA THR B 724 1.22 0.51 -13.55
C THR B 724 1.69 -0.34 -12.39
N LEU B 725 1.99 -1.60 -12.67
CA LEU B 725 2.40 -2.49 -11.60
C LEU B 725 3.89 -2.41 -11.32
N SER B 726 4.67 -1.72 -12.16
CA SER B 726 6.11 -1.67 -12.00
C SER B 726 6.53 -0.73 -10.88
N THR B 727 6.15 0.55 -10.97
CA THR B 727 6.49 1.54 -9.94
C THR B 727 5.40 1.52 -8.86
N GLN B 728 5.62 0.67 -7.85
CA GLN B 728 4.57 0.36 -6.89
C GLN B 728 4.45 1.38 -5.77
N GLU B 729 5.37 2.32 -5.65
CA GLU B 729 5.37 3.24 -4.52
C GLU B 729 4.14 4.14 -4.55
N ASP B 730 3.60 4.43 -3.36
CA ASP B 730 2.40 5.26 -3.26
C ASP B 730 2.67 6.65 -3.81
N VAL B 731 1.61 7.29 -4.31
CA VAL B 731 1.69 8.62 -4.90
C VAL B 731 0.88 9.64 -4.11
N MET B 732 0.29 9.24 -2.99
CA MET B 732 -0.35 10.18 -2.09
C MET B 732 -0.08 9.77 -0.66
N VAL B 733 -0.16 10.72 0.25
CA VAL B 733 0.11 10.47 1.66
C VAL B 733 -0.99 9.57 2.20
N PRO B 734 -0.66 8.39 2.72
CA PRO B 734 -1.71 7.47 3.19
C PRO B 734 -2.48 8.05 4.36
N VAL B 735 -3.80 8.12 4.20
CA VAL B 735 -4.67 8.61 5.26
C VAL B 735 -4.83 7.54 6.32
N THR B 736 -4.62 7.91 7.58
CA THR B 736 -4.65 6.92 8.66
C THR B 736 -5.21 7.55 9.91
N GLY B 737 -5.92 6.73 10.70
CA GLY B 737 -6.38 7.14 12.02
C GLY B 737 -6.11 6.02 13.01
N SER B 738 -6.22 6.37 14.30
CA SER B 738 -5.85 5.40 15.33
C SER B 738 -6.95 4.36 15.57
N PRO B 739 -8.23 4.72 15.77
CA PRO B 739 -9.26 3.68 15.90
C PRO B 739 -9.94 3.39 14.58
N SER B 740 -9.35 3.88 13.49
CA SER B 740 -10.09 4.14 12.27
C SER B 740 -10.50 2.87 11.54
N PHE B 741 -11.52 3.03 10.68
CA PHE B 741 -12.04 1.96 9.83
C PHE B 741 -12.64 2.65 8.60
N PHE B 742 -11.87 2.72 7.52
CA PHE B 742 -12.28 3.48 6.35
C PHE B 742 -13.08 2.62 5.39
N VAL B 743 -14.16 3.18 4.85
CA VAL B 743 -14.96 2.48 3.85
C VAL B 743 -15.13 3.32 2.58
N GLY B 744 -15.74 4.49 2.70
CA GLY B 744 -16.11 5.25 1.52
C GLY B 744 -14.99 6.18 1.06
N ILE B 745 -14.91 6.37 -0.26
CA ILE B 745 -13.91 7.24 -0.86
C ILE B 745 -14.47 7.87 -2.12
N ASP B 746 -14.04 9.11 -2.38
CA ASP B 746 -14.14 9.76 -3.68
C ASP B 746 -13.11 10.88 -3.72
N PHE B 747 -13.13 11.69 -4.78
CA PHE B 747 -12.08 12.68 -4.95
C PHE B 747 -12.61 13.92 -5.63
N ASP B 748 -11.89 15.02 -5.44
CA ASP B 748 -12.17 16.32 -6.06
C ASP B 748 -10.86 16.81 -6.66
N ALA B 749 -10.62 16.44 -7.92
CA ALA B 749 -9.31 16.64 -8.55
C ALA B 749 -8.99 18.10 -8.80
N GLN B 750 -9.98 19.00 -8.78
CA GLN B 750 -9.67 20.42 -8.95
C GLN B 750 -8.88 20.94 -7.76
N HIS B 751 -9.28 20.57 -6.55
CA HIS B 751 -8.54 20.93 -5.34
C HIS B 751 -7.54 19.87 -4.93
N SER B 752 -7.43 18.79 -5.69
CA SER B 752 -6.55 17.66 -5.38
C SER B 752 -6.79 17.18 -3.95
N THR B 753 -8.05 16.82 -3.67
CA THR B 753 -8.46 16.33 -2.37
C THR B 753 -9.21 15.01 -2.53
N VAL B 754 -9.26 14.25 -1.44
CA VAL B 754 -9.99 12.99 -1.40
C VAL B 754 -10.95 13.03 -0.21
N PHE B 755 -12.18 12.61 -0.44
CA PHE B 755 -13.16 12.47 0.62
C PHE B 755 -13.18 11.03 1.11
N TYR B 756 -13.35 10.85 2.41
CA TYR B 756 -13.44 9.51 2.96
C TYR B 756 -14.29 9.55 4.22
N SER B 757 -14.84 8.40 4.57
CA SER B 757 -15.68 8.26 5.76
C SER B 757 -15.00 7.28 6.70
N ASP B 758 -14.79 7.70 7.94
CA ASP B 758 -14.25 6.83 8.96
C ASP B 758 -15.43 6.21 9.68
N LEU B 759 -15.76 4.97 9.32
CA LEU B 759 -16.91 4.30 9.90
C LEU B 759 -16.76 4.06 11.39
N SER B 760 -15.52 4.05 11.89
CA SER B 760 -15.30 3.91 13.33
C SER B 760 -15.61 5.21 14.07
N LYS B 761 -15.41 6.36 13.43
CA LYS B 761 -15.75 7.64 14.04
C LYS B 761 -17.14 8.11 13.65
N ASP B 762 -17.64 7.66 12.50
CA ASP B 762 -18.87 8.17 11.89
C ASP B 762 -18.70 9.66 11.52
N ILE B 763 -17.60 9.95 10.84
CA ILE B 763 -17.30 11.31 10.37
C ILE B 763 -16.80 11.21 8.93
N ILE B 764 -17.16 12.19 8.11
CA ILE B 764 -16.70 12.28 6.74
C ILE B 764 -15.68 13.40 6.65
N TYR B 765 -14.49 13.09 6.14
CA TYR B 765 -13.38 14.03 6.08
C TYR B 765 -13.06 14.38 4.64
N LYS B 766 -12.23 15.40 4.48
CA LYS B 766 -11.55 15.68 3.23
C LYS B 766 -10.09 15.98 3.53
N GLN B 767 -9.22 15.63 2.60
CA GLN B 767 -7.79 15.78 2.81
C GLN B 767 -7.09 15.92 1.47
N LYS B 768 -6.09 16.79 1.42
CA LYS B 768 -5.35 16.99 0.20
C LYS B 768 -4.46 15.79 -0.11
N ILE B 769 -3.95 15.75 -1.33
CA ILE B 769 -3.10 14.65 -1.75
C ILE B 769 -1.80 14.66 -0.96
N ASP B 770 -1.23 15.84 -0.73
CA ASP B 770 0.06 15.98 -0.07
C ASP B 770 0.00 15.73 1.43
N GLY B 771 -1.16 15.37 1.97
CA GLY B 771 -1.30 15.03 3.37
C GLY B 771 -1.80 16.15 4.25
N THR B 772 -1.81 17.39 3.77
CA THR B 772 -2.25 18.49 4.59
C THR B 772 -3.74 18.77 4.36
N GLY B 773 -4.28 19.67 5.18
CA GLY B 773 -5.62 20.17 4.95
C GLY B 773 -6.75 19.25 5.34
N LYS B 774 -6.54 18.38 6.34
CA LYS B 774 -7.64 17.55 6.81
C LYS B 774 -8.72 18.42 7.45
N GLU B 775 -9.96 18.23 7.01
CA GLU B 775 -11.09 18.98 7.54
C GLU B 775 -12.30 18.06 7.62
N VAL B 776 -13.22 18.41 8.51
CA VAL B 776 -14.43 17.62 8.69
C VAL B 776 -15.50 18.14 7.73
N ILE B 777 -16.02 17.25 6.89
CA ILE B 777 -17.11 17.62 6.00
C ILE B 777 -18.44 17.62 6.76
N THR B 778 -18.71 16.56 7.50
CA THR B 778 -19.89 16.50 8.34
C THR B 778 -19.70 15.40 9.38
N ALA B 779 -20.36 15.58 10.52
CA ALA B 779 -20.31 14.59 11.58
C ALA B 779 -21.65 14.37 12.28
N ASN B 780 -22.73 14.91 11.75
CA ASN B 780 -24.03 14.87 12.39
C ASN B 780 -24.94 13.88 11.67
N ARG B 781 -25.71 13.12 12.44
CA ARG B 781 -26.71 12.19 11.90
C ARG B 781 -26.08 11.21 10.92
N LEU B 782 -24.89 10.71 11.25
CA LEU B 782 -24.24 9.67 10.47
C LEU B 782 -24.21 8.40 11.28
N GLU B 783 -24.95 7.38 10.82
CA GLU B 783 -24.98 6.10 11.50
C GLU B 783 -23.93 5.14 10.96
N SER B 784 -23.97 4.85 9.66
CA SER B 784 -22.92 4.04 9.03
C SER B 784 -22.93 4.40 7.54
N VAL B 785 -21.99 5.24 7.13
CA VAL B 785 -21.84 5.65 5.73
C VAL B 785 -21.09 4.57 4.99
N GLU B 786 -21.76 3.91 4.03
CA GLU B 786 -21.15 2.78 3.35
C GLU B 786 -20.42 3.19 2.08
N CYS B 787 -20.86 4.25 1.41
CA CYS B 787 -20.24 4.64 0.15
C CYS B 787 -20.36 6.13 -0.04
N LEU B 788 -19.50 6.67 -0.90
CA LEU B 788 -19.48 8.08 -1.21
C LEU B 788 -19.35 8.26 -2.72
N THR B 789 -19.98 9.32 -3.22
CA THR B 789 -19.78 9.74 -4.60
C THR B 789 -19.91 11.25 -4.65
N PHE B 790 -19.23 11.85 -5.62
CA PHE B 790 -19.10 13.30 -5.70
C PHE B 790 -19.47 13.75 -7.10
N ASP B 791 -20.41 14.68 -7.18
CA ASP B 791 -20.78 15.32 -8.44
C ASP B 791 -19.84 16.51 -8.61
N TRP B 792 -18.82 16.36 -9.46
CA TRP B 792 -17.78 17.37 -9.55
C TRP B 792 -18.22 18.61 -10.31
N ILE B 793 -19.32 18.56 -11.05
CA ILE B 793 -19.78 19.73 -11.78
C ILE B 793 -20.66 20.62 -10.92
N SER B 794 -21.62 20.03 -10.22
CA SER B 794 -22.47 20.79 -9.31
C SER B 794 -21.89 20.90 -7.92
N ARG B 795 -20.78 20.23 -7.65
CA ARG B 795 -20.12 20.24 -6.35
C ARG B 795 -21.05 19.74 -5.24
N ASN B 796 -21.65 18.57 -5.46
CA ASN B 796 -22.51 17.92 -4.49
C ASN B 796 -21.87 16.61 -4.04
N LEU B 797 -22.03 16.28 -2.77
CA LEU B 797 -21.52 15.03 -2.21
C LEU B 797 -22.68 14.16 -1.77
N TYR B 798 -22.77 12.97 -2.34
CA TYR B 798 -23.80 12.00 -1.98
C TYR B 798 -23.17 10.88 -1.16
N TRP B 799 -23.96 10.28 -0.28
CA TRP B 799 -23.49 9.11 0.44
C TRP B 799 -24.69 8.27 0.88
N THR B 800 -24.46 6.97 0.98
CA THR B 800 -25.47 6.03 1.42
C THR B 800 -25.24 5.67 2.88
N ASP B 801 -26.31 5.64 3.65
CA ASP B 801 -26.24 5.32 5.08
C ASP B 801 -26.91 3.98 5.30
N GLY B 802 -26.14 2.99 5.75
CA GLY B 802 -26.72 1.69 6.04
C GLY B 802 -27.55 1.65 7.30
N GLY B 803 -27.27 2.55 8.25
CA GLY B 803 -28.00 2.57 9.50
C GLY B 803 -29.27 3.37 9.42
N LEU B 804 -29.23 4.49 8.69
CA LEU B 804 -30.44 5.26 8.44
C LEU B 804 -31.23 4.74 7.25
N LYS B 805 -30.68 3.81 6.48
CA LYS B 805 -31.34 3.26 5.30
C LYS B 805 -31.76 4.38 4.35
N SER B 806 -30.82 5.28 4.07
CA SER B 806 -31.11 6.48 3.32
C SER B 806 -29.84 6.99 2.64
N VAL B 807 -30.03 7.84 1.65
CA VAL B 807 -28.93 8.49 0.94
C VAL B 807 -29.11 10.00 1.06
N THR B 808 -28.04 10.69 1.44
CA THR B 808 -28.05 12.12 1.70
C THR B 808 -27.17 12.83 0.70
N VAL B 809 -27.59 14.03 0.29
CA VAL B 809 -26.81 14.89 -0.59
C VAL B 809 -26.45 16.15 0.18
N LEU B 810 -25.19 16.56 0.07
CA LEU B 810 -24.67 17.73 0.77
C LEU B 810 -23.88 18.57 -0.21
N ARG B 811 -24.10 19.88 -0.20
CA ARG B 811 -23.33 20.80 -1.05
C ARG B 811 -22.14 21.30 -0.25
N LEU B 812 -20.95 21.13 -0.82
CA LEU B 812 -19.74 21.54 -0.12
C LEU B 812 -19.66 23.06 0.02
N ALA B 813 -20.26 23.79 -0.93
CA ALA B 813 -20.17 25.24 -0.93
C ALA B 813 -20.84 25.88 0.29
N ASP B 814 -21.93 25.29 0.80
CA ASP B 814 -22.59 25.88 1.95
C ASP B 814 -22.98 24.88 3.03
N LYS B 815 -22.49 23.64 2.96
CA LYS B 815 -22.72 22.62 4.00
C LYS B 815 -24.20 22.37 4.27
N SER B 816 -25.07 22.67 3.32
CA SER B 816 -26.47 22.30 3.45
C SER B 816 -26.69 20.89 2.91
N ARG B 817 -27.68 20.20 3.47
CA ARG B 817 -27.89 18.80 3.16
C ARG B 817 -29.36 18.44 3.28
N ARG B 818 -29.72 17.30 2.66
CA ARG B 818 -31.08 16.79 2.72
C ARG B 818 -31.06 15.31 2.38
N GLN B 819 -31.96 14.55 2.99
CA GLN B 819 -32.18 13.15 2.62
C GLN B 819 -33.09 13.10 1.40
N ILE B 820 -32.61 12.53 0.29
CA ILE B 820 -33.38 12.51 -0.93
C ILE B 820 -34.06 11.17 -1.20
N ILE B 821 -33.58 10.09 -0.60
CA ILE B 821 -34.28 8.81 -0.59
C ILE B 821 -34.26 8.30 0.85
N SER B 822 -35.42 7.87 1.36
CA SER B 822 -35.59 7.74 2.79
C SER B 822 -35.77 6.32 3.31
N ASN B 823 -36.39 5.41 2.56
CA ASN B 823 -36.84 4.15 3.14
C ASN B 823 -36.31 2.95 2.37
N LEU B 824 -35.00 2.93 2.11
CA LEU B 824 -34.39 1.75 1.54
C LEU B 824 -34.26 0.66 2.59
N ASN B 825 -33.71 -0.48 2.20
CA ASN B 825 -33.51 -1.60 3.10
C ASN B 825 -32.04 -1.78 3.48
N ASN B 826 -31.16 -1.94 2.49
CA ASN B 826 -29.72 -2.03 2.73
C ASN B 826 -28.99 -1.39 1.57
N PRO B 827 -29.05 -0.07 1.45
CA PRO B 827 -28.32 0.59 0.35
C PRO B 827 -26.83 0.50 0.59
N ARG B 828 -26.10 0.10 -0.46
CA ARG B 828 -24.67 -0.10 -0.30
C ARG B 828 -23.85 0.86 -1.13
N SER B 829 -24.02 0.84 -2.44
CA SER B 829 -23.17 1.65 -3.31
C SER B 829 -24.00 2.72 -4.01
N ILE B 830 -23.31 3.72 -4.54
CA ILE B 830 -23.98 4.84 -5.21
C ILE B 830 -22.99 5.49 -6.15
N VAL B 831 -23.48 5.86 -7.34
CA VAL B 831 -22.70 6.59 -8.33
C VAL B 831 -23.60 7.67 -8.93
N VAL B 832 -22.99 8.80 -9.27
CA VAL B 832 -23.71 9.91 -9.92
C VAL B 832 -23.05 10.21 -11.25
N HIS B 833 -23.88 10.46 -12.27
CA HIS B 833 -23.42 10.80 -13.61
C HIS B 833 -23.79 12.25 -13.87
N PRO B 834 -22.86 13.18 -13.67
CA PRO B 834 -23.22 14.61 -13.75
C PRO B 834 -23.77 15.04 -15.09
N THR B 835 -23.22 14.54 -16.19
CA THR B 835 -23.70 14.97 -17.50
C THR B 835 -25.01 14.30 -17.87
N ALA B 836 -25.14 13.00 -17.59
CA ALA B 836 -26.39 12.30 -17.86
C ALA B 836 -27.46 12.63 -16.83
N GLY B 837 -27.07 13.14 -15.66
CA GLY B 837 -28.05 13.56 -14.68
C GLY B 837 -28.72 12.44 -13.91
N TYR B 838 -28.12 11.26 -13.88
CA TYR B 838 -28.67 10.13 -13.14
C TYR B 838 -27.84 9.85 -11.90
N MET B 839 -28.42 9.07 -10.99
CA MET B 839 -27.66 8.37 -9.97
C MET B 839 -28.14 6.93 -9.90
N PHE B 840 -27.25 6.04 -9.49
CA PHE B 840 -27.54 4.62 -9.40
C PHE B 840 -27.09 4.11 -8.04
N LEU B 841 -27.95 3.37 -7.35
CA LEU B 841 -27.60 2.82 -6.06
C LEU B 841 -28.07 1.37 -5.97
N SER B 842 -27.44 0.62 -5.07
CA SER B 842 -27.68 -0.81 -4.94
C SER B 842 -28.29 -1.12 -3.59
N ASP B 843 -29.34 -1.94 -3.60
CA ASP B 843 -29.97 -2.44 -2.38
C ASP B 843 -29.95 -3.97 -2.45
N TRP B 844 -29.28 -4.59 -1.48
CA TRP B 844 -29.05 -6.04 -1.52
C TRP B 844 -29.94 -6.81 -0.55
N PHE B 845 -30.99 -6.20 -0.04
CA PHE B 845 -32.00 -6.96 0.68
C PHE B 845 -32.61 -7.99 -0.25
N ARG B 846 -33.13 -9.08 0.33
CA ARG B 846 -33.46 -10.33 -0.37
C ARG B 846 -34.03 -10.08 -1.78
N PRO B 847 -35.09 -9.28 -1.95
CA PRO B 847 -35.45 -8.91 -3.33
C PRO B 847 -34.48 -7.87 -3.88
N ALA B 848 -33.25 -8.29 -4.13
CA ALA B 848 -32.17 -7.35 -4.46
C ALA B 848 -32.43 -6.65 -5.78
N LYS B 849 -32.08 -5.37 -5.83
CA LYS B 849 -32.33 -4.56 -7.01
C LYS B 849 -31.29 -3.46 -7.11
N ILE B 850 -31.09 -2.96 -8.32
CA ILE B 850 -30.28 -1.80 -8.59
C ILE B 850 -31.20 -0.72 -9.15
N MET B 851 -31.22 0.44 -8.52
CA MET B 851 -32.20 1.46 -8.82
C MET B 851 -31.52 2.66 -9.46
N ARG B 852 -32.29 3.38 -10.28
CA ARG B 852 -31.84 4.59 -10.93
C ARG B 852 -32.79 5.72 -10.58
N ALA B 853 -32.23 6.92 -10.47
CA ALA B 853 -33.01 8.11 -10.18
C ALA B 853 -32.32 9.33 -10.77
N TRP B 854 -33.08 10.41 -10.90
CA TRP B 854 -32.48 11.68 -11.24
C TRP B 854 -31.54 12.12 -10.12
N SER B 855 -30.54 12.91 -10.48
CA SER B 855 -29.58 13.37 -9.47
C SER B 855 -30.25 14.12 -8.34
N ASP B 856 -31.47 14.62 -8.56
CA ASP B 856 -32.29 15.17 -7.50
C ASP B 856 -32.64 14.11 -6.46
N GLY B 857 -32.73 12.85 -6.86
CA GLY B 857 -33.25 11.81 -6.00
C GLY B 857 -34.69 11.44 -6.26
N SER B 858 -35.35 12.11 -7.20
CA SER B 858 -36.70 11.79 -7.62
C SER B 858 -36.68 10.78 -8.76
N HIS B 859 -37.87 10.37 -9.19
CA HIS B 859 -38.02 9.40 -10.27
C HIS B 859 -37.30 8.10 -9.98
N LEU B 860 -37.31 7.69 -8.71
CA LEU B 860 -36.63 6.46 -8.32
C LEU B 860 -37.35 5.25 -8.92
N MET B 861 -36.60 4.36 -9.55
CA MET B 861 -37.17 3.20 -10.21
C MET B 861 -36.13 2.10 -10.29
N PRO B 862 -36.51 0.85 -10.10
CA PRO B 862 -35.58 -0.25 -10.34
C PRO B 862 -35.27 -0.38 -11.82
N ILE B 863 -34.05 -0.81 -12.13
CA ILE B 863 -33.65 -1.00 -13.53
C ILE B 863 -33.02 -2.37 -13.69
N VAL B 864 -32.60 -2.98 -12.59
CA VAL B 864 -32.09 -4.35 -12.58
C VAL B 864 -32.67 -5.05 -11.36
N ASN B 865 -33.60 -5.96 -11.58
CA ASN B 865 -34.19 -6.68 -10.46
C ASN B 865 -34.40 -8.16 -10.77
N THR B 866 -33.58 -8.72 -11.66
CA THR B 866 -33.66 -10.14 -11.97
C THR B 866 -32.27 -10.73 -11.95
N SER B 867 -32.15 -11.90 -11.33
CA SER B 867 -30.88 -12.62 -11.19
C SER B 867 -29.85 -11.76 -10.47
N LEU B 868 -30.21 -11.33 -9.26
CA LEU B 868 -29.33 -10.53 -8.43
C LEU B 868 -29.25 -11.10 -7.03
N GLY B 869 -28.04 -11.21 -6.52
CA GLY B 869 -27.82 -11.48 -5.11
C GLY B 869 -26.61 -10.74 -4.61
N TRP B 870 -26.79 -9.87 -3.62
CA TRP B 870 -25.73 -9.04 -3.08
C TRP B 870 -25.02 -8.25 -4.17
N PRO B 871 -25.65 -7.23 -4.75
CA PRO B 871 -24.95 -6.34 -5.70
C PRO B 871 -24.10 -5.30 -4.99
N ASN B 872 -22.89 -5.71 -4.58
CA ASN B 872 -22.11 -4.90 -3.66
C ASN B 872 -21.64 -3.59 -4.28
N GLY B 873 -21.05 -3.65 -5.48
CA GLY B 873 -20.36 -2.50 -6.05
C GLY B 873 -21.02 -2.01 -7.32
N LEU B 874 -20.85 -0.71 -7.59
CA LEU B 874 -21.30 -0.08 -8.82
C LEU B 874 -20.16 0.73 -9.41
N ALA B 875 -20.21 0.91 -10.73
CA ALA B 875 -19.24 1.72 -11.43
C ALA B 875 -19.85 2.17 -12.74
N ILE B 876 -19.23 3.18 -13.34
CA ILE B 876 -19.66 3.73 -14.62
C ILE B 876 -18.47 3.71 -15.57
N ASP B 877 -18.70 3.23 -16.79
CA ASP B 877 -17.69 3.25 -17.84
C ASP B 877 -17.89 4.54 -18.62
N TRP B 878 -17.15 5.58 -18.24
CA TRP B 878 -17.38 6.91 -18.78
C TRP B 878 -17.15 6.99 -20.28
N SER B 879 -16.25 6.17 -20.82
CA SER B 879 -16.02 6.18 -22.26
C SER B 879 -17.23 5.66 -23.02
N ALA B 880 -17.83 4.56 -22.56
CA ALA B 880 -18.94 3.95 -23.27
C ALA B 880 -20.29 4.28 -22.67
N SER B 881 -20.33 4.94 -21.51
CA SER B 881 -21.58 5.27 -20.82
C SER B 881 -22.38 4.02 -20.50
N ARG B 882 -21.75 3.13 -19.74
CA ARG B 882 -22.32 1.84 -19.40
C ARG B 882 -22.16 1.60 -17.89
N LEU B 883 -23.23 1.18 -17.24
CA LEU B 883 -23.20 0.90 -15.81
C LEU B 883 -22.67 -0.51 -15.57
N TYR B 884 -21.73 -0.61 -14.63
CA TYR B 884 -21.17 -1.89 -14.22
C TYR B 884 -21.55 -2.17 -12.78
N TRP B 885 -21.87 -3.43 -12.49
CA TRP B 885 -22.09 -3.88 -11.13
C TRP B 885 -21.43 -5.24 -10.96
N VAL B 886 -21.50 -5.76 -9.75
CA VAL B 886 -20.85 -7.02 -9.42
C VAL B 886 -21.60 -7.68 -8.27
N ASP B 887 -21.76 -9.00 -8.35
CA ASP B 887 -22.51 -9.76 -7.36
C ASP B 887 -21.55 -10.53 -6.47
N ALA B 888 -21.91 -10.68 -5.20
CA ALA B 888 -21.16 -11.51 -4.27
C ALA B 888 -21.84 -12.83 -3.99
N PHE B 889 -23.10 -12.99 -4.40
CA PHE B 889 -23.81 -14.25 -4.25
C PHE B 889 -23.57 -15.16 -5.45
N PHE B 890 -23.75 -14.64 -6.66
CA PHE B 890 -23.49 -15.39 -7.88
C PHE B 890 -22.08 -15.18 -8.39
N ASP B 891 -21.33 -14.23 -7.83
CA ASP B 891 -19.92 -14.00 -8.16
C ASP B 891 -19.74 -13.70 -9.66
N LYS B 892 -20.48 -12.73 -10.17
CA LYS B 892 -20.41 -12.36 -11.58
C LYS B 892 -20.31 -10.85 -11.72
N ILE B 893 -19.61 -10.43 -12.76
CA ILE B 893 -19.55 -9.02 -13.15
C ILE B 893 -20.47 -8.81 -14.34
N GLU B 894 -21.31 -7.77 -14.25
CA GLU B 894 -22.26 -7.49 -15.32
C GLU B 894 -22.18 -6.02 -15.66
N HIS B 895 -22.56 -5.70 -16.89
CA HIS B 895 -22.61 -4.32 -17.33
C HIS B 895 -23.79 -4.15 -18.29
N SER B 896 -24.29 -2.92 -18.35
CA SER B 896 -25.48 -2.65 -19.13
C SER B 896 -25.53 -1.17 -19.46
N THR B 897 -26.48 -0.81 -20.31
CA THR B 897 -26.74 0.59 -20.58
C THR B 897 -27.37 1.23 -19.34
N LEU B 898 -27.36 2.57 -19.32
CA LEU B 898 -27.85 3.29 -18.16
C LEU B 898 -29.34 3.08 -17.91
N ASP B 899 -30.07 2.54 -18.88
CA ASP B 899 -31.48 2.20 -18.68
C ASP B 899 -31.67 0.79 -18.13
N GLY B 900 -30.59 0.05 -17.92
CA GLY B 900 -30.70 -1.35 -17.55
C GLY B 900 -30.86 -2.30 -18.71
N LEU B 901 -30.94 -1.80 -19.93
CA LEU B 901 -31.07 -2.66 -21.10
C LEU B 901 -29.69 -3.15 -21.54
N ASP B 902 -29.69 -4.04 -22.53
CA ASP B 902 -28.45 -4.55 -23.13
C ASP B 902 -27.55 -5.17 -22.07
N ARG B 903 -28.14 -5.94 -21.17
CA ARG B 903 -27.39 -6.51 -20.07
C ARG B 903 -26.44 -7.60 -20.57
N LYS B 904 -25.19 -7.54 -20.13
CA LYS B 904 -24.17 -8.51 -20.51
C LYS B 904 -23.44 -8.95 -19.26
N ARG B 905 -22.78 -10.11 -19.37
CA ARG B 905 -22.07 -10.71 -18.25
C ARG B 905 -20.66 -11.07 -18.68
N LEU B 906 -19.68 -10.70 -17.88
CA LEU B 906 -18.30 -11.00 -18.21
C LEU B 906 -17.99 -12.46 -17.88
N GLY B 907 -16.89 -12.94 -18.44
CA GLY B 907 -16.49 -14.32 -18.22
C GLY B 907 -16.04 -14.57 -16.80
N HIS B 908 -15.79 -15.85 -16.51
CA HIS B 908 -15.38 -16.25 -15.18
C HIS B 908 -14.04 -15.63 -14.82
N VAL B 909 -13.94 -15.11 -13.60
CA VAL B 909 -12.70 -14.62 -13.03
C VAL B 909 -12.23 -15.66 -12.03
N ASP B 910 -10.98 -16.09 -12.17
CA ASP B 910 -10.48 -17.33 -11.58
C ASP B 910 -10.87 -17.55 -10.12
N GLN B 911 -10.40 -16.68 -9.22
CA GLN B 911 -10.56 -16.90 -7.79
C GLN B 911 -11.49 -15.91 -7.13
N MET B 912 -12.17 -15.07 -7.90
CA MET B 912 -13.11 -14.11 -7.34
C MET B 912 -14.29 -14.82 -6.72
N THR B 913 -14.48 -14.65 -5.41
CA THR B 913 -15.60 -15.31 -4.75
C THR B 913 -16.42 -14.41 -3.83
N HIS B 914 -15.91 -13.25 -3.42
CA HIS B 914 -16.73 -12.24 -2.73
C HIS B 914 -16.22 -10.85 -3.11
N PRO B 915 -16.56 -10.39 -4.31
CA PRO B 915 -16.14 -9.05 -4.73
C PRO B 915 -17.01 -7.96 -4.13
N PHE B 916 -16.39 -6.98 -3.48
CA PHE B 916 -17.13 -5.91 -2.83
C PHE B 916 -17.24 -4.66 -3.70
N GLY B 917 -16.12 -4.07 -4.07
CA GLY B 917 -16.17 -2.85 -4.84
C GLY B 917 -15.39 -2.96 -6.14
N LEU B 918 -15.77 -2.12 -7.10
CA LEU B 918 -15.12 -2.14 -8.40
C LEU B 918 -15.07 -0.72 -8.97
N THR B 919 -14.14 -0.53 -9.91
CA THR B 919 -14.04 0.71 -10.65
C THR B 919 -13.52 0.39 -12.05
N VAL B 920 -13.86 1.25 -13.00
CA VAL B 920 -13.51 1.05 -14.40
C VAL B 920 -12.59 2.18 -14.83
N PHE B 921 -11.42 1.83 -15.36
CA PHE B 921 -10.46 2.81 -15.85
C PHE B 921 -9.87 2.30 -17.14
N LYS B 922 -9.88 3.14 -18.17
CA LYS B 922 -9.40 2.79 -19.52
C LYS B 922 -10.16 1.54 -19.96
N ASP B 923 -9.49 0.45 -20.31
CA ASP B 923 -10.14 -0.78 -20.74
C ASP B 923 -10.05 -1.88 -19.69
N ASN B 924 -9.93 -1.53 -18.42
CA ASN B 924 -9.72 -2.50 -17.36
C ASN B 924 -10.74 -2.29 -16.23
N VAL B 925 -10.99 -3.36 -15.48
CA VAL B 925 -11.87 -3.33 -14.32
C VAL B 925 -11.06 -3.74 -13.10
N PHE B 926 -10.99 -2.87 -12.10
CA PHE B 926 -10.31 -3.13 -10.85
C PHE B 926 -11.35 -3.45 -9.79
N ILE B 927 -11.19 -4.59 -9.12
CA ILE B 927 -12.17 -5.06 -8.16
C ILE B 927 -11.47 -5.44 -6.86
N THR B 928 -12.11 -5.14 -5.74
CA THR B 928 -11.66 -5.59 -4.44
C THR B 928 -12.44 -6.82 -4.01
N ASP B 929 -11.74 -7.83 -3.51
CA ASP B 929 -12.37 -9.07 -3.08
C ASP B 929 -12.16 -9.24 -1.58
N TRP B 930 -13.26 -9.46 -0.86
CA TRP B 930 -13.17 -9.59 0.59
C TRP B 930 -12.48 -10.90 0.99
N ARG B 931 -12.90 -12.02 0.41
CA ARG B 931 -12.31 -13.30 0.80
C ARG B 931 -10.84 -13.39 0.40
N LEU B 932 -10.49 -12.90 -0.79
CA LEU B 932 -9.10 -12.87 -1.20
C LEU B 932 -8.30 -11.85 -0.38
N GLY B 933 -8.92 -10.75 0.00
CA GLY B 933 -8.19 -9.66 0.62
C GLY B 933 -7.18 -9.07 -0.35
N ALA B 934 -7.65 -8.73 -1.55
CA ALA B 934 -6.74 -8.31 -2.61
C ALA B 934 -7.47 -7.39 -3.57
N ILE B 935 -6.69 -6.81 -4.49
CA ILE B 935 -7.22 -6.04 -5.61
C ILE B 935 -6.81 -6.75 -6.89
N ILE B 936 -7.79 -7.08 -7.73
CA ILE B 936 -7.54 -7.79 -8.96
C ILE B 936 -8.01 -6.94 -10.13
N ARG B 937 -7.38 -7.12 -11.28
CA ARG B 937 -7.65 -6.32 -12.46
C ARG B 937 -7.92 -7.22 -13.65
N VAL B 938 -9.01 -6.94 -14.38
CA VAL B 938 -9.43 -7.73 -15.53
C VAL B 938 -9.81 -6.78 -16.65
N ARG B 939 -9.86 -7.33 -17.87
CA ARG B 939 -10.33 -6.55 -19.01
C ARG B 939 -11.83 -6.29 -18.88
N LYS B 940 -12.25 -5.12 -19.35
CA LYS B 940 -13.67 -4.77 -19.30
C LYS B 940 -14.43 -5.33 -20.49
N SER B 941 -13.75 -5.79 -21.53
CA SER B 941 -14.44 -6.34 -22.69
C SER B 941 -15.01 -7.72 -22.40
N ASP B 942 -14.25 -8.56 -21.70
CA ASP B 942 -14.63 -9.94 -21.46
C ASP B 942 -14.10 -10.35 -20.09
N GLY B 943 -14.03 -11.66 -19.84
CA GLY B 943 -13.58 -12.14 -18.55
C GLY B 943 -12.22 -11.59 -18.14
N GLY B 944 -11.33 -11.38 -19.10
CA GLY B 944 -10.05 -10.76 -18.83
C GLY B 944 -9.05 -11.72 -18.19
N ASP B 945 -7.84 -11.20 -18.02
CA ASP B 945 -6.73 -11.93 -17.41
C ASP B 945 -6.50 -11.35 -16.02
N MET B 946 -6.84 -12.11 -14.99
CA MET B 946 -6.75 -11.60 -13.63
C MET B 946 -5.31 -11.26 -13.27
N THR B 947 -5.10 -10.02 -12.86
CA THR B 947 -3.80 -9.53 -12.40
C THR B 947 -3.97 -8.98 -11.00
N VAL B 948 -3.25 -9.54 -10.03
CA VAL B 948 -3.39 -9.15 -8.64
C VAL B 948 -2.55 -7.91 -8.41
N ILE B 949 -3.21 -6.75 -8.33
CA ILE B 949 -2.49 -5.49 -8.10
C ILE B 949 -1.90 -5.47 -6.69
N ARG B 950 -2.73 -5.73 -5.69
CA ARG B 950 -2.29 -5.77 -4.30
C ARG B 950 -2.86 -7.02 -3.65
N ARG B 951 -2.20 -7.49 -2.59
CA ARG B 951 -2.58 -8.74 -1.97
C ARG B 951 -2.37 -8.65 -0.46
N GLY B 952 -3.08 -9.50 0.28
CA GLY B 952 -2.93 -9.54 1.72
C GLY B 952 -3.22 -8.23 2.41
N ILE B 953 -4.32 -7.59 2.07
CA ILE B 953 -4.49 -6.17 2.33
C ILE B 953 -5.58 -5.96 3.37
N SER B 954 -5.74 -6.94 4.25
CA SER B 954 -6.59 -6.81 5.44
C SER B 954 -8.05 -6.62 5.00
N SER B 955 -8.81 -5.85 5.77
CA SER B 955 -10.22 -5.62 5.48
C SER B 955 -10.32 -4.56 4.38
N VAL B 956 -10.17 -5.04 3.14
CA VAL B 956 -10.18 -4.14 1.99
C VAL B 956 -11.60 -3.64 1.75
N MET B 957 -11.70 -2.46 1.14
CA MET B 957 -12.99 -1.81 0.90
C MET B 957 -12.98 -1.16 -0.48
N HIS B 958 -13.88 -0.21 -0.69
CA HIS B 958 -14.10 0.45 -1.97
C HIS B 958 -12.79 0.82 -2.65
N VAL B 959 -12.79 0.72 -3.98
CA VAL B 959 -11.68 1.14 -4.82
C VAL B 959 -12.21 2.15 -5.82
N LYS B 960 -11.44 3.19 -6.07
CA LYS B 960 -11.89 4.28 -6.95
C LYS B 960 -10.71 4.76 -7.77
N ALA B 961 -10.96 5.11 -9.02
CA ALA B 961 -9.88 5.58 -9.89
C ALA B 961 -9.82 7.10 -9.86
N TYR B 962 -8.85 7.66 -9.14
CA TYR B 962 -8.62 9.09 -9.19
C TYR B 962 -8.22 9.49 -10.61
N ASP B 963 -8.83 10.56 -11.11
CA ASP B 963 -8.61 10.93 -12.51
C ASP B 963 -8.90 12.41 -12.66
N ALA B 964 -7.84 13.20 -12.89
CA ALA B 964 -8.03 14.63 -13.11
C ALA B 964 -8.70 14.94 -14.44
N ASP B 965 -8.49 14.10 -15.44
CA ASP B 965 -9.10 14.32 -16.76
C ASP B 965 -10.60 14.03 -16.72
N LEU B 966 -11.02 13.08 -15.89
CA LEU B 966 -12.43 12.71 -15.85
C LEU B 966 -13.31 13.85 -15.35
N GLN B 967 -12.79 14.64 -14.41
CA GLN B 967 -13.59 15.66 -13.75
C GLN B 967 -13.63 16.97 -14.52
N THR B 968 -13.45 16.93 -15.82
CA THR B 968 -13.60 18.10 -16.68
C THR B 968 -14.94 18.01 -17.41
N GLY B 969 -15.74 19.05 -17.29
CA GLY B 969 -17.04 19.08 -17.93
C GLY B 969 -17.88 20.20 -17.37
N SER B 970 -19.09 20.31 -17.92
CA SER B 970 -20.02 21.32 -17.46
C SER B 970 -21.43 20.93 -17.86
N ASN B 971 -22.40 21.54 -17.18
CA ASN B 971 -23.81 21.40 -17.52
C ASN B 971 -24.50 22.70 -17.15
N TYR B 972 -25.82 22.71 -17.22
CA TYR B 972 -26.55 23.92 -16.86
C TYR B 972 -26.44 24.28 -15.40
N CYS B 973 -25.69 23.50 -14.61
CA CYS B 973 -25.43 23.82 -13.21
C CYS B 973 -24.11 24.55 -13.00
N SER B 974 -23.25 24.64 -14.03
CA SER B 974 -21.94 25.24 -13.85
C SER B 974 -21.55 26.16 -15.00
N GLN B 975 -22.52 26.77 -15.70
CA GLN B 975 -22.19 27.69 -16.77
C GLN B 975 -21.49 28.92 -16.19
N THR B 976 -20.48 29.41 -16.91
CA THR B 976 -19.66 30.50 -16.41
C THR B 976 -20.43 31.81 -16.29
N THR B 977 -21.50 31.99 -17.06
CA THR B 977 -22.19 33.27 -17.12
C THR B 977 -23.19 33.47 -15.99
N HIS B 978 -23.79 32.40 -15.47
CA HIS B 978 -24.72 32.50 -14.35
C HIS B 978 -24.48 31.32 -13.43
N ALA B 979 -24.18 31.60 -12.16
CA ALA B 979 -23.67 30.59 -11.26
C ALA B 979 -24.78 29.68 -10.76
N ASN B 980 -24.41 28.43 -10.48
CA ASN B 980 -25.24 27.49 -9.72
C ASN B 980 -26.58 27.22 -10.40
N GLY B 981 -26.67 27.45 -11.70
CA GLY B 981 -27.94 27.29 -12.37
C GLY B 981 -29.03 28.19 -11.85
N ASP B 982 -28.67 29.34 -11.27
CA ASP B 982 -29.60 30.31 -10.73
C ASP B 982 -30.42 29.76 -9.57
N CYS B 983 -30.12 28.53 -9.15
CA CYS B 983 -30.77 27.98 -7.97
C CYS B 983 -30.21 28.63 -6.71
N SER B 984 -31.00 28.57 -5.63
CA SER B 984 -30.60 29.22 -4.40
C SER B 984 -29.55 28.40 -3.65
N HIS B 985 -29.85 27.14 -3.31
CA HIS B 985 -28.94 26.33 -2.54
C HIS B 985 -28.48 25.14 -3.35
N PHE B 986 -29.39 24.28 -3.80
CA PHE B 986 -29.02 23.08 -4.54
C PHE B 986 -29.43 23.20 -5.99
N CYS B 987 -28.58 22.73 -6.89
CA CYS B 987 -28.97 22.50 -8.27
C CYS B 987 -28.53 21.10 -8.68
N PHE B 988 -29.45 20.37 -9.30
CA PHE B 988 -29.23 18.97 -9.63
C PHE B 988 -29.34 18.77 -11.13
N PRO B 989 -28.35 18.14 -11.77
CA PRO B 989 -28.50 17.80 -13.18
C PRO B 989 -29.63 16.81 -13.39
N VAL B 990 -30.30 16.94 -14.52
CA VAL B 990 -31.45 16.11 -14.85
C VAL B 990 -31.23 15.56 -16.26
N PRO B 991 -31.67 14.35 -16.57
CA PRO B 991 -31.46 13.80 -17.91
C PRO B 991 -32.11 14.69 -18.97
N ASN B 992 -31.54 14.61 -20.18
CA ASN B 992 -31.90 15.48 -21.30
C ASN B 992 -31.42 16.91 -21.06
N PHE B 993 -30.22 17.02 -20.47
CA PHE B 993 -29.47 18.26 -20.39
C PHE B 993 -30.29 19.40 -19.79
N GLN B 994 -30.67 19.22 -18.53
CA GLN B 994 -31.46 20.20 -17.82
C GLN B 994 -31.02 20.25 -16.37
N ARG B 995 -31.65 21.14 -15.60
CA ARG B 995 -31.32 21.34 -14.20
C ARG B 995 -32.59 21.46 -13.38
N VAL B 996 -32.49 21.10 -12.10
CA VAL B 996 -33.59 21.17 -11.15
C VAL B 996 -33.04 21.71 -9.84
N CYS B 997 -33.71 22.71 -9.29
CA CYS B 997 -33.25 23.31 -8.04
C CYS B 997 -33.73 22.50 -6.84
N GLY B 998 -32.98 22.61 -5.75
CA GLY B 998 -33.31 21.91 -4.53
C GLY B 998 -33.06 22.80 -3.32
N CYS B 999 -33.66 22.40 -2.20
CA CYS B 999 -33.57 23.21 -1.00
C CYS B 999 -33.00 22.40 0.16
N PRO B 1000 -32.34 23.06 1.11
CA PRO B 1000 -31.92 22.36 2.33
C PRO B 1000 -33.12 21.93 3.16
N TYR B 1001 -32.83 21.21 4.23
CA TYR B 1001 -33.89 20.73 5.12
C TYR B 1001 -34.61 21.91 5.74
N GLY B 1002 -35.92 21.77 5.97
CA GLY B 1002 -36.68 22.84 6.58
C GLY B 1002 -36.96 24.02 5.68
N MET B 1003 -36.72 23.90 4.38
CA MET B 1003 -36.94 24.99 3.45
C MET B 1003 -37.61 24.45 2.19
N LYS B 1004 -38.46 25.27 1.60
CA LYS B 1004 -39.23 24.89 0.43
C LYS B 1004 -38.90 25.83 -0.73
N LEU B 1005 -39.16 25.34 -1.94
CA LEU B 1005 -38.99 26.16 -3.14
C LEU B 1005 -40.22 27.04 -3.31
N GLN B 1006 -40.01 28.35 -3.32
CA GLN B 1006 -41.13 29.27 -3.46
C GLN B 1006 -41.64 29.27 -4.91
N ARG B 1007 -42.58 30.18 -5.20
CA ARG B 1007 -43.23 30.26 -6.50
C ARG B 1007 -42.23 30.23 -7.65
N ASP B 1008 -41.10 30.90 -7.47
CA ASP B 1008 -40.09 31.02 -8.52
C ASP B 1008 -39.51 29.67 -8.94
N GLN B 1009 -39.58 28.65 -8.09
CA GLN B 1009 -38.96 27.34 -8.27
C GLN B 1009 -37.44 27.40 -8.20
N MET B 1010 -36.87 28.54 -7.79
CA MET B 1010 -35.43 28.71 -7.78
C MET B 1010 -34.93 29.24 -6.43
N THR B 1011 -35.80 29.92 -5.70
CA THR B 1011 -35.45 30.50 -4.40
C THR B 1011 -36.11 29.70 -3.28
N CYS B 1012 -35.36 29.47 -2.21
CA CYS B 1012 -35.81 28.67 -1.09
C CYS B 1012 -36.27 29.58 0.06
N GLU B 1013 -37.47 29.33 0.56
CA GLU B 1013 -37.97 30.02 1.74
C GLU B 1013 -38.17 29.03 2.87
N GLY B 1014 -37.87 29.48 4.09
CA GLY B 1014 -38.01 28.63 5.25
C GLY B 1014 -39.43 28.18 5.50
N ASP B 1015 -39.63 26.89 5.73
CA ASP B 1015 -40.93 26.34 6.08
C ASP B 1015 -40.80 25.46 7.33
N PRO B 1016 -40.78 26.07 8.51
CA PRO B 1016 -40.78 25.28 9.75
C PRO B 1016 -42.06 24.50 9.96
N ALA B 1017 -43.15 24.83 9.26
CA ALA B 1017 -44.41 24.14 9.47
C ALA B 1017 -44.33 22.68 9.03
N ARG B 1018 -43.85 22.42 7.82
CA ARG B 1018 -43.77 21.06 7.32
C ARG B 1018 -42.52 20.35 7.83
N GLU B 1019 -41.42 21.09 8.00
CA GLU B 1019 -40.16 20.52 8.47
C GLU B 1019 -39.62 21.42 9.58
N PRO B 1020 -39.99 21.14 10.84
CA PRO B 1020 -39.59 22.02 11.92
C PRO B 1020 -38.09 21.97 12.12
N PRO B 1021 -37.49 23.08 12.56
CA PRO B 1021 -36.06 23.05 12.88
C PRO B 1021 -35.77 22.13 14.05
N THR B 1022 -34.58 21.53 14.03
CA THR B 1022 -34.20 20.54 15.01
C THR B 1022 -32.89 20.93 15.67
N GLN B 1023 -32.61 20.29 16.80
CA GLN B 1023 -31.37 20.49 17.53
C GLN B 1023 -30.35 19.44 17.13
N GLN B 1024 -29.12 19.59 17.65
CA GLN B 1024 -28.05 18.67 17.29
C GLN B 1024 -28.40 17.24 17.66
N CYS B 1025 -28.91 17.03 18.87
CA CYS B 1025 -29.32 15.70 19.30
C CYS B 1025 -30.22 15.84 20.52
N GLY B 1026 -30.71 14.71 21.00
CA GLY B 1026 -31.73 14.70 22.04
C GLY B 1026 -31.23 15.22 23.36
N SER B 1027 -32.15 15.29 24.31
CA SER B 1027 -31.86 15.84 25.63
C SER B 1027 -30.94 14.94 26.46
N LEU B 1028 -30.79 13.67 26.07
CA LEU B 1028 -30.05 12.72 26.89
C LEU B 1028 -28.55 12.74 26.62
N SER B 1029 -28.06 13.56 25.69
CA SER B 1029 -26.68 13.49 25.25
C SER B 1029 -26.08 14.89 25.12
N PHE B 1030 -24.75 14.92 25.04
CA PHE B 1030 -24.00 16.16 25.00
C PHE B 1030 -23.56 16.46 23.58
N PRO B 1031 -23.99 17.58 22.98
CA PRO B 1031 -23.54 17.92 21.63
C PRO B 1031 -22.14 18.51 21.65
N CYS B 1032 -21.25 17.95 20.84
CA CYS B 1032 -19.89 18.44 20.77
C CYS B 1032 -19.86 19.81 20.07
N ASN B 1033 -18.66 20.38 20.00
CA ASN B 1033 -18.45 21.63 19.28
C ASN B 1033 -18.10 21.33 17.84
N ASN B 1034 -18.49 20.15 17.37
CA ASN B 1034 -18.05 19.62 16.09
C ASN B 1034 -19.25 19.21 15.23
N GLY B 1035 -20.42 19.17 15.84
CA GLY B 1035 -21.62 18.66 15.21
C GLY B 1035 -21.96 17.24 15.63
N LYS B 1036 -20.96 16.46 16.01
CA LYS B 1036 -21.20 15.12 16.52
C LYS B 1036 -21.84 15.20 17.89
N CYS B 1037 -22.54 14.12 18.27
CA CYS B 1037 -23.19 14.04 19.57
C CYS B 1037 -22.73 12.78 20.29
N VAL B 1038 -22.46 12.91 21.57
CA VAL B 1038 -21.97 11.79 22.38
C VAL B 1038 -22.80 11.71 23.66
N PRO B 1039 -22.89 10.52 24.26
CA PRO B 1039 -23.67 10.37 25.48
C PRO B 1039 -23.15 11.25 26.60
N SER B 1040 -24.07 11.71 27.45
CA SER B 1040 -23.68 12.58 28.57
C SER B 1040 -22.73 11.89 29.54
N PHE B 1041 -22.71 10.55 29.55
CA PHE B 1041 -21.79 9.85 30.42
C PHE B 1041 -20.35 10.00 29.95
N PHE B 1042 -20.14 10.25 28.66
CA PHE B 1042 -18.79 10.39 28.12
C PHE B 1042 -18.19 11.76 28.37
N ARG B 1043 -18.98 12.73 28.81
CA ARG B 1043 -18.46 14.07 29.04
C ARG B 1043 -17.58 14.08 30.29
N CYS B 1044 -16.38 14.65 30.15
CA CYS B 1044 -15.41 14.74 31.23
C CYS B 1044 -15.08 13.37 31.83
N ASP B 1045 -14.94 12.35 30.98
CA ASP B 1045 -14.48 11.05 31.44
C ASP B 1045 -12.97 10.86 31.26
N GLY B 1046 -12.28 11.84 30.71
CA GLY B 1046 -10.84 11.76 30.57
C GLY B 1046 -10.33 11.36 29.20
N VAL B 1047 -11.18 10.82 28.33
CA VAL B 1047 -10.79 10.44 26.99
C VAL B 1047 -11.66 11.20 25.99
N ASP B 1048 -11.04 11.68 24.92
CA ASP B 1048 -11.72 12.46 23.90
C ASP B 1048 -12.62 11.56 23.07
N ASP B 1049 -13.93 11.82 23.12
CA ASP B 1049 -14.91 11.00 22.40
C ASP B 1049 -15.50 11.69 21.19
N CYS B 1050 -15.31 13.00 21.05
CA CYS B 1050 -15.84 13.70 19.89
C CYS B 1050 -14.86 13.71 18.72
N HIS B 1051 -13.57 13.47 18.98
CA HIS B 1051 -12.49 13.50 18.01
C HIS B 1051 -12.20 14.93 17.58
N ASP B 1052 -13.06 15.85 18.02
CA ASP B 1052 -12.77 17.27 18.09
C ASP B 1052 -12.99 17.58 19.55
N ASN B 1053 -11.89 17.62 20.31
CA ASN B 1053 -11.96 17.51 21.76
C ASN B 1053 -12.88 18.58 22.35
N SER B 1054 -14.06 18.14 22.77
CA SER B 1054 -15.04 19.02 23.41
C SER B 1054 -15.66 18.44 24.67
N ASP B 1055 -15.65 17.11 24.86
CA ASP B 1055 -16.17 16.54 26.09
C ASP B 1055 -15.16 16.59 27.22
N GLU B 1056 -13.88 16.85 26.92
CA GLU B 1056 -12.87 17.04 27.94
C GLU B 1056 -12.34 18.47 27.99
N HIS B 1057 -12.95 19.39 27.25
CA HIS B 1057 -12.49 20.77 27.24
C HIS B 1057 -13.05 21.53 28.43
N GLN B 1058 -12.15 22.02 29.29
CA GLN B 1058 -12.53 22.82 30.46
C GLN B 1058 -13.48 22.06 31.37
N CYS B 1059 -13.08 20.85 31.74
CA CYS B 1059 -13.81 20.10 32.76
C CYS B 1059 -13.13 20.29 34.12
N GLY B 1060 -13.81 19.83 35.16
CA GLY B 1060 -13.29 19.91 36.50
C GLY B 1060 -13.65 21.16 37.29
N VAL B 1061 -14.31 22.14 36.67
CA VAL B 1061 -14.76 23.31 37.43
C VAL B 1061 -15.83 22.87 38.45
N PHE B 1062 -15.97 23.67 39.53
CA PHE B 1062 -16.78 23.30 40.68
C PHE B 1062 -18.11 22.70 40.25
N ASN B 1063 -18.71 23.27 39.22
CA ASN B 1063 -20.02 22.95 38.69
C ASN B 1063 -20.03 21.97 37.51
N ASN B 1064 -18.92 21.83 36.78
CA ASN B 1064 -18.76 20.82 35.73
C ASN B 1064 -17.92 19.63 36.20
N THR B 1065 -18.56 18.60 36.75
CA THR B 1065 -17.85 17.50 37.41
C THR B 1065 -17.19 16.60 36.35
N CYS B 1066 -16.09 15.93 36.73
CA CYS B 1066 -15.59 14.83 35.92
C CYS B 1066 -16.46 13.59 36.09
N SER B 1067 -16.62 12.84 35.01
CA SER B 1067 -17.48 11.67 35.04
C SER B 1067 -17.00 10.68 36.10
N PRO B 1068 -17.92 9.99 36.79
CA PRO B 1068 -17.50 9.09 37.87
C PRO B 1068 -16.63 7.93 37.40
N SER B 1069 -16.46 7.79 36.09
CA SER B 1069 -15.48 6.87 35.54
C SER B 1069 -14.08 7.47 35.47
N ALA B 1070 -13.93 8.74 35.85
CA ALA B 1070 -12.66 9.42 35.75
C ALA B 1070 -12.12 9.77 37.14
N PHE B 1071 -11.00 10.48 37.16
CA PHE B 1071 -10.39 10.98 38.40
C PHE B 1071 -9.98 12.43 38.18
N ALA B 1072 -10.44 13.31 39.06
CA ALA B 1072 -10.09 14.72 38.98
C ALA B 1072 -8.78 14.97 39.71
N CYS B 1073 -7.83 15.61 39.03
CA CYS B 1073 -6.63 16.10 39.70
C CYS B 1073 -7.06 17.17 40.69
N VAL B 1074 -6.84 16.90 41.98
CA VAL B 1074 -7.65 17.51 43.04
C VAL B 1074 -7.50 19.01 43.17
N ARG B 1075 -6.38 19.60 42.75
CA ARG B 1075 -6.32 21.06 42.84
C ARG B 1075 -7.19 21.74 41.78
N GLY B 1076 -7.73 20.98 40.83
CA GLY B 1076 -8.78 21.48 39.98
C GLY B 1076 -8.35 21.75 38.55
N GLY B 1077 -9.20 21.34 37.60
CA GLY B 1077 -9.01 21.69 36.21
C GLY B 1077 -8.52 20.59 35.29
N GLN B 1078 -8.51 19.33 35.73
CA GLN B 1078 -8.05 18.24 34.88
C GLN B 1078 -8.70 16.94 35.32
N CYS B 1079 -9.38 16.27 34.39
CA CYS B 1079 -10.06 15.01 34.67
C CYS B 1079 -9.40 13.91 33.86
N ILE B 1080 -8.60 13.09 34.52
CA ILE B 1080 -7.91 11.98 33.86
C ILE B 1080 -8.76 10.74 33.97
N PRO B 1081 -8.60 9.76 33.06
CA PRO B 1081 -9.36 8.52 33.18
C PRO B 1081 -9.03 7.77 34.45
N GLY B 1082 -10.00 7.01 34.95
CA GLY B 1082 -9.78 6.21 36.14
C GLY B 1082 -8.67 5.19 35.97
N GLN B 1083 -8.46 4.72 34.73
CA GLN B 1083 -7.41 3.74 34.48
C GLN B 1083 -6.02 4.34 34.67
N TRP B 1084 -5.88 5.65 34.57
CA TRP B 1084 -4.58 6.30 34.74
C TRP B 1084 -4.22 6.56 36.19
N HIS B 1085 -5.10 6.21 37.12
CA HIS B 1085 -4.85 6.44 38.55
C HIS B 1085 -3.96 5.34 39.10
N CYS B 1086 -2.81 5.73 39.65
CA CYS B 1086 -1.83 4.80 40.25
C CYS B 1086 -1.38 3.74 39.24
N ASP B 1087 -0.72 4.23 38.19
CA ASP B 1087 -0.19 3.36 37.14
C ASP B 1087 1.29 3.66 36.88
N ARG B 1088 2.01 4.11 37.90
CA ARG B 1088 3.44 4.36 37.82
C ARG B 1088 3.80 5.36 36.73
N GLN B 1089 2.92 6.34 36.52
CA GLN B 1089 3.16 7.40 35.55
C GLN B 1089 2.34 8.61 35.94
N ASN B 1090 2.99 9.77 36.06
CA ASN B 1090 2.34 10.98 36.54
C ASN B 1090 1.67 11.68 35.37
N ASP B 1091 0.34 11.61 35.32
CA ASP B 1091 -0.42 12.27 34.26
C ASP B 1091 -0.93 13.64 34.70
N CYS B 1092 -1.34 13.78 35.95
CA CYS B 1092 -1.89 15.04 36.41
C CYS B 1092 -0.85 16.14 36.39
N LEU B 1093 -1.30 17.36 36.13
CA LEU B 1093 -0.44 18.54 36.28
C LEU B 1093 0.08 18.63 37.71
N ASP B 1094 -0.71 18.13 38.67
CA ASP B 1094 -0.37 18.21 40.08
C ASP B 1094 0.13 16.90 40.66
N GLY B 1095 0.24 15.87 39.85
CA GLY B 1095 0.72 14.58 40.32
C GLY B 1095 -0.19 13.88 41.30
N SER B 1096 -1.44 14.33 41.45
CA SER B 1096 -2.35 13.65 42.36
C SER B 1096 -2.68 12.23 41.91
N ASP B 1097 -2.52 11.94 40.61
CA ASP B 1097 -2.86 10.62 40.12
C ASP B 1097 -1.95 9.53 40.69
N GLU B 1098 -0.69 9.88 40.98
CA GLU B 1098 0.23 8.93 41.59
C GLU B 1098 0.47 9.21 43.07
N GLN B 1099 -0.02 10.33 43.60
CA GLN B 1099 0.15 10.63 45.01
C GLN B 1099 -0.75 9.74 45.86
N ASN B 1100 -0.25 9.37 47.03
CA ASN B 1100 -1.00 8.61 48.02
C ASN B 1100 -1.48 7.27 47.51
N CYS B 1101 -0.74 6.66 46.59
CA CYS B 1101 -1.12 5.32 46.11
C CYS B 1101 -0.79 4.28 47.17
N PRO B 1102 -1.72 3.38 47.49
CA PRO B 1102 -1.42 2.35 48.50
C PRO B 1102 -0.61 1.19 47.94
N THR B 1103 -0.43 0.16 48.75
CA THR B 1103 0.17 -1.10 48.32
C THR B 1103 -0.95 -2.13 48.17
N HIS B 1104 -0.85 -2.96 47.13
CA HIS B 1104 -1.96 -3.81 46.75
C HIS B 1104 -1.63 -5.29 46.56
N ALA B 1105 -0.46 -5.75 46.98
CA ALA B 1105 -0.07 -7.13 46.72
C ALA B 1105 -1.01 -8.10 47.42
N THR B 1106 -1.02 -8.09 48.75
CA THR B 1106 -1.81 -9.00 49.58
C THR B 1106 -1.47 -10.44 49.18
N SER B 1107 -2.41 -11.37 49.36
CA SER B 1107 -2.24 -12.75 48.91
C SER B 1107 -2.54 -12.81 47.42
N SER B 1108 -1.51 -12.52 46.62
CA SER B 1108 -1.68 -12.42 45.17
C SER B 1108 -2.08 -13.75 44.54
N THR B 1109 -1.81 -14.87 45.22
CA THR B 1109 -2.29 -16.21 44.89
C THR B 1109 -2.14 -16.53 43.39
N CYS B 1110 -0.88 -16.53 42.96
CA CYS B 1110 -0.57 -17.18 41.69
C CYS B 1110 -0.74 -18.68 41.84
N PRO B 1111 -1.55 -19.33 41.01
CA PRO B 1111 -1.82 -20.76 41.22
C PRO B 1111 -0.59 -21.61 41.02
N SER B 1112 -0.67 -22.84 41.54
CA SER B 1112 0.44 -23.78 41.45
C SER B 1112 0.74 -24.21 40.02
N THR B 1113 -0.14 -23.93 39.08
CA THR B 1113 0.09 -24.26 37.68
C THR B 1113 0.95 -23.22 36.97
N SER B 1114 1.41 -22.19 37.68
CA SER B 1114 2.00 -21.03 37.03
C SER B 1114 3.23 -20.58 37.77
N PHE B 1115 4.01 -19.76 37.09
CA PHE B 1115 5.16 -19.07 37.68
C PHE B 1115 4.74 -17.68 38.13
N THR B 1116 5.25 -17.27 39.28
CA THR B 1116 4.92 -15.96 39.85
C THR B 1116 6.07 -15.00 39.59
N CYS B 1117 5.75 -13.84 39.03
CA CYS B 1117 6.77 -12.86 38.71
C CYS B 1117 7.11 -12.03 39.95
N ASP B 1118 8.23 -11.30 39.86
CA ASP B 1118 8.62 -10.42 40.95
C ASP B 1118 7.67 -9.23 41.09
N ASN B 1119 7.02 -8.84 40.00
CA ASN B 1119 6.01 -7.78 40.04
C ASN B 1119 4.61 -8.32 40.31
N HIS B 1120 4.52 -9.55 40.84
CA HIS B 1120 3.28 -10.18 41.27
C HIS B 1120 2.31 -10.47 40.13
N VAL B 1121 2.81 -10.58 38.90
CA VAL B 1121 2.00 -11.12 37.83
C VAL B 1121 2.23 -12.63 37.72
N CYS B 1122 1.24 -13.34 37.20
CA CYS B 1122 1.32 -14.79 37.04
C CYS B 1122 1.31 -15.14 35.55
N ILE B 1123 2.25 -15.98 35.15
CA ILE B 1123 2.33 -16.47 33.77
C ILE B 1123 2.44 -17.99 33.80
N PRO B 1124 2.10 -18.65 32.69
CA PRO B 1124 2.27 -20.11 32.64
C PRO B 1124 3.71 -20.50 32.95
N LYS B 1125 3.86 -21.57 33.71
CA LYS B 1125 5.19 -22.01 34.15
C LYS B 1125 6.11 -22.27 32.97
N ASP B 1126 5.55 -22.68 31.83
CA ASP B 1126 6.38 -23.06 30.70
C ASP B 1126 7.01 -21.86 30.00
N TRP B 1127 6.54 -20.64 30.26
CA TRP B 1127 7.14 -19.46 29.66
C TRP B 1127 8.43 -19.04 30.34
N VAL B 1128 8.86 -19.74 31.39
CA VAL B 1128 10.10 -19.39 32.07
C VAL B 1128 11.29 -19.78 31.22
N CYS B 1129 12.25 -18.87 31.09
CA CYS B 1129 13.49 -19.07 30.35
C CYS B 1129 13.23 -19.33 28.87
N ASP B 1130 12.26 -18.63 28.29
CA ASP B 1130 12.03 -18.70 26.85
C ASP B 1130 12.55 -17.48 26.11
N THR B 1131 13.46 -16.71 26.73
CA THR B 1131 14.04 -15.51 26.13
C THR B 1131 12.98 -14.51 25.70
N ASP B 1132 11.93 -14.37 26.51
CA ASP B 1132 10.88 -13.39 26.27
C ASP B 1132 10.42 -12.82 27.60
N ASN B 1133 10.34 -11.49 27.68
CA ASN B 1133 9.95 -10.80 28.91
C ASN B 1133 8.43 -10.82 29.02
N ASP B 1134 7.91 -12.00 29.37
CA ASP B 1134 6.47 -12.16 29.53
C ASP B 1134 5.96 -11.49 30.79
N CYS B 1135 6.79 -11.45 31.84
CA CYS B 1135 6.38 -10.81 33.09
C CYS B 1135 6.39 -9.29 32.99
N SER B 1136 6.97 -8.74 31.94
CA SER B 1136 7.09 -7.29 31.74
C SER B 1136 7.93 -6.65 32.84
N ASP B 1137 8.77 -7.46 33.50
CA ASP B 1137 9.80 -6.91 34.37
C ASP B 1137 11.10 -7.70 34.29
N GLY B 1138 11.21 -8.70 33.43
CA GLY B 1138 12.40 -9.50 33.31
C GLY B 1138 12.54 -10.62 34.32
N SER B 1139 11.55 -10.79 35.19
CA SER B 1139 11.67 -11.79 36.27
C SER B 1139 11.66 -13.22 35.74
N ASP B 1140 10.75 -13.54 34.81
CA ASP B 1140 10.70 -14.90 34.30
C ASP B 1140 11.96 -15.30 33.53
N GLU B 1141 12.77 -14.33 33.12
CA GLU B 1141 14.06 -14.62 32.51
C GLU B 1141 15.24 -14.29 33.42
N LYS B 1142 14.99 -13.79 34.63
CA LYS B 1142 16.08 -13.56 35.58
C LYS B 1142 16.70 -14.89 35.99
N ASN B 1143 18.01 -14.84 36.27
CA ASN B 1143 18.78 -16.00 36.72
C ASN B 1143 18.72 -17.15 35.71
N CYS B 1144 18.51 -16.82 34.44
CA CYS B 1144 18.45 -17.83 33.38
C CYS B 1144 19.84 -18.04 32.81
N GLN B 1145 20.69 -18.67 33.62
CA GLN B 1145 22.00 -19.07 33.14
C GLN B 1145 21.85 -20.23 32.16
N ALA B 1146 22.92 -20.46 31.37
CA ALA B 1146 22.91 -21.61 30.48
C ALA B 1146 23.08 -22.87 31.32
N SER B 1147 21.96 -23.46 31.71
CA SER B 1147 21.98 -24.57 32.66
C SER B 1147 22.12 -25.93 31.99
N GLY B 1148 21.74 -26.04 30.71
CA GLY B 1148 21.76 -27.33 30.06
C GLY B 1148 20.55 -28.19 30.35
N THR B 1149 19.61 -27.71 31.17
CA THR B 1149 18.39 -28.45 31.41
C THR B 1149 17.27 -27.46 31.10
N CYS B 1150 16.04 -27.97 31.00
CA CYS B 1150 14.87 -27.11 31.03
C CYS B 1150 13.90 -27.57 32.11
N GLN B 1151 12.70 -27.01 32.16
CA GLN B 1151 11.65 -27.67 32.90
C GLN B 1151 11.36 -29.00 32.20
N PRO B 1152 10.90 -30.01 32.94
CA PRO B 1152 10.65 -31.32 32.30
C PRO B 1152 9.68 -31.23 31.14
N THR B 1153 8.71 -30.32 31.21
CA THR B 1153 7.74 -30.18 30.13
C THR B 1153 8.34 -29.51 28.89
N GLN B 1154 9.48 -28.84 29.03
CA GLN B 1154 9.96 -27.96 27.97
C GLN B 1154 10.79 -28.71 26.94
N PHE B 1155 10.78 -28.20 25.71
CA PHE B 1155 11.70 -28.60 24.66
C PHE B 1155 12.90 -27.67 24.66
N ARG B 1156 14.07 -28.21 24.37
CA ARG B 1156 15.31 -27.45 24.41
C ARG B 1156 15.86 -27.28 23.01
N CYS B 1157 16.02 -26.02 22.59
CA CYS B 1157 16.73 -25.75 21.36
C CYS B 1157 18.23 -25.93 21.60
N PRO B 1158 18.96 -26.49 20.64
CA PRO B 1158 20.40 -26.73 20.86
C PRO B 1158 21.16 -25.42 20.99
N ASP B 1159 21.79 -25.23 22.16
CA ASP B 1159 22.69 -24.10 22.42
C ASP B 1159 21.97 -22.76 22.34
N HIS B 1160 20.64 -22.79 22.30
CA HIS B 1160 19.90 -21.54 22.12
C HIS B 1160 19.07 -21.18 23.34
N ARG B 1161 18.14 -22.05 23.73
CA ARG B 1161 17.20 -21.72 24.79
C ARG B 1161 16.30 -22.91 25.06
N CYS B 1162 15.47 -22.76 26.10
CA CYS B 1162 14.36 -23.67 26.34
C CYS B 1162 13.06 -23.06 25.82
N ILE B 1163 12.18 -23.93 25.32
CA ILE B 1163 10.96 -23.49 24.67
C ILE B 1163 9.80 -24.38 25.10
N SER B 1164 8.60 -23.84 25.08
CA SER B 1164 7.41 -24.60 25.42
C SER B 1164 7.17 -25.69 24.38
N PRO B 1165 6.69 -26.87 24.78
CA PRO B 1165 6.36 -27.91 23.79
C PRO B 1165 5.22 -27.52 22.89
N LEU B 1166 4.39 -26.55 23.29
CA LEU B 1166 3.29 -26.11 22.45
C LEU B 1166 3.78 -25.59 21.11
N TYR B 1167 4.97 -24.99 21.08
CA TYR B 1167 5.52 -24.48 19.84
C TYR B 1167 6.17 -25.57 18.99
N VAL B 1168 6.35 -26.76 19.54
CA VAL B 1168 7.01 -27.82 18.80
C VAL B 1168 6.07 -28.38 17.75
N CYS B 1169 6.51 -28.40 16.50
CA CYS B 1169 5.70 -28.84 15.37
C CYS B 1169 4.38 -28.08 15.30
N ASP B 1170 4.44 -26.77 15.57
CA ASP B 1170 3.24 -25.95 15.51
C ASP B 1170 2.98 -25.36 14.13
N GLY B 1171 3.95 -25.40 13.23
CA GLY B 1171 3.73 -24.92 11.88
C GLY B 1171 4.89 -24.11 11.32
N ASP B 1172 5.66 -23.45 12.18
CA ASP B 1172 6.76 -22.63 11.71
C ASP B 1172 7.94 -22.80 12.66
N LYS B 1173 9.07 -22.22 12.25
CA LYS B 1173 10.33 -22.48 12.94
C LYS B 1173 10.46 -21.61 14.17
N ASP B 1174 11.04 -22.18 15.24
CA ASP B 1174 11.27 -21.47 16.48
C ASP B 1174 12.70 -21.57 16.99
N CYS B 1175 13.36 -22.71 16.84
CA CYS B 1175 14.75 -22.87 17.24
C CYS B 1175 15.65 -22.59 16.03
N ALA B 1176 16.85 -22.09 16.31
CA ALA B 1176 17.77 -21.76 15.22
C ALA B 1176 18.16 -23.00 14.42
N ASP B 1177 18.46 -24.10 15.10
CA ASP B 1177 18.82 -25.34 14.42
C ASP B 1177 17.64 -26.01 13.74
N GLY B 1178 16.42 -25.58 14.04
CA GLY B 1178 15.24 -26.12 13.41
C GLY B 1178 14.67 -27.37 14.03
N SER B 1179 15.21 -27.83 15.15
CA SER B 1179 14.81 -29.14 15.68
C SER B 1179 13.34 -29.15 16.10
N ASP B 1180 12.79 -28.01 16.50
CA ASP B 1180 11.41 -27.99 16.98
C ASP B 1180 10.40 -28.25 15.87
N GLU B 1181 10.74 -27.95 14.62
CA GLU B 1181 9.86 -28.15 13.49
C GLU B 1181 10.43 -29.15 12.49
N ALA B 1182 11.35 -30.01 12.91
CA ALA B 1182 12.07 -30.89 12.00
C ALA B 1182 11.56 -32.32 12.10
N GLY B 1183 11.20 -32.89 10.95
CA GLY B 1183 10.91 -34.30 10.85
C GLY B 1183 9.53 -34.73 11.30
N CYS B 1184 8.81 -33.82 11.95
CA CYS B 1184 7.51 -34.18 12.53
C CYS B 1184 6.44 -34.26 11.45
N VAL B 1185 5.35 -34.95 11.79
CA VAL B 1185 4.27 -35.24 10.85
C VAL B 1185 3.04 -34.43 11.24
N LEU B 1186 2.41 -33.81 10.25
CA LEU B 1186 1.29 -32.91 10.48
C LEU B 1186 -0.07 -33.60 10.28
N ASN B 1187 -0.33 -34.62 11.09
CA ASN B 1187 -1.63 -35.28 11.10
C ASN B 1187 -2.76 -34.36 11.63
N CYS B 1188 -3.75 -34.15 10.76
CA CYS B 1188 -4.74 -33.09 10.94
C CYS B 1188 -5.66 -33.38 12.11
N THR B 1189 -6.24 -32.31 12.65
CA THR B 1189 -7.23 -32.43 13.71
C THR B 1189 -8.62 -32.68 13.12
N SER B 1190 -9.63 -32.62 13.98
CA SER B 1190 -11.01 -32.72 13.52
C SER B 1190 -11.37 -31.48 12.69
N ALA B 1191 -12.28 -31.68 11.74
CA ALA B 1191 -12.79 -30.63 10.87
C ALA B 1191 -11.70 -29.93 10.07
N GLN B 1192 -10.62 -30.64 9.75
CA GLN B 1192 -9.50 -30.09 8.99
C GLN B 1192 -9.23 -30.96 7.78
N PHE B 1193 -8.71 -30.33 6.72
CA PHE B 1193 -8.43 -31.00 5.47
C PHE B 1193 -6.93 -30.99 5.21
N LYS B 1194 -6.40 -32.12 4.75
CA LYS B 1194 -4.97 -32.29 4.51
C LYS B 1194 -4.67 -32.05 3.03
N CYS B 1195 -3.69 -31.19 2.77
CA CYS B 1195 -3.27 -30.95 1.39
C CYS B 1195 -2.62 -32.19 0.82
N ALA B 1196 -2.69 -32.32 -0.51
CA ALA B 1196 -2.19 -33.52 -1.18
C ALA B 1196 -0.68 -33.70 -1.02
N ASP B 1197 0.07 -32.61 -0.84
CA ASP B 1197 1.51 -32.68 -0.70
C ASP B 1197 1.96 -32.74 0.75
N GLY B 1198 1.03 -32.75 1.70
CA GLY B 1198 1.42 -32.69 3.10
C GLY B 1198 2.08 -31.39 3.49
N SER B 1199 1.66 -30.28 2.87
CA SER B 1199 2.22 -28.98 3.21
C SER B 1199 1.69 -28.49 4.55
N SER B 1200 0.38 -28.65 4.78
CA SER B 1200 -0.25 -28.15 5.99
C SER B 1200 -1.68 -28.67 6.05
N CYS B 1201 -2.34 -28.40 7.17
CA CYS B 1201 -3.76 -28.65 7.34
C CYS B 1201 -4.50 -27.32 7.31
N ILE B 1202 -5.72 -27.37 6.77
CA ILE B 1202 -6.60 -26.19 6.68
C ILE B 1202 -7.99 -26.59 7.12
N ASN B 1203 -8.81 -25.59 7.44
CA ASN B 1203 -10.19 -25.84 7.83
C ASN B 1203 -10.96 -26.47 6.68
N SER B 1204 -11.92 -27.33 7.02
CA SER B 1204 -12.80 -27.89 6.00
C SER B 1204 -13.67 -26.82 5.35
N ARG B 1205 -13.86 -25.68 6.03
CA ARG B 1205 -14.62 -24.59 5.43
C ARG B 1205 -13.90 -24.00 4.23
N TYR B 1206 -12.57 -24.11 4.19
CA TYR B 1206 -11.78 -23.60 3.09
C TYR B 1206 -11.65 -24.61 1.95
N ARG B 1207 -12.22 -25.79 2.10
CA ARG B 1207 -12.26 -26.76 1.00
C ARG B 1207 -13.54 -26.56 0.21
N CYS B 1208 -13.42 -26.60 -1.12
CA CYS B 1208 -14.54 -26.41 -2.03
C CYS B 1208 -15.20 -25.04 -1.80
N ASP B 1209 -14.39 -24.01 -2.04
CA ASP B 1209 -14.85 -22.63 -1.93
C ASP B 1209 -14.55 -21.78 -3.15
N GLY B 1210 -13.72 -22.23 -4.07
CA GLY B 1210 -13.34 -21.43 -5.21
C GLY B 1210 -12.07 -20.63 -5.04
N VAL B 1211 -11.39 -20.74 -3.91
CA VAL B 1211 -10.14 -20.04 -3.66
C VAL B 1211 -9.08 -21.08 -3.30
N TYR B 1212 -7.89 -20.93 -3.88
CA TYR B 1212 -6.80 -21.87 -3.65
C TYR B 1212 -6.15 -21.56 -2.32
N ASP B 1213 -6.25 -22.48 -1.37
CA ASP B 1213 -5.64 -22.31 -0.05
C ASP B 1213 -4.39 -23.15 0.14
N CYS B 1214 -4.43 -24.43 -0.22
CA CYS B 1214 -3.22 -25.24 -0.22
C CYS B 1214 -2.30 -24.76 -1.33
N ARG B 1215 -0.99 -24.87 -1.09
CA ARG B 1215 -0.02 -24.43 -2.08
C ARG B 1215 -0.11 -25.25 -3.37
N ASP B 1216 -0.60 -26.48 -3.29
CA ASP B 1216 -0.75 -27.34 -4.45
C ASP B 1216 -2.14 -27.29 -5.05
N ASN B 1217 -2.97 -26.33 -4.63
CA ASN B 1217 -4.33 -26.16 -5.12
C ASN B 1217 -5.17 -27.40 -4.84
N SER B 1218 -4.70 -28.25 -3.92
CA SER B 1218 -5.38 -29.52 -3.65
C SER B 1218 -6.67 -29.33 -2.86
N ASP B 1219 -6.92 -28.15 -2.30
CA ASP B 1219 -8.17 -27.94 -1.57
C ASP B 1219 -9.35 -27.78 -2.50
N GLU B 1220 -9.13 -27.21 -3.69
CA GLU B 1220 -10.20 -27.05 -4.68
C GLU B 1220 -10.21 -28.15 -5.73
N ALA B 1221 -9.27 -29.09 -5.66
CA ALA B 1221 -9.26 -30.19 -6.62
C ALA B 1221 -10.29 -31.25 -6.23
N GLY B 1222 -11.00 -31.76 -7.22
CA GLY B 1222 -11.97 -32.80 -6.99
C GLY B 1222 -13.25 -32.36 -6.33
N CYS B 1223 -13.48 -31.06 -6.18
CA CYS B 1223 -14.70 -30.58 -5.57
C CYS B 1223 -15.89 -30.82 -6.50
N PRO B 1224 -17.09 -30.98 -5.93
CA PRO B 1224 -18.27 -31.20 -6.77
C PRO B 1224 -18.51 -30.04 -7.72
N THR B 1225 -18.89 -30.36 -8.96
CA THR B 1225 -19.15 -29.38 -9.99
C THR B 1225 -20.61 -29.46 -10.44
N ARG B 1226 -20.98 -28.52 -11.27
CA ARG B 1226 -22.31 -28.53 -11.87
C ARG B 1226 -22.30 -29.39 -13.13
N PRO B 1227 -23.21 -30.34 -13.27
CA PRO B 1227 -23.22 -31.17 -14.47
C PRO B 1227 -23.43 -30.31 -15.70
N PRO B 1228 -22.96 -30.76 -16.86
CA PRO B 1228 -22.97 -29.91 -18.06
C PRO B 1228 -24.36 -29.39 -18.38
N GLY B 1229 -24.46 -28.06 -18.51
CA GLY B 1229 -25.72 -27.41 -18.76
C GLY B 1229 -26.76 -27.56 -17.66
N MET B 1230 -26.46 -28.31 -16.61
CA MET B 1230 -27.39 -28.64 -15.55
C MET B 1230 -27.35 -27.58 -14.46
N CYS B 1231 -28.10 -27.81 -13.40
CA CYS B 1231 -27.96 -27.10 -12.14
C CYS B 1231 -27.90 -28.13 -11.03
N HIS B 1232 -27.27 -27.75 -9.91
CA HIS B 1232 -27.20 -28.66 -8.78
C HIS B 1232 -28.60 -28.99 -8.28
N LEU B 1233 -28.73 -30.13 -7.60
CA LEU B 1233 -30.04 -30.65 -7.23
C LEU B 1233 -30.81 -29.70 -6.33
N ASP B 1234 -30.13 -28.76 -5.68
CA ASP B 1234 -30.78 -27.78 -4.82
C ASP B 1234 -30.96 -26.44 -5.50
N GLU B 1235 -30.72 -26.36 -6.81
CA GLU B 1235 -30.77 -25.10 -7.54
C GLU B 1235 -31.79 -25.21 -8.67
N PHE B 1236 -32.84 -24.39 -8.61
CA PHE B 1236 -33.78 -24.30 -9.71
C PHE B 1236 -33.09 -23.68 -10.92
N GLN B 1237 -33.47 -24.13 -12.10
CA GLN B 1237 -32.89 -23.65 -13.35
C GLN B 1237 -33.84 -22.69 -14.04
N CYS B 1238 -33.34 -21.50 -14.37
CA CYS B 1238 -34.11 -20.56 -15.16
C CYS B 1238 -34.20 -21.05 -16.60
N GLN B 1239 -35.42 -21.09 -17.14
CA GLN B 1239 -35.60 -21.60 -18.49
C GLN B 1239 -35.26 -20.57 -19.55
N GLY B 1240 -35.14 -19.30 -19.17
CA GLY B 1240 -34.83 -18.26 -20.14
C GLY B 1240 -33.37 -18.17 -20.52
N ASP B 1241 -32.47 -18.50 -19.60
CA ASP B 1241 -31.05 -18.38 -19.89
C ASP B 1241 -30.25 -19.58 -19.43
N GLY B 1242 -30.82 -20.39 -18.55
CA GLY B 1242 -30.12 -21.55 -18.04
C GLY B 1242 -29.29 -21.33 -16.80
N THR B 1243 -29.37 -20.16 -16.20
CA THR B 1243 -28.70 -19.94 -14.92
C THR B 1243 -29.45 -20.64 -13.80
N CYS B 1244 -28.83 -20.68 -12.63
CA CYS B 1244 -29.37 -21.40 -11.48
C CYS B 1244 -29.59 -20.44 -10.32
N ILE B 1245 -30.68 -20.65 -9.59
CA ILE B 1245 -30.99 -19.88 -8.39
C ILE B 1245 -31.28 -20.87 -7.26
N PRO B 1246 -31.06 -20.50 -6.00
CA PRO B 1246 -31.38 -21.41 -4.91
C PRO B 1246 -32.85 -21.79 -4.92
N ASN B 1247 -33.13 -23.04 -4.54
CA ASN B 1247 -34.49 -23.56 -4.65
C ASN B 1247 -35.48 -22.76 -3.83
N THR B 1248 -35.04 -22.19 -2.71
CA THR B 1248 -35.94 -21.40 -1.88
C THR B 1248 -36.41 -20.13 -2.59
N TRP B 1249 -35.66 -19.66 -3.58
CA TRP B 1249 -36.09 -18.51 -4.36
C TRP B 1249 -37.25 -18.83 -5.30
N GLU B 1250 -37.53 -20.11 -5.52
CA GLU B 1250 -38.67 -20.49 -6.34
C GLU B 1250 -39.97 -20.39 -5.54
N CYS B 1251 -41.01 -19.94 -6.22
CA CYS B 1251 -42.34 -19.80 -5.62
C CYS B 1251 -42.31 -18.88 -4.39
N ASP B 1252 -41.72 -17.71 -4.57
CA ASP B 1252 -41.61 -16.73 -3.49
C ASP B 1252 -42.28 -15.40 -3.81
N GLY B 1253 -42.91 -15.27 -4.98
CA GLY B 1253 -43.59 -14.03 -5.33
C GLY B 1253 -42.72 -13.01 -6.04
N HIS B 1254 -41.42 -13.24 -6.13
CA HIS B 1254 -40.54 -12.33 -6.86
C HIS B 1254 -39.96 -13.06 -8.05
N PRO B 1255 -40.14 -12.56 -9.28
CA PRO B 1255 -39.54 -13.23 -10.44
C PRO B 1255 -38.04 -13.04 -10.49
N ASP B 1256 -37.31 -14.10 -10.15
CA ASP B 1256 -35.85 -14.05 -10.14
C ASP B 1256 -35.27 -14.35 -11.51
N CYS B 1257 -35.94 -15.18 -12.31
CA CYS B 1257 -35.46 -15.49 -13.64
C CYS B 1257 -35.79 -14.36 -14.60
N ILE B 1258 -35.14 -14.40 -15.77
CA ILE B 1258 -35.30 -13.33 -16.75
C ILE B 1258 -36.75 -13.20 -17.17
N HIS B 1259 -37.40 -14.32 -17.45
CA HIS B 1259 -38.79 -14.33 -17.90
C HIS B 1259 -39.75 -14.75 -16.79
N GLY B 1260 -39.28 -14.85 -15.56
CA GLY B 1260 -40.16 -15.26 -14.48
C GLY B 1260 -40.52 -16.73 -14.48
N SER B 1261 -39.61 -17.60 -14.92
CA SER B 1261 -39.88 -19.03 -14.89
C SER B 1261 -40.00 -19.55 -13.46
N ASP B 1262 -39.46 -18.83 -12.49
CA ASP B 1262 -39.48 -19.26 -11.09
C ASP B 1262 -40.78 -18.93 -10.39
N GLU B 1263 -41.73 -18.29 -11.07
CA GLU B 1263 -43.01 -17.98 -10.45
C GLU B 1263 -44.14 -18.53 -11.31
N HIS B 1264 -44.01 -19.79 -11.73
CA HIS B 1264 -45.01 -20.41 -12.59
C HIS B 1264 -46.30 -20.63 -11.82
N THR B 1265 -47.34 -21.05 -12.56
CA THR B 1265 -48.66 -21.25 -11.96
C THR B 1265 -48.67 -22.36 -10.92
N GLY B 1266 -47.72 -23.29 -10.98
CA GLY B 1266 -47.69 -24.36 -10.01
C GLY B 1266 -47.42 -23.90 -8.58
N CYS B 1267 -46.89 -22.70 -8.42
CA CYS B 1267 -46.63 -22.16 -7.09
C CYS B 1267 -47.93 -21.69 -6.46
N VAL B 1268 -48.26 -22.24 -5.29
CA VAL B 1268 -49.49 -21.91 -4.59
C VAL B 1268 -49.32 -20.58 -3.87
N PRO B 1269 -50.37 -19.77 -3.75
CA PRO B 1269 -50.29 -18.57 -2.92
C PRO B 1269 -50.33 -18.93 -1.44
N LYS B 1270 -49.75 -18.04 -0.64
CA LYS B 1270 -49.76 -18.17 0.81
C LYS B 1270 -50.79 -17.21 1.37
N THR B 1271 -51.75 -17.73 2.14
CA THR B 1271 -52.82 -16.87 2.64
C THR B 1271 -52.60 -16.54 4.11
N CYS B 1272 -52.76 -15.25 4.42
CA CYS B 1272 -52.34 -14.64 5.67
C CYS B 1272 -53.44 -14.76 6.71
N SER B 1273 -53.09 -15.23 7.90
CA SER B 1273 -54.08 -15.37 8.96
C SER B 1273 -54.67 -14.00 9.28
N PRO B 1274 -55.99 -13.93 9.55
CA PRO B 1274 -56.64 -12.62 9.71
C PRO B 1274 -56.05 -11.74 10.81
N THR B 1275 -55.11 -12.24 11.60
CA THR B 1275 -54.42 -11.39 12.57
C THR B 1275 -53.33 -10.55 11.93
N HIS B 1276 -53.08 -10.70 10.64
CA HIS B 1276 -51.98 -10.00 10.00
C HIS B 1276 -52.43 -9.33 8.70
N PHE B 1277 -51.77 -8.23 8.37
CA PHE B 1277 -51.92 -7.62 7.05
C PHE B 1277 -50.99 -8.29 6.06
N LEU B 1278 -51.41 -8.34 4.79
CA LEU B 1278 -50.64 -8.98 3.73
C LEU B 1278 -49.94 -7.90 2.92
N CYS B 1279 -48.60 -7.93 2.96
CA CYS B 1279 -47.80 -6.89 2.31
C CYS B 1279 -47.83 -7.06 0.79
N ASP B 1280 -47.47 -5.98 0.09
CA ASP B 1280 -47.33 -6.05 -1.36
C ASP B 1280 -46.23 -7.03 -1.75
N ASN B 1281 -45.18 -7.14 -0.94
CA ASN B 1281 -44.12 -8.09 -1.21
C ASN B 1281 -44.49 -9.52 -0.88
N GLY B 1282 -45.69 -9.74 -0.34
CA GLY B 1282 -46.15 -11.09 -0.03
C GLY B 1282 -45.67 -11.58 1.33
N ASN B 1283 -45.94 -10.82 2.38
CA ASN B 1283 -45.53 -11.16 3.72
C ASN B 1283 -46.59 -10.70 4.71
N CYS B 1284 -46.55 -11.26 5.92
CA CYS B 1284 -47.57 -11.05 6.94
C CYS B 1284 -47.04 -10.11 8.01
N ILE B 1285 -47.83 -9.09 8.34
CA ILE B 1285 -47.48 -8.09 9.35
C ILE B 1285 -48.71 -7.83 10.20
N TYR B 1286 -48.50 -7.68 11.51
CA TYR B 1286 -49.58 -7.47 12.47
C TYR B 1286 -50.55 -6.39 11.99
N LYS B 1287 -51.83 -6.59 12.32
CA LYS B 1287 -52.84 -5.58 12.00
C LYS B 1287 -52.53 -4.25 12.69
N ALA B 1288 -51.89 -4.30 13.85
CA ALA B 1288 -51.62 -3.08 14.59
C ALA B 1288 -50.52 -2.26 13.95
N TRP B 1289 -49.63 -2.90 13.18
CA TRP B 1289 -48.48 -2.23 12.61
C TRP B 1289 -48.74 -1.61 11.24
N ILE B 1290 -49.98 -1.67 10.75
CA ILE B 1290 -50.29 -1.06 9.46
C ILE B 1290 -50.32 0.45 9.63
N CYS B 1291 -49.61 1.15 8.76
CA CYS B 1291 -49.34 2.59 8.85
C CYS B 1291 -49.11 3.05 10.30
N ASP B 1292 -48.23 2.35 11.01
CA ASP B 1292 -47.85 2.77 12.35
C ASP B 1292 -46.62 3.68 12.38
N GLY B 1293 -45.97 3.87 11.24
CA GLY B 1293 -44.76 4.66 11.16
C GLY B 1293 -43.46 3.88 11.10
N ASP B 1294 -43.51 2.63 10.65
CA ASP B 1294 -42.30 1.82 10.52
C ASP B 1294 -42.42 0.94 9.29
N ASN B 1295 -41.29 0.77 8.60
CA ASN B 1295 -41.24 -0.06 7.40
C ASN B 1295 -41.26 -1.54 7.78
N ASP B 1296 -42.38 -2.00 8.34
CA ASP B 1296 -42.46 -3.38 8.82
C ASP B 1296 -42.58 -4.37 7.68
N CYS B 1297 -43.20 -3.98 6.57
CA CYS B 1297 -43.31 -4.87 5.42
C CYS B 1297 -42.05 -4.88 4.57
N ARG B 1298 -41.06 -4.05 4.90
CA ARG B 1298 -39.79 -3.92 4.17
C ARG B 1298 -39.98 -3.36 2.77
N ASP B 1299 -41.19 -2.86 2.46
CA ASP B 1299 -41.38 -2.07 1.25
C ASP B 1299 -42.32 -0.89 1.47
N MET B 1300 -42.65 -0.56 2.71
CA MET B 1300 -43.59 0.51 3.09
C MET B 1300 -45.00 0.26 2.59
N SER B 1301 -45.33 -0.97 2.20
CA SER B 1301 -46.70 -1.26 1.77
C SER B 1301 -47.68 -1.18 2.94
N ASP B 1302 -47.23 -1.51 4.15
CA ASP B 1302 -48.10 -1.37 5.31
C ASP B 1302 -48.33 0.09 5.67
N GLU B 1303 -47.48 0.98 5.18
CA GLU B 1303 -47.70 2.42 5.35
C GLU B 1303 -48.48 3.01 4.19
N LYS B 1304 -48.04 2.75 2.96
CA LYS B 1304 -48.62 3.39 1.78
C LYS B 1304 -49.99 2.85 1.43
N ASP B 1305 -50.43 1.74 2.03
CA ASP B 1305 -51.80 1.28 1.87
C ASP B 1305 -52.78 2.08 2.73
N CYS B 1306 -52.29 2.87 3.68
CA CYS B 1306 -53.12 3.80 4.44
C CYS B 1306 -52.30 5.04 4.76
N PRO B 1307 -52.03 5.87 3.74
CA PRO B 1307 -51.44 7.19 4.02
C PRO B 1307 -52.42 8.14 4.68
N THR B 1308 -53.70 7.81 4.71
CA THR B 1308 -54.66 8.52 5.53
C THR B 1308 -54.24 8.39 6.99
N GLN B 1309 -53.85 9.51 7.59
CA GLN B 1309 -53.11 9.48 8.85
C GLN B 1309 -53.75 10.48 9.81
N PRO B 1310 -53.53 10.31 11.12
CA PRO B 1310 -54.09 11.26 12.08
C PRO B 1310 -53.49 12.65 11.91
N PHE B 1311 -54.29 13.65 12.24
CA PHE B 1311 -53.83 15.03 12.27
C PHE B 1311 -53.95 15.62 13.66
N HIS B 1312 -53.55 14.84 14.67
CA HIS B 1312 -53.70 15.24 16.06
C HIS B 1312 -52.53 14.68 16.87
N CYS B 1313 -52.68 14.65 18.19
CA CYS B 1313 -51.61 14.35 19.13
C CYS B 1313 -52.02 13.19 20.03
N PRO B 1314 -51.05 12.46 20.58
CA PRO B 1314 -51.40 11.37 21.51
C PRO B 1314 -52.04 11.84 22.80
N SER B 1315 -51.91 13.11 23.14
CA SER B 1315 -52.48 13.64 24.39
C SER B 1315 -53.99 13.82 24.26
N CYS B 3165 -44.11 -26.61 -26.77
CA CYS B 3165 -44.27 -27.87 -26.04
C CYS B 3165 -43.31 -28.92 -26.56
N SER B 3166 -42.06 -28.51 -26.78
CA SER B 3166 -41.05 -29.44 -27.28
C SER B 3166 -40.73 -30.54 -26.27
N GLN B 3167 -40.72 -30.22 -24.98
CA GLN B 3167 -40.43 -31.24 -23.98
C GLN B 3167 -41.61 -31.51 -23.06
N LYS B 3168 -42.13 -30.48 -22.41
CA LYS B 3168 -43.17 -30.68 -21.41
C LYS B 3168 -44.48 -30.03 -21.84
N CYS B 3169 -45.55 -30.38 -21.13
CA CYS B 3169 -46.87 -29.82 -21.36
C CYS B 3169 -47.57 -29.65 -20.01
N GLU B 3170 -48.55 -28.76 -19.97
CA GLU B 3170 -49.24 -28.43 -18.72
C GLU B 3170 -50.74 -28.34 -19.00
N ASN B 3171 -51.49 -27.99 -17.96
CA ASN B 3171 -52.94 -27.94 -18.05
C ASN B 3171 -53.47 -26.53 -17.79
N VAL B 3172 -52.86 -25.54 -18.44
CA VAL B 3172 -53.34 -24.17 -18.28
C VAL B 3172 -54.73 -24.04 -18.87
N VAL B 3173 -55.48 -23.05 -18.37
CA VAL B 3173 -56.87 -22.87 -18.79
C VAL B 3173 -56.94 -22.42 -20.24
N GLY B 3174 -56.14 -21.44 -20.61
CA GLY B 3174 -56.18 -20.84 -21.94
C GLY B 3174 -55.06 -21.34 -22.83
N SER B 3175 -54.38 -20.40 -23.48
CA SER B 3175 -53.28 -20.75 -24.37
C SER B 3175 -52.16 -21.41 -23.60
N TYR B 3176 -51.60 -22.47 -24.18
CA TYR B 3176 -50.62 -23.29 -23.48
C TYR B 3176 -49.36 -22.50 -23.17
N ILE B 3177 -48.72 -22.85 -22.06
CA ILE B 3177 -47.54 -22.15 -21.57
C ILE B 3177 -46.41 -23.14 -21.35
N CYS B 3178 -46.37 -24.18 -22.19
CA CYS B 3178 -45.46 -25.31 -22.05
C CYS B 3178 -44.03 -24.92 -21.71
N LYS B 3179 -43.53 -25.43 -20.58
CA LYS B 3179 -42.13 -25.28 -20.22
C LYS B 3179 -41.30 -26.38 -20.87
N CYS B 3180 -39.98 -26.25 -20.76
CA CYS B 3180 -39.09 -27.27 -21.26
C CYS B 3180 -38.41 -28.02 -20.11
N ALA B 3181 -37.80 -29.14 -20.42
CA ALA B 3181 -37.14 -29.98 -19.44
C ALA B 3181 -35.85 -29.33 -18.96
N PRO B 3182 -35.31 -29.77 -17.83
CA PRO B 3182 -34.04 -29.21 -17.36
C PRO B 3182 -32.91 -29.49 -18.35
N GLY B 3183 -31.94 -28.58 -18.38
CA GLY B 3183 -30.84 -28.67 -19.31
C GLY B 3183 -31.11 -28.09 -20.67
N TYR B 3184 -32.22 -27.39 -20.85
CA TYR B 3184 -32.58 -26.77 -22.11
C TYR B 3184 -32.92 -25.31 -21.88
N ILE B 3185 -32.88 -24.52 -22.95
CA ILE B 3185 -33.19 -23.10 -22.90
C ILE B 3185 -34.49 -22.87 -23.67
N ARG B 3186 -35.50 -22.36 -22.98
CA ARG B 3186 -36.77 -22.04 -23.63
C ARG B 3186 -36.56 -20.87 -24.56
N GLU B 3187 -36.81 -21.08 -25.86
CA GLU B 3187 -36.55 -20.08 -26.86
C GLU B 3187 -37.53 -18.92 -26.74
N PRO B 3188 -37.18 -17.74 -27.28
CA PRO B 3188 -38.04 -16.57 -27.09
C PRO B 3188 -39.45 -16.72 -27.64
N ASP B 3189 -39.68 -17.66 -28.56
CA ASP B 3189 -41.02 -17.90 -29.05
C ASP B 3189 -41.95 -18.43 -27.96
N GLY B 3190 -41.40 -19.02 -26.90
CA GLY B 3190 -42.23 -19.65 -25.90
C GLY B 3190 -42.84 -20.95 -26.34
N LYS B 3191 -42.38 -21.51 -27.45
CA LYS B 3191 -42.91 -22.75 -28.01
C LYS B 3191 -41.87 -23.83 -28.18
N SER B 3192 -40.59 -23.47 -28.28
CA SER B 3192 -39.53 -24.44 -28.52
C SER B 3192 -38.39 -24.18 -27.54
N CYS B 3193 -37.50 -25.18 -27.42
CA CYS B 3193 -36.36 -25.05 -26.54
C CYS B 3193 -35.14 -25.71 -27.17
N ARG B 3194 -33.97 -25.29 -26.71
CA ARG B 3194 -32.69 -25.68 -27.28
C ARG B 3194 -31.79 -26.24 -26.18
N GLN B 3195 -30.98 -27.23 -26.52
CA GLN B 3195 -30.08 -27.84 -25.55
C GLN B 3195 -29.04 -26.83 -25.09
N ASN B 3196 -28.73 -26.85 -23.80
CA ASN B 3196 -27.90 -25.82 -23.17
C ASN B 3196 -26.46 -26.26 -22.95
N SER B 3197 -26.14 -27.54 -23.15
CA SER B 3197 -24.80 -28.02 -22.86
C SER B 3197 -23.81 -27.61 -23.94
N ASN B 3198 -22.57 -27.40 -23.52
CA ASN B 3198 -21.47 -27.24 -24.47
C ASN B 3198 -21.27 -28.49 -25.30
N ILE B 3199 -21.36 -29.68 -24.67
CA ILE B 3199 -21.12 -30.92 -25.38
C ILE B 3199 -22.13 -31.09 -26.51
N GLU B 3200 -21.71 -31.81 -27.55
CA GLU B 3200 -22.53 -32.02 -28.72
C GLU B 3200 -23.49 -33.18 -28.49
N PRO B 3201 -24.61 -33.22 -29.23
CA PRO B 3201 -25.56 -34.34 -29.09
C PRO B 3201 -24.97 -35.67 -29.51
N ASP C 2717 -46.43 22.64 -22.81
CA ASP C 2717 -45.25 23.31 -22.28
C ASP C 2717 -45.16 24.76 -22.74
N TRP C 2718 -45.66 25.02 -23.96
CA TRP C 2718 -45.55 26.35 -24.55
C TRP C 2718 -46.41 27.40 -23.85
N LYS C 2719 -47.15 27.01 -22.81
CA LYS C 2719 -48.00 27.95 -22.10
C LYS C 2719 -47.16 28.98 -21.36
N CYS C 2720 -47.62 30.23 -21.40
CA CYS C 2720 -47.02 31.33 -20.65
C CYS C 2720 -45.52 31.45 -20.92
N ASP C 2721 -45.18 31.77 -22.16
CA ASP C 2721 -43.77 31.99 -22.51
C ASP C 2721 -43.56 33.18 -23.44
N ASN C 2722 -44.47 34.16 -23.44
CA ASN C 2722 -44.46 35.33 -24.29
C ASN C 2722 -44.58 34.99 -25.78
N ASP C 2723 -44.93 33.76 -26.14
CA ASP C 2723 -45.08 33.37 -27.52
C ASP C 2723 -46.52 32.97 -27.79
N ASN C 2724 -47.11 33.55 -28.83
CA ASN C 2724 -48.47 33.22 -29.24
C ASN C 2724 -48.49 31.90 -30.00
N ASP C 2725 -48.19 30.83 -29.27
CA ASP C 2725 -48.09 29.51 -29.87
C ASP C 2725 -49.44 29.00 -30.35
N CYS C 2726 -50.52 29.42 -29.71
CA CYS C 2726 -51.86 29.01 -30.11
C CYS C 2726 -52.53 29.96 -31.09
N GLY C 2727 -51.85 31.04 -31.48
CA GLY C 2727 -52.40 31.95 -32.46
C GLY C 2727 -53.37 32.96 -31.88
N ASP C 2728 -54.34 32.47 -31.11
CA ASP C 2728 -55.37 33.33 -30.52
C ASP C 2728 -54.93 33.93 -29.19
N GLY C 2729 -53.71 33.62 -28.73
CA GLY C 2729 -53.22 34.11 -27.47
C GLY C 2729 -53.76 33.40 -26.25
N SER C 2730 -54.56 32.34 -26.44
CA SER C 2730 -55.14 31.63 -25.29
C SER C 2730 -54.06 31.05 -24.39
N ASP C 2731 -52.93 30.64 -24.95
CA ASP C 2731 -51.82 30.11 -24.17
C ASP C 2731 -50.90 31.22 -23.66
N GLU C 2732 -51.21 32.48 -23.94
CA GLU C 2732 -50.35 33.57 -23.49
C GLU C 2732 -51.10 34.64 -22.70
N LEU C 2733 -52.37 34.42 -22.37
CA LEU C 2733 -53.09 35.40 -21.59
C LEU C 2733 -52.63 35.38 -20.14
N PRO C 2734 -52.70 36.53 -19.46
CA PRO C 2734 -52.33 36.55 -18.04
C PRO C 2734 -53.30 35.82 -17.14
N THR C 2735 -54.52 35.55 -17.61
CA THR C 2735 -55.52 34.93 -16.75
C THR C 2735 -55.16 33.49 -16.39
N VAL C 2736 -54.41 32.80 -17.26
CA VAL C 2736 -54.00 31.44 -16.94
C VAL C 2736 -52.67 31.44 -16.20
N CYS C 2737 -51.80 32.39 -16.51
CA CYS C 2737 -50.51 32.49 -15.84
C CYS C 2737 -50.64 32.92 -14.39
N ALA C 2738 -51.84 33.30 -13.93
CA ALA C 2738 -52.03 33.64 -12.53
C ALA C 2738 -51.91 32.41 -11.63
N PHE C 2739 -52.14 31.22 -12.18
CA PHE C 2739 -52.05 29.99 -11.41
C PHE C 2739 -51.07 28.97 -11.97
N HIS C 2740 -50.61 29.13 -13.20
CA HIS C 2740 -49.65 28.20 -13.78
C HIS C 2740 -48.28 28.39 -13.14
N THR C 2741 -47.56 27.30 -12.96
CA THR C 2741 -46.20 27.32 -12.42
C THR C 2741 -45.27 26.85 -13.53
N CYS C 2742 -44.08 27.42 -13.61
CA CYS C 2742 -43.12 26.92 -14.57
C CYS C 2742 -42.66 25.51 -14.22
N ARG C 2743 -42.19 24.79 -15.23
CA ARG C 2743 -41.65 23.47 -15.01
C ARG C 2743 -40.40 23.56 -14.13
N SER C 2744 -40.13 22.50 -13.39
CA SER C 2744 -38.97 22.52 -12.49
C SER C 2744 -37.68 22.71 -13.26
N THR C 2745 -37.64 22.34 -14.53
CA THR C 2745 -36.46 22.50 -15.36
C THR C 2745 -36.45 23.80 -16.14
N ALA C 2746 -37.41 24.69 -15.91
CA ALA C 2746 -37.51 25.92 -16.69
C ALA C 2746 -37.11 27.12 -15.84
N PHE C 2747 -36.55 28.12 -16.52
CA PHE C 2747 -36.29 29.41 -15.89
C PHE C 2747 -37.58 30.20 -15.78
N THR C 2748 -37.72 30.93 -14.69
CA THR C 2748 -38.92 31.72 -14.43
C THR C 2748 -38.58 33.20 -14.49
N CYS C 2749 -39.40 33.96 -15.22
CA CYS C 2749 -39.18 35.38 -15.38
C CYS C 2749 -39.66 36.15 -14.15
N GLY C 2750 -39.22 37.40 -14.05
CA GLY C 2750 -39.68 38.24 -12.95
C GLY C 2750 -41.18 38.45 -12.97
N ASN C 2751 -41.76 38.58 -14.17
CA ASN C 2751 -43.19 38.69 -14.29
C ASN C 2751 -43.92 37.37 -14.04
N GLY C 2752 -43.26 36.25 -14.30
CA GLY C 2752 -43.84 34.94 -14.07
C GLY C 2752 -43.87 34.03 -15.27
N ARG C 2753 -43.51 34.52 -16.46
CA ARG C 2753 -43.51 33.67 -17.63
C ARG C 2753 -42.41 32.62 -17.53
N CYS C 2754 -42.57 31.55 -18.30
CA CYS C 2754 -41.72 30.37 -18.19
C CYS C 2754 -40.92 30.20 -19.47
N VAL C 2755 -39.62 30.01 -19.34
CA VAL C 2755 -38.70 29.99 -20.47
C VAL C 2755 -37.78 28.79 -20.38
N PRO C 2756 -37.48 28.10 -21.47
CA PRO C 2756 -36.47 27.04 -21.42
C PRO C 2756 -35.14 27.58 -20.94
N TYR C 2757 -34.42 26.78 -20.16
CA TYR C 2757 -33.25 27.31 -19.47
C TYR C 2757 -32.08 27.60 -20.40
N HIS C 2758 -32.08 27.08 -21.62
CA HIS C 2758 -31.01 27.45 -22.54
C HIS C 2758 -31.17 28.87 -23.07
N TYR C 2759 -32.29 29.53 -22.80
CA TYR C 2759 -32.44 30.94 -23.17
C TYR C 2759 -31.90 31.89 -22.12
N ARG C 2760 -31.41 31.36 -20.99
CA ARG C 2760 -30.85 32.21 -19.95
C ARG C 2760 -29.49 32.73 -20.38
N CYS C 2761 -29.41 34.05 -20.59
CA CYS C 2761 -28.18 34.73 -21.00
C CYS C 2761 -27.66 34.18 -22.33
N ASP C 2762 -28.51 34.22 -23.35
CA ASP C 2762 -28.12 33.82 -24.69
C ASP C 2762 -28.28 34.93 -25.72
N TYR C 2763 -28.19 36.20 -25.30
CA TYR C 2763 -28.24 37.35 -26.20
C TYR C 2763 -29.57 37.47 -26.92
N TYR C 2764 -30.65 37.06 -26.26
CA TYR C 2764 -32.00 37.28 -26.76
C TYR C 2764 -32.91 37.64 -25.60
N ASN C 2765 -33.83 38.57 -25.84
CA ASN C 2765 -34.90 38.82 -24.89
C ASN C 2765 -36.00 37.80 -25.08
N ASP C 2766 -36.30 37.05 -24.04
CA ASP C 2766 -37.36 36.05 -24.06
C ASP C 2766 -38.38 36.23 -22.96
N CYS C 2767 -38.00 36.85 -21.84
CA CYS C 2767 -38.91 37.03 -20.72
C CYS C 2767 -39.77 38.28 -20.86
N GLY C 2768 -39.56 39.07 -21.89
CA GLY C 2768 -40.27 40.33 -22.05
C GLY C 2768 -39.57 41.48 -21.35
N ASP C 2769 -39.28 41.31 -20.06
CA ASP C 2769 -38.51 42.31 -19.33
C ASP C 2769 -37.03 42.21 -19.60
N ASN C 2770 -36.61 41.23 -20.41
CA ASN C 2770 -35.21 40.85 -20.57
C ASN C 2770 -34.60 40.36 -19.26
N SER C 2771 -35.46 40.00 -18.29
CA SER C 2771 -35.00 39.48 -17.01
C SER C 2771 -34.30 38.13 -17.15
N ASP C 2772 -34.50 37.42 -18.25
CA ASP C 2772 -33.73 36.21 -18.48
C ASP C 2772 -32.26 36.49 -18.78
N GLU C 2773 -31.92 37.74 -19.12
CA GLU C 2773 -30.54 38.12 -19.34
C GLU C 2773 -30.08 39.20 -18.37
N ALA C 2774 -30.79 39.42 -17.27
CA ALA C 2774 -30.34 40.34 -16.25
C ALA C 2774 -29.37 39.66 -15.30
N GLY C 2775 -28.32 40.39 -14.92
CA GLY C 2775 -27.33 39.89 -13.99
C GLY C 2775 -26.29 38.96 -14.58
N CYS C 2776 -26.33 38.69 -15.88
CA CYS C 2776 -25.36 37.79 -16.49
C CYS C 2776 -24.00 38.48 -16.63
N LEU C 2777 -22.96 37.66 -16.71
CA LEU C 2777 -21.61 38.13 -17.02
C LEU C 2777 -21.20 37.57 -18.37
N PHE C 2778 -20.76 38.45 -19.26
CA PHE C 2778 -20.36 38.06 -20.60
C PHE C 2778 -18.89 38.42 -20.82
N ARG C 2779 -18.21 37.59 -21.61
CA ARG C 2779 -16.79 37.76 -21.84
C ARG C 2779 -16.55 38.92 -22.81
N ASN C 2780 -15.83 39.95 -22.34
CA ASN C 2780 -15.39 41.01 -23.23
C ASN C 2780 -14.25 40.51 -24.10
N CYS C 2781 -14.40 40.64 -25.41
CA CYS C 2781 -13.50 40.01 -26.35
C CYS C 2781 -12.39 40.97 -26.77
N ASN C 2782 -11.58 40.52 -27.73
CA ASN C 2782 -10.38 41.26 -28.11
C ASN C 2782 -10.70 42.37 -29.10
N SER C 2783 -9.94 43.44 -29.03
CA SER C 2783 -10.16 44.60 -29.90
C SER C 2783 -9.77 44.29 -31.34
N THR C 2784 -9.18 43.10 -31.56
CA THR C 2784 -8.77 42.73 -32.90
C THR C 2784 -9.97 42.60 -33.83
N THR C 2785 -10.97 41.81 -33.44
CA THR C 2785 -12.12 41.56 -34.29
C THR C 2785 -13.45 41.49 -33.54
N GLU C 2786 -13.71 42.43 -32.63
CA GLU C 2786 -14.97 42.39 -31.89
C GLU C 2786 -15.69 43.73 -31.96
N PHE C 2787 -16.99 43.66 -32.16
CA PHE C 2787 -17.89 44.80 -31.96
C PHE C 2787 -18.93 44.40 -30.92
N THR C 2788 -18.94 45.10 -29.80
CA THR C 2788 -19.84 44.78 -28.68
C THR C 2788 -21.03 45.73 -28.73
N CYS C 2789 -22.17 45.15 -29.08
CA CYS C 2789 -23.44 45.84 -29.14
C CYS C 2789 -24.16 45.78 -27.80
N SER C 2790 -25.33 46.41 -27.72
CA SER C 2790 -25.87 46.84 -26.42
C SER C 2790 -26.14 45.66 -25.50
N ASN C 2791 -26.74 44.58 -26.02
CA ASN C 2791 -26.96 43.41 -25.17
C ASN C 2791 -25.67 42.70 -24.80
N GLY C 2792 -24.57 43.04 -25.47
CA GLY C 2792 -23.32 42.33 -25.26
C GLY C 2792 -23.17 41.21 -26.27
N ARG C 2793 -22.09 41.24 -27.05
CA ARG C 2793 -21.84 40.25 -28.09
C ARG C 2793 -20.40 40.42 -28.55
N CYS C 2794 -19.99 39.55 -29.47
CA CYS C 2794 -18.66 39.62 -30.05
C CYS C 2794 -18.75 39.17 -31.50
N ILE C 2795 -18.70 40.13 -32.43
CA ILE C 2795 -18.74 39.83 -33.86
C ILE C 2795 -17.69 40.66 -34.58
N PRO C 2796 -17.19 40.17 -35.72
CA PRO C 2796 -16.07 40.84 -36.38
C PRO C 2796 -16.40 42.25 -36.85
N LEU C 2797 -15.38 43.12 -36.85
CA LEU C 2797 -15.53 44.45 -37.41
C LEU C 2797 -15.89 44.40 -38.89
N SER C 2798 -15.47 43.34 -39.60
CA SER C 2798 -15.85 43.21 -41.00
C SER C 2798 -17.33 42.91 -41.14
N TYR C 2799 -17.91 42.22 -40.16
CA TYR C 2799 -19.30 41.78 -40.27
C TYR C 2799 -20.28 42.94 -40.15
N VAL C 2800 -19.91 44.02 -39.45
CA VAL C 2800 -20.85 45.12 -39.30
C VAL C 2800 -21.01 45.84 -40.65
N CYS C 2801 -22.09 46.61 -40.75
CA CYS C 2801 -22.36 47.49 -41.89
C CYS C 2801 -22.54 46.73 -43.20
N ASN C 2802 -22.94 45.45 -43.13
CA ASN C 2802 -23.12 44.61 -44.31
C ASN C 2802 -24.57 44.10 -44.36
N GLY C 2803 -24.84 43.16 -45.25
CA GLY C 2803 -26.20 42.68 -45.47
C GLY C 2803 -26.74 41.70 -44.45
N ILE C 2804 -25.94 41.26 -43.48
CA ILE C 2804 -26.36 40.26 -42.51
C ILE C 2804 -26.25 40.88 -41.12
N ASN C 2805 -27.34 40.75 -40.35
CA ASN C 2805 -27.40 41.26 -38.98
C ASN C 2805 -26.61 40.34 -38.05
N ASN C 2806 -25.40 40.76 -37.67
CA ASN C 2806 -24.53 39.92 -36.86
C ASN C 2806 -24.66 40.24 -35.36
N CYS C 2807 -24.58 41.53 -35.00
CA CYS C 2807 -25.16 41.97 -33.73
C CYS C 2807 -26.67 42.05 -33.75
N HIS C 2808 -27.31 40.89 -33.57
CA HIS C 2808 -28.74 40.84 -33.29
C HIS C 2808 -28.95 41.40 -31.89
N ASP C 2809 -29.50 42.61 -31.82
CA ASP C 2809 -29.62 43.37 -30.57
C ASP C 2809 -31.08 43.71 -30.43
N ASN C 2810 -31.46 44.50 -29.40
CA ASN C 2810 -32.66 45.31 -29.59
C ASN C 2810 -32.68 45.96 -30.95
N ASP C 2811 -31.81 46.91 -31.18
CA ASP C 2811 -32.10 47.85 -32.25
C ASP C 2811 -30.88 47.80 -33.15
N THR C 2812 -30.85 46.76 -33.99
CA THR C 2812 -30.10 46.71 -35.23
C THR C 2812 -28.71 47.32 -35.12
N SER C 2813 -28.06 47.19 -33.96
CA SER C 2813 -26.78 47.86 -33.75
C SER C 2813 -25.71 47.36 -34.70
N ASP C 2814 -25.91 46.20 -35.33
CA ASP C 2814 -24.92 45.66 -36.24
C ASP C 2814 -24.73 46.56 -37.46
N GLU C 2815 -25.84 47.04 -38.04
CA GLU C 2815 -25.77 47.93 -39.19
C GLU C 2815 -26.20 49.35 -38.91
N LYS C 2816 -26.82 49.62 -37.76
CA LYS C 2816 -27.18 50.99 -37.41
C LYS C 2816 -25.93 51.84 -37.17
N ASN C 2817 -24.77 51.20 -36.97
CA ASN C 2817 -23.52 51.93 -36.86
C ASN C 2817 -23.14 52.63 -38.17
N CYS C 2818 -23.94 52.48 -39.22
CA CYS C 2818 -23.74 53.18 -40.50
C CYS C 2818 -25.04 53.89 -40.85
N PRO C 2819 -25.36 55.00 -40.20
CA PRO C 2819 -26.61 55.71 -40.51
C PRO C 2819 -26.60 56.31 -41.92
N PRO C 2820 -25.62 57.13 -42.29
CA PRO C 2820 -25.72 57.86 -43.57
C PRO C 2820 -25.11 57.16 -44.77
N HIS C 2821 -24.83 55.86 -44.70
CA HIS C 2821 -24.17 55.18 -45.81
C HIS C 2821 -25.14 55.01 -46.99
N THR C 2822 -24.61 54.50 -48.10
CA THR C 2822 -25.36 54.37 -49.34
C THR C 2822 -25.39 52.92 -49.81
N CYS C 2823 -26.59 52.38 -49.96
CA CYS C 2823 -26.84 51.20 -50.77
C CYS C 2823 -27.81 51.56 -51.88
N PRO C 2824 -27.50 51.25 -53.14
CA PRO C 2824 -28.30 51.75 -54.26
C PRO C 2824 -29.69 51.13 -54.27
N PRO C 2825 -30.66 51.79 -54.92
CA PRO C 2825 -32.00 51.20 -55.03
C PRO C 2825 -31.99 49.93 -55.87
N ASP C 2826 -33.04 49.12 -55.67
CA ASP C 2826 -33.21 47.77 -56.21
C ASP C 2826 -32.24 46.84 -55.49
N PHE C 2827 -31.38 47.42 -54.65
CA PHE C 2827 -30.53 46.72 -53.71
C PHE C 2827 -30.70 47.48 -52.40
N THR C 2828 -31.92 47.97 -52.20
CA THR C 2828 -32.17 49.07 -51.27
C THR C 2828 -31.90 48.66 -49.84
N LYS C 2829 -31.40 49.62 -49.07
CA LYS C 2829 -31.33 49.45 -47.63
C LYS C 2829 -32.74 49.35 -47.06
N CYS C 2830 -32.86 48.66 -45.94
CA CYS C 2830 -34.07 48.74 -45.14
C CYS C 2830 -34.23 50.16 -44.61
N GLN C 2831 -35.41 50.74 -44.80
CA GLN C 2831 -35.59 52.17 -44.60
C GLN C 2831 -35.04 52.62 -43.25
N THR C 2832 -34.10 53.57 -43.29
CA THR C 2832 -33.36 54.09 -42.14
C THR C 2832 -32.49 53.05 -41.46
N THR C 2833 -31.99 52.05 -42.19
CA THR C 2833 -31.05 51.07 -41.65
C THR C 2833 -30.24 50.49 -42.81
N ASN C 2834 -28.93 50.64 -42.76
CA ASN C 2834 -28.06 50.24 -43.87
C ASN C 2834 -27.85 48.72 -43.90
N ILE C 2835 -28.95 48.00 -44.00
CA ILE C 2835 -28.94 46.58 -44.35
C ILE C 2835 -29.61 46.47 -45.71
N CYS C 2836 -28.90 45.88 -46.66
CA CYS C 2836 -29.21 46.04 -48.08
C CYS C 2836 -29.94 44.80 -48.57
N VAL C 2837 -31.16 45.00 -49.08
CA VAL C 2837 -32.11 43.92 -49.34
C VAL C 2837 -32.82 44.28 -50.65
N PRO C 2838 -33.39 43.34 -51.40
CA PRO C 2838 -34.03 43.71 -52.67
C PRO C 2838 -35.38 44.36 -52.44
N ARG C 2839 -36.02 44.70 -53.56
CA ARG C 2839 -37.25 45.50 -53.54
C ARG C 2839 -38.42 44.76 -52.92
N ALA C 2840 -38.48 43.44 -53.02
CA ALA C 2840 -39.64 42.66 -52.55
C ALA C 2840 -39.22 41.46 -51.70
N PHE C 2841 -38.99 41.72 -50.40
CA PHE C 2841 -39.02 40.70 -49.34
C PHE C 2841 -39.97 41.16 -48.24
N LEU C 2842 -41.11 41.72 -48.63
CA LEU C 2842 -41.94 42.51 -47.72
C LEU C 2842 -43.37 42.00 -47.74
N CYS C 2843 -44.07 42.21 -46.63
CA CYS C 2843 -45.40 41.63 -46.39
C CYS C 2843 -45.37 40.11 -46.52
N ASP C 2844 -44.32 39.49 -46.00
CA ASP C 2844 -44.13 38.04 -46.14
C ASP C 2844 -43.87 37.30 -44.84
N GLY C 2845 -43.52 37.98 -43.76
CA GLY C 2845 -43.30 37.29 -42.50
C GLY C 2845 -41.87 36.88 -42.21
N ASP C 2846 -40.97 37.03 -43.18
CA ASP C 2846 -39.55 36.81 -42.90
C ASP C 2846 -38.96 38.06 -42.27
N ASN C 2847 -38.10 37.84 -41.27
CA ASN C 2847 -37.49 38.95 -40.53
C ASN C 2847 -36.35 39.56 -41.35
N ASP C 2848 -36.75 40.20 -42.46
CA ASP C 2848 -35.78 40.78 -43.38
C ASP C 2848 -35.25 42.13 -42.91
N CYS C 2849 -35.71 42.65 -41.78
CA CYS C 2849 -35.12 43.83 -41.19
C CYS C 2849 -35.53 43.93 -39.72
N GLY C 2850 -34.60 44.41 -38.90
CA GLY C 2850 -34.87 44.71 -37.50
C GLY C 2850 -35.30 46.13 -37.24
N ASP C 2851 -35.73 46.84 -38.29
CA ASP C 2851 -36.09 48.25 -38.19
C ASP C 2851 -36.98 48.58 -39.38
N GLY C 2852 -37.59 49.76 -39.32
CA GLY C 2852 -38.26 50.35 -40.47
C GLY C 2852 -39.18 49.45 -41.27
N SER C 2853 -38.81 49.19 -42.52
CA SER C 2853 -39.66 48.48 -43.48
C SER C 2853 -39.23 47.02 -43.57
N ASP C 2854 -39.74 46.20 -42.66
CA ASP C 2854 -39.77 44.76 -42.86
C ASP C 2854 -41.10 44.31 -43.44
N GLU C 2855 -42.19 44.96 -43.02
CA GLU C 2855 -43.49 44.76 -43.65
C GLU C 2855 -44.11 46.05 -44.16
N ASN C 2856 -43.38 47.17 -44.17
CA ASN C 2856 -43.63 48.34 -45.01
C ASN C 2856 -45.00 49.00 -44.90
N PRO C 2857 -45.19 49.91 -43.95
CA PRO C 2857 -46.46 50.65 -43.83
C PRO C 2857 -46.90 51.45 -45.06
N ILE C 2858 -46.20 51.46 -46.18
CA ILE C 2858 -46.70 52.20 -47.34
C ILE C 2858 -46.92 51.32 -48.58
N TYR C 2859 -45.91 50.57 -49.01
CA TYR C 2859 -45.99 49.80 -50.24
C TYR C 2859 -45.85 48.30 -49.96
N CYS C 2860 -46.45 47.48 -50.82
CA CYS C 2860 -46.32 46.03 -50.75
C CYS C 2860 -46.88 45.43 -52.05
N ALA C 2861 -46.85 44.10 -52.14
CA ALA C 2861 -47.56 43.34 -53.18
C ALA C 2861 -47.02 43.60 -54.58
N SER C 2862 -45.76 44.05 -54.66
CA SER C 2862 -44.98 44.18 -55.88
C SER C 2862 -45.43 45.32 -56.78
N HIS C 2863 -46.63 45.87 -56.54
CA HIS C 2863 -46.96 47.26 -56.82
C HIS C 2863 -46.88 47.65 -58.30
N THR C 2864 -46.37 46.76 -59.15
CA THR C 2864 -45.94 47.07 -60.53
C THR C 2864 -45.66 48.56 -60.79
N UNK D 1 2.17 -11.54 20.49
CA UNK D 1 3.57 -11.43 20.10
C UNK D 1 4.28 -10.35 20.91
N UNK D 2 5.53 -10.63 21.27
CA UNK D 2 6.34 -9.66 22.01
C UNK D 2 7.36 -8.96 21.14
N UNK D 3 7.60 -9.44 19.92
CA UNK D 3 8.47 -8.70 19.00
C UNK D 3 7.86 -7.36 18.64
N UNK D 4 6.53 -7.25 18.71
CA UNK D 4 5.87 -5.97 18.54
C UNK D 4 6.11 -5.07 19.75
N UNK D 5 6.07 -3.76 19.52
CA UNK D 5 6.46 -2.80 20.54
C UNK D 5 5.37 -2.56 21.56
N UNK D 6 4.22 -2.06 21.12
CA UNK D 6 3.12 -1.73 22.03
C UNK D 6 2.20 -2.92 22.23
N UNK E 1 -21.61 -13.47 5.93
CA UNK E 1 -22.67 -12.70 5.29
C UNK E 1 -22.07 -11.59 4.44
N ASN E 2 -22.84 -10.53 4.21
CA ASN E 2 -22.39 -9.40 3.41
C ASN E 2 -22.22 -8.13 4.22
N UNK E 3 -22.46 -8.17 5.52
CA UNK E 3 -22.32 -6.99 6.35
C UNK E 3 -20.87 -6.56 6.45
N UNK E 4 -20.65 -5.27 6.68
CA UNK E 4 -19.31 -4.70 6.72
C UNK E 4 -18.71 -4.93 8.10
N UNK E 5 -18.11 -6.10 8.31
CA UNK E 5 -17.43 -6.46 9.55
C UNK E 5 -18.19 -6.06 10.81
C1 NAG F . 0.80 19.11 13.39
C2 NAG F . -0.36 19.60 14.25
C3 NAG F . -0.88 20.93 13.71
C4 NAG F . 0.21 21.99 13.77
C5 NAG F . 1.47 21.50 13.10
C6 NAG F . 2.65 22.33 13.54
C7 NAG F . -1.44 17.66 15.22
C8 NAG F . -2.46 16.58 14.98
N2 NAG F . -1.42 18.62 14.31
O3 NAG F . -2.01 21.33 14.50
O4 NAG F . -0.16 23.16 13.02
O5 NAG F . 1.81 20.13 13.36
O6 NAG F . 3.73 22.10 12.59
O7 NAG F . -0.69 17.64 16.18
C1 NAG F . -0.84 24.11 13.86
C2 NAG F . -0.57 25.55 13.40
C3 NAG F . -1.37 26.51 14.25
C4 NAG F . -2.84 26.15 14.17
C5 NAG F . -3.06 24.71 14.59
C6 NAG F . -4.51 24.28 14.39
C7 NAG F . 1.61 25.91 12.40
C8 NAG F . 3.09 26.03 12.64
N2 NAG F . 0.85 25.85 13.49
O3 NAG F . -1.18 27.85 13.80
O4 NAG F . -3.60 27.01 15.02
O5 NAG F . -2.24 23.84 13.81
O6 NAG F . -4.69 22.96 14.92
O7 NAG F . 1.14 25.86 11.28
C1 NAG G . 34.26 17.61 8.59
C2 NAG G . 35.00 17.29 9.89
C3 NAG G . 34.81 18.39 10.91
C4 NAG G . 35.20 19.75 10.34
C5 NAG G . 34.48 19.98 9.02
C6 NAG G . 35.00 21.25 8.36
C7 NAG G . 35.12 14.89 10.11
C8 NAG G . 34.76 13.71 10.96
N2 NAG G . 34.53 16.03 10.42
O3 NAG G . 35.65 18.09 12.03
O4 NAG G . 34.80 20.78 11.24
O5 NAG G . 34.68 18.89 8.12
O6 NAG G . 34.34 21.44 7.10
O7 NAG G . 35.91 14.80 9.18
C1 NAG G . 35.93 21.24 12.02
C2 NAG G . 35.80 22.73 12.28
C3 NAG G . 36.91 23.24 13.19
C4 NAG G . 36.99 22.40 14.46
C5 NAG G . 37.11 20.93 14.09
C6 NAG G . 37.14 20.04 15.33
C7 NAG G . 35.03 24.50 10.80
C8 NAG G . 35.41 25.36 9.63
N2 NAG G . 35.83 23.46 11.03
O3 NAG G . 36.68 24.61 13.54
O4 NAG G . 38.15 22.79 15.21
O5 NAG G . 36.01 20.54 13.26
O6 NAG G . 37.35 18.69 14.93
O7 NAG G . 34.06 24.73 11.49
C1 BMA G . 37.77 23.38 16.46
C2 BMA G . 39.03 23.50 17.34
C3 BMA G . 38.79 24.28 18.61
C4 BMA G . 38.14 25.61 18.26
C5 BMA G . 36.86 25.36 17.48
C6 BMA G . 36.15 26.66 17.15
O2 BMA G . 40.06 24.14 16.58
O3 BMA G . 40.05 24.50 19.26
O4 BMA G . 37.84 26.35 19.46
O5 BMA G . 37.16 24.66 16.27
O6 BMA G . 34.99 26.36 16.36
C1 MAN G . 39.97 24.14 20.64
C2 MAN G . 41.14 24.80 21.38
C3 MAN G . 42.46 24.27 20.85
C4 MAN G . 42.49 22.76 20.94
C5 MAN G . 41.26 22.15 20.29
C6 MAN G . 41.23 20.64 20.51
O2 MAN G . 41.05 24.52 22.77
O3 MAN G . 43.53 24.83 21.63
O4 MAN G . 43.67 22.25 20.29
O5 MAN G . 40.07 22.72 20.84
O6 MAN G . 40.07 20.09 19.89
C1 MAN G . 34.17 27.55 16.26
C2 MAN G . 32.69 27.13 16.31
C3 MAN G . 32.29 26.39 15.04
C4 MAN G . 32.69 27.18 13.80
C5 MAN G . 34.18 27.50 13.87
C6 MAN G . 34.64 28.25 12.64
O2 MAN G . 31.88 28.29 16.47
O3 MAN G . 30.87 26.20 15.04
O4 MAN G . 32.42 26.42 12.62
O5 MAN G . 34.44 28.27 15.05
O6 MAN G . 36.07 28.42 12.65
C1 NAG H . -38.68 -5.09 -11.90
C2 NAG H . -39.88 -4.42 -11.23
C3 NAG H . -40.96 -4.06 -12.24
C4 NAG H . -40.40 -3.29 -13.43
C5 NAG H . -39.14 -3.97 -13.95
C6 NAG H . -38.45 -3.11 -15.01
C7 NAG H . -39.96 -5.40 -8.99
C8 NAG H . -40.51 -6.51 -8.16
N2 NAG H . -40.45 -5.31 -10.22
O3 NAG H . -41.94 -3.27 -11.57
O4 NAG H . -41.40 -3.31 -14.47
O5 NAG H . -38.20 -4.21 -12.91
O6 NAG H . -37.37 -3.84 -15.57
O7 NAG H . -39.10 -4.63 -8.58
C1 NAG H . -41.84 -2.00 -14.87
C2 NAG H . -42.67 -2.14 -16.15
C3 NAG H . -43.41 -0.88 -16.60
C4 NAG H . -43.45 0.26 -15.59
C5 NAG H . -42.88 0.00 -14.19
C6 NAG H . -43.84 0.56 -13.16
C7 NAG H . -41.80 -4.03 -17.35
C8 NAG H . -40.49 -4.55 -17.89
N2 NAG H . -41.87 -2.71 -17.22
O3 NAG H . -44.75 -1.33 -16.83
O4 NAG H . -42.79 1.40 -16.16
O5 NAG H . -42.66 -1.38 -13.90
O6 NAG H . -43.30 1.77 -12.61
O7 NAG H . -42.72 -4.76 -17.06
C1 BMA H . -45.61 -0.62 -17.78
C2 BMA H . -46.60 0.29 -17.08
C3 BMA H . -47.79 0.47 -18.02
C4 BMA H . -47.27 1.11 -19.29
C5 BMA H . -46.15 0.25 -19.87
C6 BMA H . -45.69 0.74 -21.24
O2 BMA H . -46.03 1.58 -16.86
O3 BMA H . -48.80 1.25 -17.37
O4 BMA H . -48.35 1.22 -20.22
O5 BMA H . -45.07 0.07 -18.92
O6 BMA H . -46.71 0.36 -22.17
C1 MAN H . -49.58 0.33 -16.57
C2 MAN H . -51.06 0.71 -16.69
C3 MAN H . -51.34 2.03 -16.00
C4 MAN H . -50.82 2.02 -14.57
C5 MAN H . -49.35 1.63 -14.57
C6 MAN H . -48.81 1.57 -13.14
O2 MAN H . -51.85 -0.33 -16.10
O3 MAN H . -52.75 2.28 -15.99
O4 MAN H . -50.98 3.31 -13.98
O5 MAN H . -49.19 0.35 -15.19
O6 MAN H . -47.42 1.21 -13.16
C1 MAN H . -46.19 -0.49 -23.21
C2 MAN H . -47.35 -0.97 -24.10
C3 MAN H . -48.20 -2.04 -23.42
C4 MAN H . -47.30 -3.17 -22.94
C5 MAN H . -46.27 -2.60 -22.00
C6 MAN H . -45.36 -3.68 -21.43
O2 MAN H . -46.84 -1.50 -25.32
O3 MAN H . -49.15 -2.55 -24.35
O4 MAN H . -48.09 -4.15 -22.25
O5 MAN H . -45.47 -1.63 -22.69
O6 MAN H . -46.09 -4.47 -20.48
C1 NAG I . -21.22 25.94 35.03
C2 NAG I . -20.52 27.29 35.26
C3 NAG I . -20.43 28.16 34.01
C4 NAG I . -19.64 27.37 32.98
C5 NAG I . -20.10 25.90 32.88
C6 NAG I . -19.02 25.13 32.13
C7 NAG I . -20.59 28.99 37.02
C8 NAG I . -21.50 29.97 37.73
N2 NAG I . -21.16 27.97 36.38
O3 NAG I . -19.80 29.39 34.33
O4 NAG I . -19.92 27.93 31.68
O5 NAG I . -20.34 25.23 34.14
O6 NAG I . -17.76 25.44 32.76
O7 NAG I . -19.38 29.15 37.02
C1 NAG I . -19.29 29.20 31.43
C2 NAG I . -17.97 28.98 30.68
C3 NAG I . -17.44 30.25 30.02
C4 NAG I . -18.53 30.95 29.23
C5 NAG I . -19.72 31.24 30.14
C6 NAG I . -20.85 31.85 29.32
C7 NAG I . -16.51 28.95 32.67
C8 NAG I . -15.76 28.00 33.55
N2 NAG I . -16.93 28.43 31.52
O3 NAG I . -16.35 29.93 29.14
O4 NAG I . -18.03 32.19 28.71
O5 NAG I . -20.21 30.02 30.70
O6 NAG I . -21.99 32.06 30.17
O7 NAG I . -16.72 30.10 33.02
C1 NAG J . 50.02 -31.57 1.87
C2 NAG J . 50.75 -30.58 0.98
C3 NAG J . 50.01 -30.30 -0.31
C4 NAG J . 49.80 -31.64 -1.02
C5 NAG J . 49.02 -32.57 -0.12
C6 NAG J . 48.88 -33.93 -0.79
C7 NAG J . 52.15 -28.69 1.57
C8 NAG J . 52.22 -27.34 2.22
N2 NAG J . 50.99 -29.34 1.70
O3 NAG J . 50.77 -29.42 -1.13
O4 NAG J . 49.09 -31.44 -2.25
O5 NAG J . 49.67 -32.75 1.14
O6 NAG J . 50.18 -34.51 -0.94
O7 NAG J . 53.09 -29.19 0.96
C1 NAG K . -1.35 -37.29 15.59
C2 NAG K . -2.44 -37.62 16.61
C3 NAG K . -1.87 -38.18 17.91
C4 NAG K . -0.97 -39.36 17.64
C5 NAG K . 0.19 -38.88 16.81
C6 NAG K . 1.09 -40.06 16.42
C7 NAG K . -4.28 -36.04 16.38
C8 NAG K . -4.91 -34.81 16.97
N2 NAG K . -3.15 -36.41 16.98
O3 NAG K . -2.95 -38.59 18.77
O4 NAG K . -0.46 -39.89 18.88
O5 NAG K . -0.28 -38.26 15.61
O6 NAG K . 2.05 -39.63 15.46
O7 NAG K . -4.76 -36.65 15.45
O5 A2G L . 33.36 1.90 -13.62
C1 A2G L . 34.67 2.33 -13.25
C2 A2G L . 34.97 3.64 -12.52
N2 A2G L . 36.16 3.67 -11.70
C3 A2G L . 33.73 4.15 -11.77
O3 A2G L . 33.91 5.51 -11.44
C4 A2G L . 32.48 3.93 -12.60
O4 A2G L . 32.60 4.60 -13.85
C5 A2G L . 32.28 2.43 -12.83
C6 A2G L . 31.00 2.11 -13.56
O6 A2G L . 30.86 0.71 -13.76
C7 A2G L . 36.34 3.08 -10.50
O7 A2G L . 35.43 2.53 -9.91
C8 A2G L . 37.73 3.15 -9.95
O5 A2G M . -32.78 17.04 12.71
C1 A2G M . -32.20 18.28 13.09
C2 A2G M . -31.17 18.76 12.06
N2 A2G M . -30.56 20.03 12.37
C3 A2G M . -31.79 18.78 10.66
O3 A2G M . -30.79 19.12 9.71
C4 A2G M . -32.41 17.43 10.34
O4 A2G M . -31.38 16.44 10.32
C5 A2G M . -33.42 17.08 11.42
C6 A2G M . -34.06 15.72 11.21
O6 A2G M . -35.01 15.43 12.25
C7 A2G M . -29.64 20.19 13.32
O7 A2G M . -29.24 19.25 14.00
C8 A2G M . -29.11 21.58 13.50
O5 A2G N . -21.09 17.38 37.00
C1 A2G N . -21.13 16.88 38.33
C2 A2G N . -21.58 15.46 38.72
N2 A2G N . -20.98 14.84 39.87
C3 A2G N . -21.51 14.54 37.49
O3 A2G N . -22.24 13.34 37.74
C4 A2G N . -22.04 15.24 36.26
O4 A2G N . -23.37 15.69 36.48
C5 A2G N . -21.13 16.42 35.94
C6 A2G N . -21.54 17.17 34.69
O6 A2G N . -21.62 16.30 33.55
C7 A2G N . -21.48 13.77 40.49
O7 A2G N . -22.59 13.32 40.21
C8 A2G N . -20.62 13.15 41.55
O5 A2G O . -5.18 -19.90 45.20
C1 A2G O . -5.30 -18.56 45.65
C2 A2G O . -5.49 -18.57 47.17
N2 A2G O . -5.70 -17.25 47.75
C3 A2G O . -4.30 -19.26 47.82
O3 A2G O . -4.49 -19.31 49.23
C4 A2G O . -4.12 -20.65 47.25
O4 A2G O . -5.27 -21.44 47.59
C5 A2G O . -4.02 -20.58 45.73
C6 A2G O . -3.99 -21.95 45.08
O6 A2G O . -5.15 -22.69 45.41
C7 A2G O . -6.79 -16.52 47.54
O7 A2G O . -7.73 -16.93 46.87
C8 A2G O . -6.81 -15.16 48.19
O5 A2G P . 18.30 -27.36 34.76
C1 A2G P . 18.91 -28.59 35.10
C2 A2G P . 18.41 -29.49 36.24
N2 A2G P . 18.77 -30.88 36.02
C3 A2G P . 16.95 -29.22 36.56
O3 A2G P . 16.58 -29.83 37.79
C4 A2G P . 16.69 -27.71 36.61
O4 A2G P . 17.55 -27.11 37.58
C5 A2G P . 16.95 -27.11 35.24
C6 A2G P . 16.70 -25.62 35.15
O6 A2G P . 15.33 -25.31 35.38
C7 A2G P . 18.06 -31.91 35.53
O7 A2G P . 16.87 -31.82 35.28
C8 A2G P . 18.83 -33.16 35.29
O5 A2G Q . -19.31 -32.63 -10.90
C1 A2G Q . -18.32 -31.99 -11.69
C2 A2G Q . -17.90 -32.69 -12.98
N2 A2G Q . -17.16 -31.81 -13.85
C3 A2G Q . -19.11 -33.27 -13.71
O3 A2G Q . -18.68 -34.12 -14.76
C4 A2G Q . -20.02 -34.02 -12.74
O4 A2G Q . -19.29 -35.09 -12.15
C5 A2G Q . -20.47 -33.07 -11.64
C6 A2G Q . -21.41 -33.69 -10.65
O6 A2G Q . -21.85 -32.76 -9.67
C7 A2G Q . -15.88 -31.98 -14.14
O7 A2G Q . -15.22 -32.90 -13.65
C8 A2G Q . -15.27 -31.00 -15.10
O5 A2G R . -56.77 -19.44 4.20
C1 A2G R . -55.66 -19.98 3.52
C2 A2G R . -55.96 -20.75 2.22
N2 A2G R . -54.72 -21.13 1.56
C3 A2G R . -56.98 -19.98 1.37
O3 A2G R . -57.38 -20.77 0.26
C4 A2G R . -58.19 -19.57 2.21
O4 A2G R . -58.85 -20.73 2.70
C5 A2G R . -57.72 -18.72 3.38
C6 A2G R . -58.87 -18.32 4.29
O6 A2G R . -58.43 -17.52 5.38
C7 A2G R . -54.40 -21.26 0.27
O7 A2G R . -55.09 -20.79 -0.63
C8 A2G R . -53.15 -22.02 -0.01
O5 A2G S . 1.09 -2.60 52.77
C1 A2G S . 1.52 -2.69 51.42
C2 A2G S . 1.46 -4.19 51.11
N2 A2G S . 2.08 -4.59 49.87
C3 A2G S . 0.02 -4.67 51.19
O3 A2G S . -0.04 -6.06 50.89
C4 A2G S . -0.56 -4.38 52.56
O4 A2G S . 0.09 -5.21 53.52
C5 A2G S . -0.31 -2.92 52.94
C6 A2G S . -0.66 -2.62 54.37
O6 A2G S . -0.45 -1.24 54.68
C7 A2G S . 3.39 -4.54 49.64
O7 A2G S . 4.18 -4.16 50.51
C8 A2G S . 3.85 -4.95 48.28
CA CA T . 39.92 -13.55 -23.43
CA CA U . 27.04 -17.23 -6.26
CA CA V . 40.81 -24.48 30.35
CA CA W . 14.60 -13.99 21.90
CA CA X . -19.80 -15.64 -3.18
CA CA Y . -14.92 11.84 27.18
CA CA Z . -1.05 7.87 36.20
CA CA AA . 9.55 -15.68 29.40
CA CA BA . 7.60 -24.43 15.81
CA CA CA . -10.33 -23.04 -0.72
CA CA DA . -38.54 -16.10 -7.01
CA CA EA . -45.62 -0.10 9.65
C1 NAG FA . -6.25 38.66 -27.30
C2 NAG FA . -5.46 39.80 -26.64
C3 NAG FA . -4.45 39.31 -25.61
C4 NAG FA . -5.09 38.29 -24.68
C5 NAG FA . -5.74 37.18 -25.49
C6 NAG FA . -6.35 36.13 -24.57
C7 NAG FA . -4.66 41.91 -27.55
C8 NAG FA . -4.22 42.62 -28.80
N2 NAG FA . -4.79 40.58 -27.66
O3 NAG FA . -4.00 40.43 -24.85
O4 NAG FA . -4.08 37.73 -23.83
O5 NAG FA . -6.76 37.74 -26.33
O6 NAG FA . -6.72 34.98 -25.33
O7 NAG FA . -4.89 42.51 -26.51
C1 NAG GA . -35.58 47.07 -26.06
C2 NAG GA . -35.49 48.58 -25.80
C3 NAG GA . -36.80 49.31 -25.67
C4 NAG GA . -37.49 49.12 -27.01
C5 NAG GA . -37.82 47.63 -27.16
C6 NAG GA . -38.25 47.45 -28.61
C7 NAG GA . -33.37 49.29 -25.00
C8 NAG GA . -32.67 50.02 -23.89
N2 NAG GA . -34.57 48.81 -24.71
O3 NAG GA . -36.55 50.70 -25.47
O4 NAG GA . -38.67 49.93 -27.06
O5 NAG GA . -36.73 46.72 -26.88
O6 NAG GA . -38.68 46.11 -28.92
O7 NAG GA . -32.86 49.15 -26.10
O5 A2G HA . -47.51 24.55 -11.86
C1 A2G HA . -47.46 24.80 -10.45
C2 A2G HA . -46.87 23.85 -9.41
N2 A2G HA . -46.09 24.48 -8.38
C3 A2G HA . -46.09 22.71 -10.07
O3 A2G HA . -45.94 21.64 -9.16
C4 A2G HA . -46.78 22.26 -11.36
O4 A2G HA . -48.11 21.84 -11.10
C5 A2G HA . -46.76 23.41 -12.35
C6 A2G HA . -47.32 23.06 -13.71
O6 A2G HA . -47.11 24.13 -14.63
C7 A2G HA . -45.90 23.93 -7.17
O7 A2G HA . -46.37 22.84 -6.89
C8 A2G HA . -45.09 24.72 -6.20
CA CA IA . -46.84 30.55 -25.35
CA CA JA . -32.69 34.73 -23.73
CA CA KA . -23.65 42.99 -40.55
CA CA LA . -40.19 40.51 -44.45
#